data_3RQ1
#
_entry.id   3RQ1
#
_cell.length_a   55.991
_cell.length_b   81.057
_cell.length_c   106.395
_cell.angle_alpha   102.40
_cell.angle_beta   101.37
_cell.angle_gamma   102.95
#
_symmetry.space_group_name_H-M   'P 1'
#
loop_
_entity.id
_entity.type
_entity.pdbx_description
1 polymer 'Aminotransferase class I and II'
2 non-polymer GLYCEROL
3 non-polymer 'OXALOACETATE ION'
4 non-polymer 'CHLORIDE ION'
5 non-polymer '2-OXOGLUTARIC ACID'
6 water water
#
_entity_poly.entity_id   1
_entity_poly.type   'polypeptide(L)'
_entity_poly.pdbx_seq_one_letter_code
;SNA(MSE)TSVAAKHAKGKKLKDVIFVTAGQAQADAKENGRENVVNGTLGAIHDEEGNLVFLKTVKEEYLSLSDSEHVGY
APIAGIPDFLCAAEKECFGNFRPEGHIRSIATAGGTGGIHHLIHNYTEPGDEVLTADWYWGAYRVICSDTGRTLVTYSLF
DEHNNFNHEAFQNRVNELAAKQTNVVVIFNTPGNNPTGYSIEDKDWDSILNFLKDLVAIGRNNVIIGIDVAYLDYSGEKD
EVRAFFNKFSHLPKEILTCVCYSLSKGFT(MSE)YGQRVGA(MSE)IGISDDEEIADEFFEVNKSTSRATWSNICRPA
(MSE)RT(MSE)ANIVADPAKFKEYEAERNCYYQLIRDRADIFKQEAAQVGLP(MSE)LPYRGGFFITIPTDSANAICEE
LKKEHIYVIALANGIRIAACGIPKCQ(MSE)TGLAEKIYNA(MSE)KSLGKL
;
_entity_poly.pdbx_strand_id   A,B,C,D
#
loop_
_chem_comp.id
_chem_comp.type
_chem_comp.name
_chem_comp.formula
AKG non-polymer '2-OXOGLUTARIC ACID' 'C5 H6 O5'
CL non-polymer 'CHLORIDE ION' 'Cl -1'
GOL non-polymer GLYCEROL 'C3 H8 O3'
OAA non-polymer 'OXALOACETATE ION' 'C4 H3 O5 -1'
#
# COMPACT_ATOMS: atom_id res chain seq x y z
N THR A 5 -2.55 33.61 -47.86
CA THR A 5 -3.21 32.71 -46.91
C THR A 5 -2.31 31.57 -46.35
N SER A 6 -1.53 30.89 -47.19
CA SER A 6 -0.51 29.94 -46.66
C SER A 6 0.88 29.98 -47.32
N VAL A 7 1.91 30.34 -46.55
CA VAL A 7 3.31 30.25 -47.01
C VAL A 7 4.12 29.01 -46.54
N ALA A 8 3.59 28.30 -45.55
CA ALA A 8 4.28 27.13 -44.96
C ALA A 8 4.46 26.00 -45.97
N ALA A 9 5.45 25.14 -45.70
CA ALA A 9 5.74 24.00 -46.55
C ALA A 9 4.51 23.03 -46.69
N LYS A 10 4.37 22.36 -47.84
CA LYS A 10 3.19 21.55 -48.11
C LYS A 10 2.77 20.61 -46.97
N HIS A 11 3.72 19.89 -46.38
CA HIS A 11 3.46 18.93 -45.29
C HIS A 11 3.11 19.57 -43.94
N ALA A 12 3.41 20.85 -43.80
CA ALA A 12 3.14 21.64 -42.61
C ALA A 12 1.71 22.21 -42.59
N LYS A 13 1.17 22.59 -43.75
CA LYS A 13 -0.04 23.43 -43.71
C LYS A 13 -1.24 22.70 -43.15
N GLY A 14 -2.04 23.43 -42.40
CA GLY A 14 -3.23 22.90 -41.78
C GLY A 14 -2.93 22.51 -40.35
N LYS A 15 -1.68 22.27 -40.01
CA LYS A 15 -1.43 21.81 -38.63
C LYS A 15 -2.05 22.79 -37.62
N LYS A 16 -2.91 22.26 -36.77
CA LYS A 16 -3.39 23.02 -35.63
C LYS A 16 -3.58 22.13 -34.42
N LEU A 17 -2.88 22.39 -33.32
CA LEU A 17 -3.17 21.62 -32.11
C LEU A 17 -4.51 22.06 -31.56
N LYS A 18 -5.40 21.11 -31.24
CA LYS A 18 -6.55 21.44 -30.42
C LYS A 18 -6.13 20.93 -29.05
N ASP A 19 -5.81 21.83 -28.14
CA ASP A 19 -5.02 21.40 -27.00
C ASP A 19 -5.88 21.47 -25.74
N VAL A 20 -6.31 20.30 -25.30
CA VAL A 20 -7.32 20.23 -24.27
C VAL A 20 -6.73 20.39 -22.87
N ILE A 21 -5.58 19.74 -22.66
CA ILE A 21 -4.98 19.66 -21.35
C ILE A 21 -4.70 21.05 -20.76
N PHE A 22 -4.04 21.92 -21.51
CA PHE A 22 -3.57 23.18 -20.92
C PHE A 22 -4.67 24.26 -20.84
N VAL A 23 -5.68 24.12 -21.68
CA VAL A 23 -6.79 25.06 -21.68
C VAL A 23 -7.65 24.81 -20.42
N THR A 24 -8.03 23.54 -20.18
CA THR A 24 -8.66 23.15 -18.93
C THR A 24 -7.83 23.56 -17.69
N ALA A 25 -6.53 23.25 -17.73
CA ALA A 25 -5.62 23.50 -16.63
C ALA A 25 -5.58 25.00 -16.32
N GLY A 26 -5.51 25.85 -17.35
CA GLY A 26 -5.62 27.29 -17.17
C GLY A 26 -6.92 27.74 -16.49
N GLN A 27 -8.06 27.28 -16.99
CA GLN A 27 -9.34 27.53 -16.30
C GLN A 27 -9.29 27.17 -14.79
N ALA A 28 -8.66 26.05 -14.44
CA ALA A 28 -8.67 25.60 -13.04
C ALA A 28 -7.89 26.60 -12.23
N GLN A 29 -6.68 26.89 -12.71
CA GLN A 29 -5.78 27.80 -11.98
C GLN A 29 -6.49 29.14 -11.65
N ALA A 30 -7.17 29.71 -12.64
CA ALA A 30 -7.87 30.97 -12.46
C ALA A 30 -9.05 30.83 -11.51
N ASP A 31 -9.74 29.71 -11.58
CA ASP A 31 -10.79 29.47 -10.60
C ASP A 31 -10.16 29.48 -9.19
N ALA A 32 -9.06 28.75 -9.02
CA ALA A 32 -8.46 28.55 -7.70
C ALA A 32 -7.81 29.83 -7.18
N LYS A 33 -7.26 30.65 -8.09
CA LYS A 33 -6.61 31.91 -7.71
C LYS A 33 -7.67 32.87 -7.14
N GLU A 34 -8.77 33.02 -7.87
CA GLU A 34 -9.89 33.83 -7.43
C GLU A 34 -10.53 33.30 -6.14
N ASN A 35 -11.00 32.05 -6.20
CA ASN A 35 -11.83 31.46 -5.12
C ASN A 35 -11.14 30.60 -4.08
N GLY A 36 -9.82 30.48 -4.19
CA GLY A 36 -9.03 29.70 -3.25
C GLY A 36 -8.79 28.29 -3.76
N ARG A 37 -7.63 27.76 -3.44
CA ARG A 37 -7.19 26.47 -3.94
C ARG A 37 -8.08 25.38 -3.35
N GLU A 38 -8.57 25.60 -2.13
CA GLU A 38 -9.30 24.58 -1.37
C GLU A 38 -10.74 24.44 -1.84
N ASN A 39 -11.19 25.40 -2.65
CA ASN A 39 -12.52 25.38 -3.30
C ASN A 39 -12.63 24.87 -4.77
N VAL A 40 -11.55 24.32 -5.30
CA VAL A 40 -11.55 23.80 -6.66
C VAL A 40 -10.94 22.40 -6.75
N VAL A 41 -11.61 21.50 -7.43
CA VAL A 41 -10.99 20.21 -7.61
C VAL A 41 -10.19 20.29 -8.91
N ASN A 42 -8.87 20.32 -8.78
CA ASN A 42 -8.07 20.44 -9.98
C ASN A 42 -7.35 19.11 -10.25
N GLY A 43 -7.97 18.39 -11.18
CA GLY A 43 -7.59 17.08 -11.61
C GLY A 43 -6.98 17.23 -12.98
N THR A 44 -6.43 18.40 -13.30
CA THR A 44 -5.93 18.63 -14.66
C THR A 44 -4.50 18.08 -14.95
N LEU A 45 -3.45 18.64 -14.31
CA LEU A 45 -2.06 18.36 -14.76
C LEU A 45 -1.31 17.33 -13.90
N GLY A 46 -0.35 16.67 -14.52
CA GLY A 46 0.43 15.62 -13.90
C GLY A 46 1.42 16.14 -12.87
N ALA A 47 1.10 17.24 -12.19
CA ALA A 47 1.93 17.68 -11.06
C ALA A 47 1.37 17.33 -9.66
N ILE A 48 2.27 17.01 -8.74
CA ILE A 48 1.84 16.66 -7.39
C ILE A 48 1.46 17.87 -6.55
N HIS A 49 0.25 17.89 -5.97
CA HIS A 49 -0.01 18.83 -4.89
C HIS A 49 -0.22 18.04 -3.59
N ASP A 50 0.20 18.63 -2.47
CA ASP A 50 0.12 17.99 -1.15
C ASP A 50 -1.28 18.19 -0.58
N GLU A 51 -1.48 17.70 0.65
CA GLU A 51 -2.83 17.63 1.25
C GLU A 51 -3.50 18.98 1.39
N GLU A 52 -2.72 20.06 1.22
CA GLU A 52 -3.25 21.43 1.25
C GLU A 52 -3.52 22.04 -0.13
N GLY A 53 -3.21 21.32 -1.20
CA GLY A 53 -3.37 21.88 -2.52
C GLY A 53 -2.15 22.64 -3.01
N ASN A 54 -1.05 22.51 -2.30
CA ASN A 54 0.21 23.12 -2.71
C ASN A 54 1.06 22.25 -3.64
N LEU A 55 1.55 22.87 -4.71
CA LEU A 55 2.49 22.24 -5.61
C LEU A 55 3.62 21.73 -4.74
N VAL A 56 4.09 20.52 -5.02
CA VAL A 56 5.22 19.96 -4.30
C VAL A 56 6.52 20.09 -5.09
N PHE A 57 7.52 20.71 -4.47
CA PHE A 57 8.86 20.77 -5.02
C PHE A 57 9.77 20.24 -3.90
N LEU A 58 10.32 19.04 -4.10
CA LEU A 58 10.88 18.32 -2.96
C LEU A 58 12.03 19.08 -2.31
N LYS A 59 11.97 19.16 -0.99
CA LYS A 59 12.87 20.02 -0.23
C LYS A 59 14.33 19.74 -0.61
N THR A 60 14.76 18.48 -0.52
CA THR A 60 16.14 18.14 -0.91
C THR A 60 16.43 18.53 -2.36
N VAL A 61 15.45 18.44 -3.27
CA VAL A 61 15.79 18.84 -4.63
C VAL A 61 15.95 20.38 -4.77
N LYS A 62 15.01 21.14 -4.21
CA LYS A 62 14.99 22.59 -4.28
C LYS A 62 16.22 23.23 -3.66
N GLU A 63 16.61 22.73 -2.49
CA GLU A 63 17.74 23.32 -1.80
C GLU A 63 19.03 23.17 -2.61
N GLU A 64 19.19 22.05 -3.29
CA GLU A 64 20.37 21.84 -4.13
C GLU A 64 20.34 22.70 -5.41
N TYR A 65 19.16 22.87 -5.96
CA TYR A 65 18.97 23.59 -7.20
C TYR A 65 19.25 25.11 -7.02
N LEU A 66 18.81 25.66 -5.88
CA LEU A 66 18.95 27.08 -5.54
C LEU A 66 20.32 27.45 -4.99
N SER A 67 21.05 26.44 -4.52
CA SER A 67 22.39 26.56 -3.96
C SER A 67 23.48 26.38 -5.01
N LEU A 68 23.13 26.18 -6.27
CA LEU A 68 24.13 26.02 -7.33
C LEU A 68 24.92 27.32 -7.61
N SER A 69 26.16 27.14 -8.07
CA SER A 69 27.02 28.22 -8.56
C SER A 69 26.46 28.85 -9.86
N ASP A 70 26.91 30.06 -10.20
CA ASP A 70 26.48 30.79 -11.41
C ASP A 70 26.81 29.93 -12.59
N SER A 71 28.04 29.41 -12.57
CA SER A 71 28.50 28.52 -13.61
C SER A 71 27.51 27.35 -13.86
N GLU A 72 27.04 26.70 -12.79
CA GLU A 72 26.09 25.62 -12.93
C GLU A 72 24.67 26.12 -13.28
N HIS A 73 24.31 27.34 -12.88
CA HIS A 73 23.03 27.92 -13.31
C HIS A 73 22.90 28.37 -14.77
N VAL A 74 23.82 29.25 -15.20
CA VAL A 74 23.83 29.73 -16.60
C VAL A 74 24.84 29.18 -17.61
N GLY A 75 25.76 28.31 -17.22
CA GLY A 75 26.76 27.80 -18.16
C GLY A 75 26.20 26.84 -19.19
N TYR A 76 26.69 26.88 -20.43
CA TYR A 76 26.31 25.89 -21.45
C TYR A 76 26.65 24.49 -20.97
N ALA A 77 25.85 23.52 -21.38
CA ALA A 77 26.17 22.14 -21.05
C ALA A 77 26.47 21.49 -22.40
N PRO A 78 27.24 20.38 -22.39
CA PRO A 78 27.65 19.75 -23.66
C PRO A 78 26.45 19.13 -24.37
N ILE A 79 26.58 18.98 -25.67
CA ILE A 79 25.51 18.54 -26.54
C ILE A 79 24.84 17.25 -26.05
N ALA A 80 25.60 16.32 -25.50
CA ALA A 80 24.98 15.07 -25.08
C ALA A 80 24.48 15.12 -23.64
N GLY A 81 24.77 16.23 -22.97
CA GLY A 81 24.52 16.38 -21.55
C GLY A 81 25.79 16.22 -20.69
N ILE A 82 25.64 16.58 -19.43
CA ILE A 82 26.65 16.40 -18.45
C ILE A 82 26.89 14.93 -18.18
N PRO A 83 28.13 14.48 -18.39
CA PRO A 83 28.42 13.07 -18.18
C PRO A 83 27.95 12.58 -16.80
N ASP A 84 28.13 13.40 -15.76
CA ASP A 84 27.68 13.01 -14.42
C ASP A 84 26.17 12.74 -14.38
N PHE A 85 25.42 13.55 -15.13
CA PHE A 85 23.96 13.39 -15.20
C PHE A 85 23.62 12.11 -15.96
N LEU A 86 24.19 11.91 -17.14
CA LEU A 86 23.97 10.66 -17.85
C LEU A 86 24.25 9.44 -16.97
N CYS A 87 25.35 9.47 -16.21
N CYS A 87 25.36 9.47 -16.22
CA CYS A 87 25.65 8.37 -15.30
CA CYS A 87 25.64 8.39 -15.30
C CYS A 87 24.65 8.22 -14.12
C CYS A 87 24.51 8.25 -14.26
N ALA A 88 24.21 9.34 -13.57
CA ALA A 88 23.29 9.30 -12.44
C ALA A 88 21.89 8.87 -12.84
N ALA A 89 21.45 9.32 -14.02
CA ALA A 89 20.13 8.95 -14.57
C ALA A 89 19.93 7.46 -14.86
N GLU A 90 20.97 6.79 -15.38
CA GLU A 90 20.98 5.35 -15.64
C GLU A 90 20.96 4.58 -14.33
N LYS A 91 21.71 5.07 -13.36
CA LYS A 91 21.82 4.48 -12.04
C LYS A 91 20.48 4.53 -11.28
N GLU A 92 19.85 5.70 -11.17
CA GLU A 92 18.56 5.76 -10.45
C GLU A 92 17.42 5.13 -11.24
N CYS A 93 17.52 5.12 -12.58
CA CYS A 93 16.56 4.40 -13.40
C CYS A 93 16.65 2.85 -13.24
N PHE A 94 17.84 2.28 -13.48
CA PHE A 94 18.06 0.83 -13.53
C PHE A 94 18.16 0.14 -12.16
N GLY A 95 18.55 0.86 -11.12
CA GLY A 95 18.68 0.23 -9.82
C GLY A 95 19.57 -1.02 -9.80
N ASN A 96 19.12 -2.07 -9.15
CA ASN A 96 19.90 -3.31 -9.05
C ASN A 96 19.72 -4.14 -10.32
N PHE A 97 18.90 -3.60 -11.22
CA PHE A 97 18.48 -4.21 -12.47
C PHE A 97 19.18 -3.80 -13.78
N ARG A 98 20.28 -3.05 -13.68
CA ARG A 98 20.94 -2.63 -14.92
C ARG A 98 21.15 -3.82 -15.87
N PRO A 99 20.60 -3.73 -17.10
CA PRO A 99 20.83 -4.83 -18.05
C PRO A 99 22.28 -4.96 -18.51
N GLU A 100 22.61 -6.18 -18.93
CA GLU A 100 23.92 -6.48 -19.53
C GLU A 100 23.98 -6.03 -20.99
N GLY A 101 25.19 -5.85 -21.52
CA GLY A 101 25.31 -5.36 -22.88
C GLY A 101 25.74 -3.90 -22.97
N HIS A 102 25.64 -3.33 -24.16
CA HIS A 102 26.13 -1.98 -24.42
C HIS A 102 25.06 -0.90 -24.22
N ILE A 103 25.39 0.03 -23.32
CA ILE A 103 24.47 1.08 -22.91
C ILE A 103 25.02 2.48 -23.19
N ARG A 104 24.21 3.29 -23.87
N ARG A 104 24.21 3.31 -23.84
CA ARG A 104 24.59 4.66 -24.20
CA ARG A 104 24.64 4.67 -24.10
C ARG A 104 23.41 5.56 -23.86
C ARG A 104 23.47 5.62 -23.98
N SER A 105 23.70 6.72 -23.26
CA SER A 105 22.65 7.68 -22.92
C SER A 105 22.86 9.03 -23.55
N ILE A 106 21.76 9.78 -23.77
CA ILE A 106 21.79 11.13 -24.33
C ILE A 106 20.74 11.95 -23.61
N ALA A 107 21.11 13.19 -23.23
CA ALA A 107 20.17 14.17 -22.63
C ALA A 107 19.09 14.60 -23.60
N THR A 108 17.85 14.72 -23.11
CA THR A 108 16.71 15.04 -23.99
C THR A 108 15.82 16.09 -23.39
N ALA A 109 14.90 16.66 -24.17
CA ALA A 109 14.03 17.58 -23.49
C ALA A 109 12.89 16.69 -23.00
N GLY A 110 12.96 16.34 -21.73
CA GLY A 110 12.01 15.41 -21.19
C GLY A 110 11.88 14.13 -21.98
N GLY A 111 10.70 13.52 -21.89
CA GLY A 111 10.39 12.28 -22.57
C GLY A 111 9.90 12.61 -23.95
N THR A 112 9.39 13.83 -24.15
CA THR A 112 9.02 14.25 -25.50
C THR A 112 10.27 14.27 -26.41
N GLY A 113 11.35 14.85 -25.90
CA GLY A 113 12.59 14.90 -26.62
C GLY A 113 13.07 13.51 -27.00
N GLY A 114 13.04 12.58 -26.06
CA GLY A 114 13.59 11.27 -26.34
C GLY A 114 12.80 10.58 -27.44
N ILE A 115 11.47 10.76 -27.42
CA ILE A 115 10.60 10.03 -28.34
C ILE A 115 10.67 10.74 -29.69
N HIS A 116 10.85 12.07 -29.68
CA HIS A 116 11.08 12.88 -30.90
C HIS A 116 12.34 12.38 -31.60
N HIS A 117 13.38 12.20 -30.81
CA HIS A 117 14.62 11.67 -31.32
C HIS A 117 14.48 10.23 -31.88
N LEU A 118 13.81 9.39 -31.08
CA LEU A 118 13.72 7.97 -31.41
C LEU A 118 13.05 7.84 -32.76
N ILE A 119 11.98 8.59 -32.95
CA ILE A 119 11.16 8.45 -34.15
C ILE A 119 11.90 9.04 -35.33
N HIS A 120 12.55 10.19 -35.11
CA HIS A 120 13.34 10.81 -36.17
C HIS A 120 14.48 9.85 -36.61
N ASN A 121 15.15 9.20 -35.67
CA ASN A 121 16.29 8.38 -36.09
C ASN A 121 16.06 6.94 -36.58
N TYR A 122 15.03 6.29 -36.02
CA TYR A 122 14.65 4.89 -36.31
C TYR A 122 13.45 4.56 -37.22
N THR A 123 12.80 5.57 -37.78
CA THR A 123 11.68 5.33 -38.67
C THR A 123 11.86 6.12 -39.96
N GLU A 124 11.43 5.55 -41.08
CA GLU A 124 11.42 6.25 -42.37
C GLU A 124 10.17 7.17 -42.46
N PRO A 125 10.20 8.16 -43.37
CA PRO A 125 9.02 9.00 -43.51
C PRO A 125 7.79 8.18 -43.96
N GLY A 126 6.62 8.39 -43.34
CA GLY A 126 5.41 7.64 -43.72
C GLY A 126 5.22 6.39 -42.87
N ASP A 127 6.23 6.03 -42.10
CA ASP A 127 6.14 4.81 -41.34
C ASP A 127 5.04 4.94 -40.28
N GLU A 128 4.62 3.77 -39.77
CA GLU A 128 3.74 3.67 -38.62
C GLU A 128 4.50 3.40 -37.34
N VAL A 129 4.03 3.99 -36.26
CA VAL A 129 4.61 3.77 -34.94
C VAL A 129 3.47 3.21 -34.07
N LEU A 130 3.74 2.19 -33.28
CA LEU A 130 2.72 1.50 -32.47
C LEU A 130 2.77 1.96 -30.99
N THR A 131 1.59 2.24 -30.43
CA THR A 131 1.45 2.36 -28.99
C THR A 131 0.08 1.83 -28.59
N ALA A 132 -0.14 1.64 -27.29
CA ALA A 132 -1.45 1.23 -26.75
C ALA A 132 -2.59 2.23 -27.07
N ASP A 133 -3.83 1.76 -27.15
CA ASP A 133 -4.97 2.64 -27.44
C ASP A 133 -5.30 3.67 -26.34
N TRP A 134 -4.79 3.45 -25.12
CA TRP A 134 -4.74 4.49 -24.06
C TRP A 134 -3.33 5.06 -24.00
N TYR A 135 -3.17 6.32 -24.33
CA TYR A 135 -1.82 6.81 -24.43
C TYR A 135 -1.79 8.33 -24.20
N TRP A 136 -0.58 8.83 -23.95
CA TRP A 136 -0.41 10.26 -23.84
C TRP A 136 -0.46 10.89 -25.23
N GLY A 137 -1.39 11.81 -25.41
CA GLY A 137 -1.70 12.33 -26.72
C GLY A 137 -0.54 12.94 -27.48
N ALA A 138 0.47 13.39 -26.75
CA ALA A 138 1.67 13.97 -27.35
C ALA A 138 2.30 13.01 -28.36
N TYR A 139 2.30 11.70 -28.08
CA TYR A 139 2.92 10.72 -28.99
C TYR A 139 2.39 10.92 -30.38
N ARG A 140 1.13 11.34 -30.48
CA ARG A 140 0.45 11.36 -31.77
C ARG A 140 0.94 12.53 -32.60
N VAL A 141 1.15 13.64 -31.88
CA VAL A 141 1.64 14.92 -32.46
C VAL A 141 3.10 14.75 -32.92
N ILE A 142 3.90 14.11 -32.07
CA ILE A 142 5.30 13.72 -32.44
C ILE A 142 5.35 12.95 -33.75
N CYS A 143 4.52 11.92 -33.85
CA CYS A 143 4.40 11.19 -35.09
C CYS A 143 3.90 12.05 -36.23
N SER A 144 2.75 12.70 -36.07
CA SER A 144 2.15 13.33 -37.22
C SER A 144 2.85 14.62 -37.70
N ASP A 145 3.50 15.36 -36.80
CA ASP A 145 4.17 16.59 -37.19
C ASP A 145 5.34 16.30 -38.14
N THR A 146 5.94 15.12 -37.95
CA THR A 146 7.05 14.69 -38.80
C THR A 146 6.67 13.75 -39.91
N GLY A 147 5.37 13.58 -40.10
CA GLY A 147 4.89 12.80 -41.22
C GLY A 147 4.79 11.30 -40.93
N ARG A 148 4.93 10.89 -39.67
CA ARG A 148 4.61 9.49 -39.36
C ARG A 148 3.13 9.31 -38.95
N THR A 149 2.71 8.08 -38.71
CA THR A 149 1.33 7.80 -38.26
C THR A 149 1.34 6.96 -37.00
N LEU A 150 0.74 7.49 -35.94
CA LEU A 150 0.68 6.74 -34.71
C LEU A 150 -0.47 5.82 -34.91
N VAL A 151 -0.28 4.55 -34.57
CA VAL A 151 -1.33 3.52 -34.68
C VAL A 151 -1.38 2.78 -33.34
N THR A 152 -2.51 2.16 -33.03
CA THR A 152 -2.73 1.60 -31.69
C THR A 152 -3.22 0.15 -31.67
N TYR A 153 -2.92 -0.52 -30.57
CA TYR A 153 -3.45 -1.87 -30.32
C TYR A 153 -4.24 -1.79 -29.03
N SER A 154 -5.27 -2.65 -28.89
CA SER A 154 -6.08 -2.56 -27.71
C SER A 154 -5.26 -3.12 -26.53
N LEU A 155 -5.05 -2.27 -25.51
CA LEU A 155 -4.26 -2.61 -24.35
C LEU A 155 -4.92 -3.75 -23.56
N PHE A 156 -6.23 -3.71 -23.43
CA PHE A 156 -6.91 -4.76 -22.63
C PHE A 156 -7.75 -5.79 -23.38
N ASP A 157 -7.62 -7.04 -22.95
CA ASP A 157 -8.61 -8.09 -23.27
C ASP A 157 -9.84 -7.90 -22.37
N GLU A 158 -10.79 -8.82 -22.41
CA GLU A 158 -12.07 -8.67 -21.71
C GLU A 158 -12.00 -8.67 -20.18
N HIS A 159 -10.91 -9.22 -19.66
CA HIS A 159 -10.66 -9.25 -18.23
C HIS A 159 -9.77 -8.08 -17.77
N ASN A 160 -9.50 -7.14 -18.67
CA ASN A 160 -8.65 -6.01 -18.34
C ASN A 160 -7.24 -6.52 -18.02
N ASN A 161 -6.79 -7.49 -18.82
CA ASN A 161 -5.42 -7.97 -18.80
C ASN A 161 -4.71 -7.62 -20.12
N PHE A 162 -3.37 -7.63 -20.10
CA PHE A 162 -2.65 -7.18 -21.27
C PHE A 162 -3.04 -8.06 -22.46
N ASN A 163 -3.46 -7.43 -23.55
CA ASN A 163 -4.10 -8.18 -24.63
C ASN A 163 -2.96 -8.51 -25.59
N HIS A 164 -2.49 -9.75 -25.47
CA HIS A 164 -1.28 -10.17 -26.15
C HIS A 164 -1.57 -10.38 -27.61
N GLU A 165 -2.79 -10.80 -27.89
CA GLU A 165 -3.21 -11.10 -29.24
C GLU A 165 -3.50 -9.82 -30.03
N ALA A 166 -4.07 -8.81 -29.40
CA ALA A 166 -4.36 -7.62 -30.16
C ALA A 166 -3.01 -6.97 -30.53
N PHE A 167 -2.08 -7.06 -29.59
CA PHE A 167 -0.75 -6.46 -29.72
C PHE A 167 0.08 -7.16 -30.80
N GLN A 168 0.17 -8.50 -30.72
CA GLN A 168 0.95 -9.25 -31.68
C GLN A 168 0.38 -9.02 -33.09
N ASN A 169 -0.94 -9.04 -33.21
N ASN A 169 -0.95 -9.03 -33.18
CA ASN A 169 -1.58 -8.76 -34.48
CA ASN A 169 -1.64 -8.72 -34.43
C ASN A 169 -1.17 -7.40 -35.06
C ASN A 169 -1.16 -7.41 -35.04
N ARG A 170 -1.14 -6.37 -34.22
CA ARG A 170 -0.69 -5.03 -34.64
C ARG A 170 0.76 -5.00 -35.07
N VAL A 171 1.61 -5.67 -34.31
CA VAL A 171 3.04 -5.72 -34.64
C VAL A 171 3.24 -6.37 -36.01
N ASN A 172 2.51 -7.46 -36.25
CA ASN A 172 2.56 -8.16 -37.50
C ASN A 172 2.20 -7.28 -38.70
N GLU A 173 1.13 -6.52 -38.59
CA GLU A 173 0.72 -5.65 -39.68
C GLU A 173 1.77 -4.59 -39.97
N LEU A 174 2.41 -4.08 -38.93
CA LEU A 174 3.44 -3.07 -39.16
C LEU A 174 4.64 -3.75 -39.78
N ALA A 175 5.08 -4.87 -39.17
CA ALA A 175 6.31 -5.58 -39.62
C ALA A 175 6.18 -6.04 -41.07
N ALA A 176 4.94 -6.23 -41.51
CA ALA A 176 4.70 -6.61 -42.88
C ALA A 176 4.97 -5.46 -43.88
N LYS A 177 4.75 -4.22 -43.47
CA LYS A 177 4.95 -3.07 -44.37
C LYS A 177 6.24 -2.20 -44.27
N GLN A 178 7.10 -2.46 -43.30
CA GLN A 178 8.29 -1.61 -43.13
C GLN A 178 9.33 -2.40 -42.35
N THR A 179 10.60 -2.01 -42.49
CA THR A 179 11.66 -2.80 -41.84
C THR A 179 11.67 -2.62 -40.32
N ASN A 180 11.65 -1.36 -39.87
CA ASN A 180 11.75 -1.07 -38.46
C ASN A 180 10.39 -0.96 -37.84
N VAL A 181 10.22 -1.59 -36.69
CA VAL A 181 9.02 -1.38 -35.93
C VAL A 181 9.31 -0.70 -34.59
N VAL A 182 8.83 0.53 -34.46
CA VAL A 182 8.94 1.23 -33.21
C VAL A 182 7.70 0.98 -32.36
N VAL A 183 7.92 0.51 -31.16
CA VAL A 183 6.81 0.39 -30.22
C VAL A 183 7.12 1.18 -28.94
N ILE A 184 6.16 2.02 -28.58
CA ILE A 184 6.20 2.78 -27.35
C ILE A 184 5.34 2.18 -26.27
N PHE A 185 5.99 1.72 -25.22
CA PHE A 185 5.36 1.32 -23.96
C PHE A 185 5.45 2.42 -22.88
N ASN A 186 4.32 2.89 -22.37
CA ASN A 186 4.37 3.78 -21.23
C ASN A 186 3.99 2.95 -19.99
N THR A 187 5.03 2.50 -19.32
CA THR A 187 4.92 1.62 -18.17
C THR A 187 6.18 1.90 -17.32
N PRO A 188 6.14 1.64 -16.00
CA PRO A 188 4.98 1.37 -15.16
C PRO A 188 4.15 2.63 -14.94
N GLY A 189 2.91 2.48 -14.48
CA GLY A 189 2.11 3.64 -14.17
C GLY A 189 1.78 4.43 -15.43
N ASN A 190 1.12 3.77 -16.37
CA ASN A 190 0.64 4.38 -17.58
C ASN A 190 -0.12 5.71 -17.45
N ASN A 191 0.16 6.62 -18.38
CA ASN A 191 -0.63 7.82 -18.58
C ASN A 191 -1.43 7.47 -19.80
N PRO A 192 -2.76 7.59 -19.77
CA PRO A 192 -3.79 7.91 -18.76
C PRO A 192 -4.24 6.84 -17.71
N THR A 193 -3.98 5.57 -17.91
CA THR A 193 -4.70 4.59 -17.09
C THR A 193 -4.17 4.24 -15.74
N GLY A 194 -2.85 4.30 -15.59
CA GLY A 194 -2.18 3.86 -14.38
C GLY A 194 -1.77 2.39 -14.45
N TYR A 195 -2.09 1.77 -15.57
CA TYR A 195 -1.73 0.37 -15.79
C TYR A 195 -0.20 0.19 -15.88
N SER A 196 0.29 -0.93 -15.35
CA SER A 196 1.70 -1.36 -15.47
C SER A 196 1.77 -2.76 -16.09
N ILE A 197 2.48 -2.88 -17.22
CA ILE A 197 2.76 -4.20 -17.79
C ILE A 197 3.45 -5.02 -16.72
N GLU A 198 2.88 -6.18 -16.43
N GLU A 198 2.86 -6.17 -16.40
CA GLU A 198 3.47 -7.09 -15.45
CA GLU A 198 3.44 -7.05 -15.39
C GLU A 198 4.69 -7.79 -16.02
C GLU A 198 4.64 -7.81 -15.99
N ASP A 199 5.50 -8.31 -15.12
CA ASP A 199 6.70 -9.07 -15.51
C ASP A 199 6.51 -10.28 -16.44
N LYS A 200 5.59 -11.17 -16.11
CA LYS A 200 5.28 -12.28 -16.99
C LYS A 200 4.88 -11.75 -18.35
N ASP A 201 4.15 -10.64 -18.40
CA ASP A 201 3.69 -10.14 -19.69
C ASP A 201 4.82 -9.59 -20.54
N TRP A 202 5.82 -8.98 -19.89
CA TRP A 202 7.05 -8.54 -20.56
C TRP A 202 7.79 -9.75 -21.18
N ASP A 203 7.71 -10.89 -20.47
CA ASP A 203 8.31 -12.15 -20.95
C ASP A 203 7.66 -12.57 -22.26
N SER A 204 6.34 -12.44 -22.31
CA SER A 204 5.59 -12.92 -23.44
C SER A 204 5.73 -11.94 -24.59
N ILE A 205 5.79 -10.66 -24.23
CA ILE A 205 6.05 -9.60 -25.19
C ILE A 205 7.42 -9.84 -25.83
N LEU A 206 8.42 -10.04 -24.98
CA LEU A 206 9.78 -10.22 -25.46
C LEU A 206 9.92 -11.51 -26.27
N ASN A 207 9.33 -12.60 -25.77
CA ASN A 207 9.45 -13.86 -26.49
C ASN A 207 8.90 -13.73 -27.90
N PHE A 208 7.70 -13.17 -28.02
CA PHE A 208 7.15 -12.84 -29.32
C PHE A 208 8.11 -11.92 -30.18
N LEU A 209 8.74 -10.91 -29.59
CA LEU A 209 9.62 -10.03 -30.41
C LEU A 209 10.87 -10.78 -30.92
N LYS A 210 11.40 -11.68 -30.10
CA LYS A 210 12.55 -12.45 -30.54
C LYS A 210 12.21 -13.35 -31.72
N ASP A 211 11.05 -14.01 -31.64
CA ASP A 211 10.52 -14.84 -32.74
C ASP A 211 10.34 -13.98 -33.96
N LEU A 212 9.81 -12.79 -33.77
CA LEU A 212 9.57 -11.92 -34.90
C LEU A 212 10.92 -11.65 -35.59
N VAL A 213 11.91 -11.14 -34.84
CA VAL A 213 13.16 -10.75 -35.49
C VAL A 213 14.00 -11.94 -35.97
N ALA A 214 13.82 -13.14 -35.39
CA ALA A 214 14.51 -14.32 -35.88
C ALA A 214 14.20 -14.61 -37.37
N ILE A 215 13.12 -14.06 -37.89
CA ILE A 215 12.77 -14.29 -39.28
C ILE A 215 13.82 -13.64 -40.24
N GLY A 216 14.34 -12.46 -39.88
CA GLY A 216 15.34 -11.78 -40.71
C GLY A 216 14.86 -10.59 -41.52
N ARG A 217 13.57 -10.34 -41.42
N ARG A 217 13.58 -10.30 -41.42
CA ARG A 217 12.87 -9.25 -42.10
CA ARG A 217 12.98 -9.17 -42.12
C ARG A 217 12.84 -7.89 -41.37
C ARG A 217 13.09 -7.85 -41.35
N ASN A 218 12.87 -7.91 -40.04
CA ASN A 218 12.65 -6.70 -39.23
C ASN A 218 13.62 -6.36 -38.14
N ASN A 219 13.77 -5.06 -37.87
CA ASN A 219 14.26 -4.57 -36.58
C ASN A 219 13.10 -4.05 -35.72
N VAL A 220 13.16 -4.37 -34.44
CA VAL A 220 12.25 -3.79 -33.46
C VAL A 220 12.95 -2.80 -32.51
N ILE A 221 12.37 -1.63 -32.41
CA ILE A 221 12.86 -0.60 -31.50
C ILE A 221 11.84 -0.39 -30.36
N ILE A 222 12.21 -0.81 -29.16
CA ILE A 222 11.29 -0.73 -28.04
C ILE A 222 11.64 0.54 -27.28
N GLY A 223 10.79 1.58 -27.46
CA GLY A 223 10.69 2.74 -26.56
C GLY A 223 9.92 2.52 -25.27
N ILE A 224 10.54 2.78 -24.14
CA ILE A 224 9.86 2.57 -22.86
C ILE A 224 9.86 3.90 -22.12
N ASP A 225 8.68 4.50 -21.97
CA ASP A 225 8.60 5.79 -21.30
C ASP A 225 8.39 5.47 -19.81
N VAL A 226 9.43 5.72 -19.02
CA VAL A 226 9.53 5.45 -17.57
C VAL A 226 9.20 6.60 -16.59
N ALA A 227 8.58 7.65 -17.11
CA ALA A 227 8.28 8.83 -16.35
C ALA A 227 7.72 8.56 -14.93
N TYR A 228 6.92 7.52 -14.81
CA TYR A 228 6.19 7.25 -13.58
C TYR A 228 6.87 6.23 -12.71
N LEU A 229 8.08 5.87 -13.13
CA LEU A 229 8.85 4.79 -12.53
C LEU A 229 8.81 4.83 -11.01
N ASP A 230 8.98 6.02 -10.43
CA ASP A 230 9.15 6.16 -8.97
C ASP A 230 7.81 6.26 -8.18
N TYR A 231 6.73 6.39 -8.92
CA TYR A 231 5.38 6.41 -8.38
C TYR A 231 4.54 5.16 -8.49
N SER A 232 5.20 4.09 -8.90
CA SER A 232 4.53 2.86 -9.29
C SER A 232 4.48 1.59 -8.41
N GLY A 233 5.16 1.58 -7.27
CA GLY A 233 5.39 0.33 -6.56
C GLY A 233 6.73 0.36 -5.82
N GLU A 234 7.09 -0.75 -5.18
CA GLU A 234 8.36 -0.81 -4.45
C GLU A 234 9.60 -0.64 -5.38
N LYS A 235 10.67 -0.05 -4.88
CA LYS A 235 11.80 0.32 -5.73
C LYS A 235 12.26 -0.84 -6.65
N ASP A 236 12.48 -2.02 -6.06
CA ASP A 236 13.06 -3.17 -6.77
C ASP A 236 12.05 -3.87 -7.68
N GLU A 237 10.80 -3.88 -7.26
CA GLU A 237 9.75 -4.55 -8.02
C GLU A 237 9.53 -3.89 -9.36
N VAL A 238 9.43 -2.55 -9.38
CA VAL A 238 9.09 -1.81 -10.59
C VAL A 238 10.25 -1.87 -11.58
N ARG A 239 11.46 -2.08 -11.05
CA ARG A 239 12.67 -2.15 -11.85
C ARG A 239 13.08 -3.53 -12.34
N ALA A 240 12.49 -4.54 -11.73
CA ALA A 240 12.89 -5.91 -12.05
C ALA A 240 12.86 -6.22 -13.54
N PHE A 241 11.89 -5.65 -14.27
CA PHE A 241 11.74 -5.96 -15.70
C PHE A 241 12.94 -5.51 -16.56
N PHE A 242 13.71 -4.57 -16.05
CA PHE A 242 14.86 -4.07 -16.79
C PHE A 242 15.83 -5.20 -17.09
N ASN A 243 15.99 -6.12 -16.15
CA ASN A 243 16.91 -7.23 -16.38
C ASN A 243 16.54 -8.05 -17.62
N LYS A 244 15.28 -7.96 -18.04
CA LYS A 244 14.81 -8.78 -19.17
C LYS A 244 15.38 -8.27 -20.51
N PHE A 245 16.05 -7.13 -20.50
CA PHE A 245 16.63 -6.59 -21.72
C PHE A 245 18.09 -7.05 -21.91
N SER A 246 18.54 -7.97 -21.05
CA SER A 246 19.90 -8.49 -21.14
C SER A 246 20.08 -9.36 -22.38
N HIS A 247 21.06 -8.97 -23.20
CA HIS A 247 21.43 -9.79 -24.36
C HIS A 247 20.21 -10.20 -25.21
N LEU A 248 19.42 -9.23 -25.62
CA LEU A 248 18.39 -9.50 -26.63
C LEU A 248 19.11 -9.60 -27.97
N PRO A 249 18.50 -10.25 -28.97
CA PRO A 249 19.20 -10.21 -30.27
C PRO A 249 19.39 -8.77 -30.73
N LYS A 250 20.47 -8.53 -31.47
CA LYS A 250 20.85 -7.18 -31.91
C LYS A 250 19.78 -6.52 -32.81
N GLU A 251 18.84 -7.30 -33.30
CA GLU A 251 17.78 -6.73 -34.13
C GLU A 251 16.77 -6.01 -33.24
N ILE A 252 16.94 -6.13 -31.93
CA ILE A 252 16.07 -5.43 -30.98
C ILE A 252 16.89 -4.42 -30.18
N LEU A 253 16.54 -3.14 -30.33
CA LEU A 253 17.20 -2.08 -29.63
C LEU A 253 16.20 -1.54 -28.62
N THR A 254 16.61 -1.42 -27.36
CA THR A 254 15.69 -0.93 -26.33
C THR A 254 16.08 0.47 -25.96
N CYS A 255 15.12 1.38 -26.06
CA CYS A 255 15.35 2.79 -25.71
C CYS A 255 14.53 3.18 -24.46
N VAL A 256 15.20 3.39 -23.32
CA VAL A 256 14.51 3.80 -22.10
C VAL A 256 14.46 5.32 -21.92
N CYS A 257 13.26 5.89 -22.00
CA CYS A 257 13.07 7.34 -21.90
C CYS A 257 12.75 7.68 -20.48
N TYR A 258 13.71 8.33 -19.87
CA TYR A 258 13.72 8.66 -18.48
C TYR A 258 13.47 10.15 -18.45
N SER A 259 12.81 10.61 -17.40
CA SER A 259 12.59 12.04 -17.21
C SER A 259 12.91 12.36 -15.76
N LEU A 260 13.34 13.59 -15.58
CA LEU A 260 13.48 14.16 -14.26
C LEU A 260 12.11 14.66 -13.79
N SER A 261 11.17 14.90 -14.71
CA SER A 261 10.00 15.72 -14.37
C SER A 261 9.29 15.20 -13.15
N LYS A 262 8.83 13.96 -13.23
CA LYS A 262 8.02 13.43 -12.15
C LYS A 262 8.87 12.95 -10.99
N GLY A 263 9.90 12.15 -11.28
CA GLY A 263 10.79 11.66 -10.24
C GLY A 263 11.42 12.71 -9.31
N PHE A 264 11.91 13.82 -9.88
CA PHE A 264 12.46 14.91 -9.06
C PHE A 264 11.55 16.09 -8.81
N THR A 265 10.34 16.01 -9.30
CA THR A 265 9.40 17.09 -9.17
C THR A 265 9.92 18.36 -9.82
N MSE A 266 10.53 18.27 -11.00
CA MSE A 266 10.60 19.49 -11.76
C MSE A 266 9.80 19.32 -13.01
O MSE A 266 10.35 19.12 -14.10
CB MSE A 266 12.10 19.66 -12.12
CG MSE A 266 13.00 19.54 -10.83
SE MSE A 266 14.97 19.89 -10.89
CE MSE A 266 14.90 21.81 -11.22
N TYR A 267 8.52 19.73 -12.90
CA TYR A 267 7.49 19.13 -13.77
C TYR A 267 7.52 19.85 -15.08
N GLY A 268 7.67 21.17 -14.97
CA GLY A 268 7.70 22.03 -16.13
C GLY A 268 9.04 21.85 -16.80
N GLN A 269 10.01 21.32 -16.09
CA GLN A 269 11.36 21.38 -16.65
C GLN A 269 11.59 20.12 -17.43
N ARG A 270 11.65 20.23 -18.74
CA ARG A 270 11.58 18.96 -19.43
C ARG A 270 13.01 18.53 -19.64
N VAL A 271 13.39 17.57 -18.82
CA VAL A 271 14.76 17.14 -18.78
C VAL A 271 14.71 15.69 -18.58
N GLY A 272 15.38 14.98 -19.46
CA GLY A 272 15.39 13.53 -19.33
C GLY A 272 16.67 12.96 -19.90
N ALA A 273 16.76 11.64 -19.94
CA ALA A 273 17.67 10.97 -20.80
C ALA A 273 16.96 9.83 -21.61
N MSE A 274 17.36 9.66 -22.89
CA MSE A 274 17.11 8.45 -23.68
C MSE A 274 18.31 7.48 -23.54
O MSE A 274 19.40 7.79 -23.98
CB MSE A 274 16.81 8.77 -25.14
CG MSE A 274 17.89 9.53 -25.85
SE MSE A 274 17.33 10.23 -27.56
CE MSE A 274 16.65 8.58 -28.29
N ILE A 275 18.08 6.32 -22.90
CA ILE A 275 19.12 5.32 -22.64
C ILE A 275 19.01 4.13 -23.62
N GLY A 276 19.98 3.98 -24.52
CA GLY A 276 19.94 2.94 -25.50
C GLY A 276 20.48 1.63 -24.95
N ILE A 277 19.86 0.51 -25.29
CA ILE A 277 20.38 -0.78 -24.83
C ILE A 277 20.40 -1.77 -25.96
N SER A 278 21.60 -2.25 -26.30
CA SER A 278 21.83 -3.19 -27.40
C SER A 278 22.91 -4.18 -26.99
N ASP A 279 22.86 -5.37 -27.58
CA ASP A 279 23.84 -6.43 -27.38
C ASP A 279 25.04 -6.18 -28.26
N ASP A 280 24.83 -5.39 -29.31
CA ASP A 280 25.86 -5.16 -30.32
C ASP A 280 26.49 -3.79 -30.14
N GLU A 281 27.82 -3.76 -30.00
CA GLU A 281 28.44 -2.54 -29.54
C GLU A 281 28.33 -1.44 -30.59
N GLU A 282 28.25 -1.81 -31.87
CA GLU A 282 28.13 -0.79 -32.92
C GLU A 282 26.71 -0.17 -32.98
N ILE A 283 25.69 -0.99 -32.68
CA ILE A 283 24.31 -0.51 -32.53
C ILE A 283 24.27 0.62 -31.50
N ALA A 284 24.89 0.39 -30.34
CA ALA A 284 24.83 1.32 -29.19
C ALA A 284 25.54 2.66 -29.43
N ASP A 285 26.66 2.55 -30.13
CA ASP A 285 27.47 3.68 -30.53
C ASP A 285 26.70 4.50 -31.54
N GLU A 286 26.10 3.80 -32.48
CA GLU A 286 25.26 4.47 -33.46
C GLU A 286 24.08 5.22 -32.77
N PHE A 287 23.42 4.55 -31.81
CA PHE A 287 22.42 5.19 -30.96
C PHE A 287 22.97 6.51 -30.39
N PHE A 288 24.13 6.42 -29.76
CA PHE A 288 24.76 7.63 -29.25
C PHE A 288 24.93 8.79 -30.30
N GLU A 289 25.46 8.47 -31.49
CA GLU A 289 25.81 9.49 -32.48
C GLU A 289 24.66 10.11 -33.27
N VAL A 290 23.65 9.32 -33.65
CA VAL A 290 22.54 9.87 -34.42
C VAL A 290 21.74 10.74 -33.50
N ASN A 291 21.68 10.36 -32.21
CA ASN A 291 20.93 11.14 -31.23
C ASN A 291 21.63 12.44 -30.74
N LYS A 292 22.94 12.38 -30.56
CA LYS A 292 23.70 13.59 -30.28
C LYS A 292 23.52 14.57 -31.47
N SER A 293 23.62 14.07 -32.69
CA SER A 293 23.52 14.98 -33.84
C SER A 293 22.13 15.73 -33.85
N THR A 294 21.10 14.97 -33.56
CA THR A 294 19.73 15.49 -33.61
C THR A 294 19.51 16.41 -32.43
N SER A 295 20.19 16.14 -31.30
CA SER A 295 20.17 17.10 -30.18
C SER A 295 20.76 18.46 -30.64
N ARG A 296 21.91 18.43 -31.32
CA ARG A 296 22.49 19.67 -31.86
C ARG A 296 21.57 20.31 -32.89
N ALA A 297 20.82 19.52 -33.65
CA ALA A 297 20.03 20.10 -34.73
C ALA A 297 18.69 20.64 -34.26
N THR A 298 18.39 20.43 -32.99
CA THR A 298 17.07 20.82 -32.46
C THR A 298 17.11 21.78 -31.26
N TRP A 299 17.59 21.34 -30.10
CA TRP A 299 17.79 22.24 -28.96
C TRP A 299 19.19 22.73 -28.55
N SER A 300 20.21 22.19 -29.22
CA SER A 300 21.66 22.33 -29.05
C SER A 300 22.20 21.78 -27.72
N ASN A 301 21.38 21.82 -26.69
CA ASN A 301 21.76 21.32 -25.37
C ASN A 301 20.62 21.54 -24.39
N ILE A 302 20.58 20.77 -23.32
N ILE A 302 20.69 20.83 -23.26
CA ILE A 302 19.44 20.90 -22.43
CA ILE A 302 19.61 20.67 -22.31
C ILE A 302 19.80 21.66 -21.17
C ILE A 302 19.87 21.49 -21.04
N CYS A 303 18.81 21.87 -20.32
CA CYS A 303 18.97 22.70 -19.16
C CYS A 303 20.03 22.18 -18.20
N ARG A 304 21.03 23.03 -17.99
CA ARG A 304 22.22 22.68 -17.24
C ARG A 304 21.96 22.54 -15.74
N PRO A 305 21.25 23.54 -15.14
CA PRO A 305 20.95 23.44 -13.70
C PRO A 305 20.12 22.19 -13.28
N ALA A 306 19.10 21.85 -14.07
CA ALA A 306 18.32 20.67 -13.71
C ALA A 306 19.24 19.43 -13.70
N MSE A 307 20.09 19.30 -14.74
CA MSE A 307 20.99 18.13 -14.79
C MSE A 307 21.94 18.06 -13.60
O MSE A 307 22.07 17.02 -12.96
CB MSE A 307 21.78 18.03 -16.12
CG MSE A 307 20.94 17.55 -17.29
SE MSE A 307 21.93 17.39 -18.98
CE MSE A 307 22.16 19.31 -19.44
N ARG A 308 22.57 19.17 -13.28
CA ARG A 308 23.58 19.17 -12.22
C ARG A 308 22.88 18.88 -10.86
N THR A 309 21.73 19.51 -10.66
CA THR A 309 20.95 19.34 -9.45
C THR A 309 20.75 17.83 -9.22
N MSE A 310 20.27 17.12 -10.25
CA MSE A 310 20.06 15.67 -10.13
C MSE A 310 21.38 14.85 -9.97
O MSE A 310 21.52 14.04 -9.06
CB MSE A 310 19.19 15.15 -11.29
CG MSE A 310 18.69 13.70 -11.09
SE MSE A 310 19.76 12.46 -12.18
CE MSE A 310 19.11 10.76 -11.53
N ALA A 311 22.35 15.06 -10.83
CA ALA A 311 23.66 14.40 -10.60
C ALA A 311 24.16 14.60 -9.17
N ASN A 312 24.05 15.83 -8.64
CA ASN A 312 24.56 16.07 -7.30
C ASN A 312 23.92 15.17 -6.23
N ILE A 313 22.58 15.06 -6.29
CA ILE A 313 21.85 14.32 -5.25
C ILE A 313 22.15 12.80 -5.29
N VAL A 314 21.94 12.18 -6.45
CA VAL A 314 22.20 10.75 -6.69
C VAL A 314 23.62 10.37 -6.28
N ALA A 315 24.57 11.29 -6.47
CA ALA A 315 25.96 11.04 -6.13
C ALA A 315 26.25 11.31 -4.65
N ASP A 316 25.27 11.79 -3.91
CA ASP A 316 25.50 11.93 -2.48
C ASP A 316 24.60 10.96 -1.72
N PRO A 317 25.21 10.03 -0.97
CA PRO A 317 24.43 8.98 -0.32
C PRO A 317 23.41 9.54 0.65
N ALA A 318 23.82 10.47 1.51
CA ALA A 318 22.94 11.04 2.51
C ALA A 318 21.83 11.88 1.87
N LYS A 319 22.18 12.71 0.88
CA LYS A 319 21.18 13.50 0.15
C LYS A 319 20.26 12.60 -0.67
N PHE A 320 20.77 11.45 -1.10
CA PHE A 320 19.97 10.60 -1.96
C PHE A 320 18.89 9.85 -1.16
N LYS A 321 19.25 9.28 -0.01
CA LYS A 321 18.26 8.61 0.84
C LYS A 321 17.18 9.58 1.35
N GLU A 322 17.59 10.82 1.67
CA GLU A 322 16.67 11.86 2.14
C GLU A 322 15.70 12.32 1.06
N TYR A 323 16.20 12.49 -0.16
CA TYR A 323 15.39 12.80 -1.31
C TYR A 323 14.35 11.70 -1.51
N GLU A 324 14.79 10.45 -1.45
CA GLU A 324 13.88 9.33 -1.66
C GLU A 324 12.82 9.35 -0.57
N ALA A 325 13.24 9.63 0.66
CA ALA A 325 12.34 9.54 1.78
C ALA A 325 11.27 10.62 1.60
N GLU A 326 11.65 11.71 0.95
CA GLU A 326 10.73 12.81 0.68
C GLU A 326 9.75 12.44 -0.40
N ARG A 327 10.29 11.96 -1.52
CA ARG A 327 9.48 11.52 -2.66
C ARG A 327 8.49 10.44 -2.20
N ASN A 328 8.96 9.47 -1.40
CA ASN A 328 8.12 8.39 -0.90
C ASN A 328 6.89 8.82 -0.10
N CYS A 329 7.04 9.80 0.79
CA CYS A 329 5.87 10.31 1.51
C CYS A 329 4.81 10.74 0.53
N TYR A 330 5.24 11.38 -0.56
CA TYR A 330 4.26 11.84 -1.50
C TYR A 330 3.69 10.76 -2.40
N TYR A 331 4.53 9.76 -2.73
CA TYR A 331 4.06 8.56 -3.42
C TYR A 331 2.93 7.89 -2.58
N GLN A 332 3.11 7.75 -1.25
CA GLN A 332 2.06 7.17 -0.40
C GLN A 332 0.78 8.00 -0.50
N LEU A 333 0.90 9.29 -0.35
CA LEU A 333 -0.24 10.16 -0.52
C LEU A 333 -0.98 9.85 -1.82
N ILE A 334 -0.26 9.61 -2.92
CA ILE A 334 -0.95 9.45 -4.18
C ILE A 334 -1.68 8.09 -4.23
N ARG A 335 -1.06 7.07 -3.62
CA ARG A 335 -1.67 5.77 -3.43
C ARG A 335 -3.02 5.92 -2.70
N ASP A 336 -3.03 6.53 -1.51
CA ASP A 336 -4.26 6.64 -0.73
C ASP A 336 -5.36 7.31 -1.53
N ARG A 337 -4.99 8.38 -2.21
CA ARG A 337 -5.95 9.08 -3.05
C ARG A 337 -6.58 8.15 -4.08
N ALA A 338 -5.77 7.32 -4.74
CA ALA A 338 -6.27 6.43 -5.75
C ALA A 338 -7.13 5.31 -5.10
N ASP A 339 -6.73 4.84 -3.91
CA ASP A 339 -7.53 3.84 -3.18
C ASP A 339 -8.91 4.36 -2.85
N ILE A 340 -8.97 5.57 -2.35
CA ILE A 340 -10.28 6.19 -2.04
C ILE A 340 -11.18 6.21 -3.27
N PHE A 341 -10.70 6.75 -4.39
CA PHE A 341 -11.49 6.81 -5.62
C PHE A 341 -12.02 5.46 -6.09
N LYS A 342 -11.15 4.44 -6.05
CA LYS A 342 -11.47 3.10 -6.54
C LYS A 342 -12.58 2.46 -5.68
N GLN A 343 -12.44 2.59 -4.37
CA GLN A 343 -13.39 2.03 -3.42
C GLN A 343 -14.70 2.65 -3.75
N GLU A 344 -14.69 3.97 -3.83
CA GLU A 344 -15.92 4.69 -4.01
C GLU A 344 -16.48 4.49 -5.42
N ALA A 345 -15.62 4.37 -6.43
CA ALA A 345 -16.10 4.15 -7.79
C ALA A 345 -16.82 2.79 -7.91
N ALA A 346 -16.28 1.78 -7.22
CA ALA A 346 -16.88 0.44 -7.23
C ALA A 346 -18.26 0.43 -6.53
N GLN A 347 -18.37 1.18 -5.43
CA GLN A 347 -19.64 1.31 -4.69
C GLN A 347 -20.77 2.04 -5.48
N VAL A 348 -20.45 3.14 -6.16
CA VAL A 348 -21.46 3.87 -6.94
C VAL A 348 -21.71 3.26 -8.32
N GLY A 349 -20.92 2.26 -8.70
CA GLY A 349 -21.08 1.60 -9.98
C GLY A 349 -20.51 2.38 -11.16
N LEU A 350 -19.35 2.99 -10.97
CA LEU A 350 -18.71 3.78 -12.02
C LEU A 350 -17.47 3.04 -12.54
N PRO A 351 -17.47 2.62 -13.83
CA PRO A 351 -16.35 1.83 -14.35
C PRO A 351 -15.03 2.65 -14.43
N MSE A 352 -13.92 1.96 -14.22
CA MSE A 352 -12.63 2.58 -14.22
C MSE A 352 -11.52 1.61 -14.75
O MSE A 352 -11.52 0.40 -14.43
CB MSE A 352 -12.40 3.11 -12.80
CG MSE A 352 -11.02 3.06 -12.26
SE MSE A 352 -11.12 3.21 -10.30
CE MSE A 352 -9.28 2.56 -9.99
N LEU A 353 -10.58 2.12 -15.55
CA LEU A 353 -9.52 1.24 -16.06
C LEU A 353 -8.60 0.88 -14.91
N PRO A 354 -7.87 -0.25 -15.02
CA PRO A 354 -7.07 -0.68 -13.86
C PRO A 354 -5.87 0.21 -13.55
N TYR A 355 -5.77 0.66 -12.31
CA TYR A 355 -4.74 1.58 -11.89
C TYR A 355 -3.74 0.85 -10.97
N ARG A 356 -2.53 0.63 -11.45
N ARG A 356 -2.53 0.61 -11.45
CA ARG A 356 -1.44 0.12 -10.62
CA ARG A 356 -1.43 0.15 -10.62
C ARG A 356 -0.46 1.20 -10.08
C ARG A 356 -0.66 1.30 -9.94
N GLY A 357 -0.49 2.40 -10.66
CA GLY A 357 0.40 3.48 -10.23
C GLY A 357 0.35 4.72 -11.12
N GLY A 358 1.25 5.68 -10.90
CA GLY A 358 1.23 6.88 -11.75
C GLY A 358 0.28 7.94 -11.19
N PHE A 359 0.09 9.01 -11.96
CA PHE A 359 -0.60 10.22 -11.48
C PHE A 359 -2.03 10.32 -11.87
N PHE A 360 -2.49 9.42 -12.72
CA PHE A 360 -3.76 9.54 -13.40
C PHE A 360 -4.59 8.28 -13.30
N ILE A 361 -5.90 8.48 -13.30
CA ILE A 361 -6.87 7.42 -13.28
C ILE A 361 -7.78 7.83 -14.40
N THR A 362 -8.33 6.84 -15.11
CA THR A 362 -9.19 7.12 -16.25
C THR A 362 -10.53 6.39 -16.19
N ILE A 363 -11.59 7.12 -16.51
CA ILE A 363 -12.92 6.58 -16.61
C ILE A 363 -13.27 6.47 -18.09
N PRO A 364 -13.51 5.25 -18.58
CA PRO A 364 -13.86 5.09 -20.00
C PRO A 364 -15.25 5.64 -20.26
N THR A 365 -15.41 6.39 -21.36
CA THR A 365 -16.68 6.80 -21.90
C THR A 365 -16.40 7.61 -23.16
N ASP A 366 -17.36 7.61 -24.07
N ASP A 366 -17.39 7.60 -24.05
CA ASP A 366 -17.16 8.33 -25.31
CA ASP A 366 -17.30 8.24 -25.37
C ASP A 366 -17.79 9.71 -25.17
C ASP A 366 -17.81 9.68 -25.17
N SER A 367 -18.27 9.95 -23.96
CA SER A 367 -18.83 11.23 -23.55
C SER A 367 -17.99 12.23 -22.77
N ALA A 368 -16.66 12.04 -22.67
CA ALA A 368 -15.86 12.94 -21.77
C ALA A 368 -16.12 14.43 -21.96
N ASN A 369 -16.27 14.88 -23.18
CA ASN A 369 -16.35 16.31 -23.39
C ASN A 369 -17.60 16.88 -22.72
N ALA A 370 -18.79 16.37 -23.01
CA ALA A 370 -20.00 16.85 -22.33
C ALA A 370 -19.93 16.69 -20.79
N ILE A 371 -19.38 15.58 -20.31
CA ILE A 371 -19.31 15.32 -18.87
C ILE A 371 -18.41 16.34 -18.15
N CYS A 372 -17.19 16.49 -18.64
CA CYS A 372 -16.24 17.47 -18.10
C CYS A 372 -16.80 18.89 -18.07
N GLU A 373 -17.39 19.32 -19.17
CA GLU A 373 -18.09 20.60 -19.19
C GLU A 373 -19.05 20.80 -18.00
N GLU A 374 -19.86 19.79 -17.68
CA GLU A 374 -20.78 19.89 -16.55
C GLU A 374 -20.03 19.94 -15.20
N LEU A 375 -18.90 19.26 -15.12
CA LEU A 375 -18.21 19.14 -13.84
C LEU A 375 -17.58 20.48 -13.46
N LYS A 376 -17.27 21.22 -14.52
CA LYS A 376 -16.70 22.53 -14.41
C LYS A 376 -17.61 23.43 -13.62
N LYS A 377 -18.88 23.47 -14.00
CA LYS A 377 -19.82 24.34 -13.30
C LYS A 377 -19.87 24.02 -11.80
N GLU A 378 -19.40 22.83 -11.43
CA GLU A 378 -19.26 22.41 -10.02
C GLU A 378 -17.85 22.65 -9.48
N HIS A 379 -17.00 23.34 -10.24
CA HIS A 379 -15.61 23.63 -9.83
C HIS A 379 -14.66 22.43 -9.77
N ILE A 380 -15.00 21.39 -10.54
CA ILE A 380 -14.18 20.19 -10.76
C ILE A 380 -13.63 20.15 -12.18
N TYR A 381 -12.31 20.01 -12.27
CA TYR A 381 -11.59 20.15 -13.54
C TYR A 381 -10.89 18.85 -13.81
N VAL A 382 -11.39 18.16 -14.83
CA VAL A 382 -10.74 16.96 -15.28
C VAL A 382 -10.61 17.07 -16.79
N ILE A 383 -9.81 16.18 -17.36
CA ILE A 383 -9.47 16.28 -18.75
C ILE A 383 -10.28 15.31 -19.58
N ALA A 384 -10.82 15.80 -20.70
CA ALA A 384 -11.59 15.01 -21.64
C ALA A 384 -10.75 14.45 -22.76
N LEU A 385 -10.55 13.12 -22.75
CA LEU A 385 -9.89 12.41 -23.86
C LEU A 385 -10.99 12.05 -24.81
N ALA A 386 -10.65 11.44 -25.95
CA ALA A 386 -11.64 11.05 -26.93
C ALA A 386 -12.39 9.82 -26.38
N ASN A 387 -11.66 8.93 -25.73
N ASN A 387 -11.64 8.93 -25.75
CA ASN A 387 -12.22 7.68 -25.18
CA ASN A 387 -12.19 7.69 -25.23
C ASN A 387 -12.47 7.69 -23.70
C ASN A 387 -12.45 7.69 -23.73
N GLY A 388 -12.15 8.79 -23.04
CA GLY A 388 -12.35 8.80 -21.60
C GLY A 388 -12.07 10.06 -20.81
N ILE A 389 -12.29 9.95 -19.50
CA ILE A 389 -12.08 11.08 -18.62
C ILE A 389 -10.84 10.83 -17.80
N ARG A 390 -9.86 11.74 -17.92
CA ARG A 390 -8.60 11.58 -17.19
C ARG A 390 -8.57 12.44 -15.94
N ILE A 391 -8.29 11.80 -14.83
CA ILE A 391 -8.29 12.48 -13.55
C ILE A 391 -6.89 12.44 -12.95
N ALA A 392 -6.31 13.58 -12.58
CA ALA A 392 -4.99 13.48 -11.99
C ALA A 392 -5.14 13.44 -10.48
N ALA A 393 -4.92 12.26 -9.90
CA ALA A 393 -5.03 12.05 -8.46
C ALA A 393 -3.84 12.73 -7.72
N CYS A 394 -2.75 12.91 -8.44
CA CYS A 394 -1.59 13.59 -7.90
C CYS A 394 -1.95 15.00 -7.45
N GLY A 395 -2.95 15.61 -8.10
CA GLY A 395 -3.34 16.99 -7.78
C GLY A 395 -4.61 17.19 -6.96
N ILE A 396 -5.07 16.14 -6.29
CA ILE A 396 -6.37 16.15 -5.65
C ILE A 396 -6.34 15.64 -4.21
N PRO A 397 -6.30 16.53 -3.22
CA PRO A 397 -6.26 16.07 -1.83
C PRO A 397 -7.34 15.02 -1.44
N LYS A 398 -7.02 14.15 -0.49
CA LYS A 398 -7.95 13.13 0.00
C LYS A 398 -9.34 13.62 0.32
N CYS A 399 -9.44 14.68 1.11
CA CYS A 399 -10.73 15.24 1.52
C CYS A 399 -11.54 15.69 0.32
N GLN A 400 -10.85 16.04 -0.77
CA GLN A 400 -11.47 16.33 -2.05
C GLN A 400 -11.80 15.13 -2.89
N MSE A 401 -10.98 14.10 -2.73
CA MSE A 401 -11.14 12.88 -3.50
C MSE A 401 -12.40 12.18 -3.03
O MSE A 401 -13.08 11.51 -3.81
CB MSE A 401 -9.95 11.95 -3.29
CG MSE A 401 -9.89 10.80 -4.29
SE MSE A 401 -9.75 11.43 -6.16
CE MSE A 401 -8.03 10.61 -6.55
N THR A 402 -12.69 12.30 -1.72
CA THR A 402 -13.89 11.70 -1.14
C THR A 402 -15.14 12.32 -1.77
N GLY A 403 -16.05 11.48 -2.27
CA GLY A 403 -17.24 11.94 -3.00
C GLY A 403 -17.06 12.24 -4.50
N LEU A 404 -15.82 12.16 -5.00
CA LEU A 404 -15.55 12.52 -6.41
C LEU A 404 -16.25 11.55 -7.40
N ALA A 405 -16.07 10.25 -7.20
CA ALA A 405 -16.66 9.26 -8.11
C ALA A 405 -18.20 9.48 -8.23
N GLU A 406 -18.86 9.64 -7.08
CA GLU A 406 -20.30 9.88 -7.02
C GLU A 406 -20.67 11.05 -7.90
N LYS A 407 -19.96 12.16 -7.71
CA LYS A 407 -20.17 13.36 -8.51
C LYS A 407 -20.01 13.12 -10.00
N ILE A 408 -19.07 12.26 -10.41
CA ILE A 408 -18.86 12.03 -11.84
C ILE A 408 -20.01 11.11 -12.36
N TYR A 409 -20.33 10.08 -11.59
CA TYR A 409 -21.43 9.22 -11.94
C TYR A 409 -22.73 10.02 -12.09
N ASN A 410 -22.98 10.91 -11.16
CA ASN A 410 -24.18 11.73 -11.17
C ASN A 410 -24.20 12.70 -12.36
N ALA A 411 -23.04 13.20 -12.77
CA ALA A 411 -23.03 14.06 -13.94
C ALA A 411 -23.34 13.25 -15.19
N MSE A 412 -22.75 12.06 -15.30
CA MSE A 412 -23.04 11.19 -16.45
C MSE A 412 -24.52 10.73 -16.52
O MSE A 412 -25.07 10.54 -17.63
CB MSE A 412 -22.17 9.94 -16.44
CG MSE A 412 -20.67 10.19 -16.30
SE MSE A 412 -19.70 8.49 -16.29
CE MSE A 412 -20.96 7.44 -17.29
N LYS A 413 -25.13 10.49 -15.35
CA LYS A 413 -26.56 10.09 -15.26
C LYS A 413 -27.51 11.25 -15.65
N SER A 414 -27.31 12.40 -15.03
CA SER A 414 -28.07 13.61 -15.35
C SER A 414 -28.01 14.00 -16.84
N LEU A 415 -26.90 13.70 -17.52
CA LEU A 415 -26.66 14.12 -18.91
C LEU A 415 -27.10 13.03 -19.87
N GLY A 416 -27.63 11.95 -19.28
CA GLY A 416 -28.13 10.79 -20.02
C GLY A 416 -27.06 10.00 -20.79
N LYS A 417 -25.85 9.98 -20.23
CA LYS A 417 -24.66 9.30 -20.76
C LYS A 417 -24.20 7.93 -20.22
N LEU A 418 -24.93 7.25 -19.35
CA LEU A 418 -24.45 5.91 -18.93
C LEU A 418 -24.14 4.83 -20.03
N THR B 5 5.06 -44.58 27.10
CA THR B 5 4.87 -43.37 27.90
C THR B 5 4.01 -42.29 27.26
N SER B 6 3.66 -42.42 25.98
CA SER B 6 2.70 -41.48 25.38
C SER B 6 1.61 -42.14 24.53
N VAL B 7 0.36 -42.01 24.98
CA VAL B 7 -0.82 -42.41 24.20
C VAL B 7 -1.61 -41.30 23.47
N ALA B 8 -1.23 -40.04 23.65
CA ALA B 8 -1.96 -38.95 23.02
C ALA B 8 -1.79 -39.02 21.51
N ALA B 9 -2.67 -38.35 20.77
CA ALA B 9 -2.57 -38.37 19.33
C ALA B 9 -1.27 -37.66 18.85
N LYS B 10 -0.81 -37.97 17.63
CA LYS B 10 0.44 -37.47 17.11
C LYS B 10 0.62 -35.94 17.21
N HIS B 11 -0.34 -35.18 16.70
CA HIS B 11 -0.24 -33.73 16.79
C HIS B 11 -0.20 -33.19 18.24
N ALA B 12 -0.75 -33.97 19.17
CA ALA B 12 -0.79 -33.61 20.60
C ALA B 12 0.46 -33.93 21.47
N LYS B 13 1.17 -35.02 21.18
CA LYS B 13 2.25 -35.42 22.09
C LYS B 13 3.19 -34.23 22.31
N GLY B 14 3.64 -34.05 23.55
CA GLY B 14 4.69 -33.08 23.78
C GLY B 14 4.23 -31.68 24.11
N LYS B 15 2.93 -31.39 24.01
CA LYS B 15 2.43 -30.06 24.39
C LYS B 15 2.55 -29.91 25.89
N LYS B 16 3.32 -28.89 26.29
CA LYS B 16 3.37 -28.49 27.68
C LYS B 16 3.39 -26.97 27.76
N LEU B 17 2.38 -26.36 28.38
CA LEU B 17 2.39 -24.93 28.51
C LEU B 17 3.50 -24.50 29.47
N LYS B 18 4.15 -23.40 29.12
CA LYS B 18 5.04 -22.74 30.04
C LYS B 18 4.12 -21.70 30.65
N ASP B 19 3.94 -21.77 31.96
CA ASP B 19 2.86 -20.98 32.53
C ASP B 19 3.55 -19.94 33.34
N VAL B 20 3.55 -18.72 32.83
CA VAL B 20 4.32 -17.64 33.44
C VAL B 20 3.42 -16.78 34.31
N ILE B 21 2.41 -16.22 33.67
CA ILE B 21 1.64 -15.19 34.30
C ILE B 21 1.11 -15.67 35.62
N PHE B 22 0.54 -16.88 35.60
CA PHE B 22 -0.24 -17.37 36.74
C PHE B 22 0.61 -17.92 37.88
N VAL B 23 1.78 -18.46 37.59
CA VAL B 23 2.60 -18.92 38.70
C VAL B 23 3.20 -17.68 39.43
N THR B 24 3.63 -16.66 38.68
CA THR B 24 4.07 -15.41 39.29
C THR B 24 2.92 -14.72 40.07
N ALA B 25 1.68 -14.71 39.54
CA ALA B 25 0.53 -14.16 40.31
C ALA B 25 0.39 -14.87 41.65
N GLY B 26 0.42 -16.21 41.60
CA GLY B 26 0.35 -17.05 42.79
C GLY B 26 1.36 -16.57 43.82
N GLN B 27 2.61 -16.40 43.40
CA GLN B 27 3.65 -15.96 44.32
C GLN B 27 3.36 -14.62 44.91
N ALA B 28 2.89 -13.71 44.05
CA ALA B 28 2.51 -12.37 44.51
C ALA B 28 1.43 -12.49 45.61
N GLN B 29 0.42 -13.29 45.33
CA GLN B 29 -0.71 -13.41 46.24
C GLN B 29 -0.28 -14.06 47.55
N ALA B 30 0.57 -15.07 47.48
CA ALA B 30 1.08 -15.72 48.67
C ALA B 30 1.75 -14.72 49.61
N ASP B 31 2.68 -13.95 49.03
CA ASP B 31 3.45 -12.94 49.76
C ASP B 31 2.50 -11.91 50.37
N ALA B 32 1.56 -11.43 49.55
CA ALA B 32 0.53 -10.49 49.99
C ALA B 32 -0.28 -11.07 51.17
N LYS B 33 -0.62 -12.35 51.09
CA LYS B 33 -1.43 -12.96 52.13
C LYS B 33 -0.71 -13.07 53.46
N GLU B 34 0.59 -13.33 53.43
CA GLU B 34 1.35 -13.43 54.66
C GLU B 34 1.79 -12.11 55.27
N ASN B 35 2.28 -11.19 54.44
CA ASN B 35 2.74 -9.88 54.89
C ASN B 35 1.83 -8.64 54.73
N GLY B 36 0.66 -8.82 54.10
CA GLY B 36 -0.24 -7.70 53.82
C GLY B 36 0.06 -6.97 52.50
N ARG B 37 -1.00 -6.47 51.86
CA ARG B 37 -0.98 -5.86 50.52
C ARG B 37 0.00 -4.70 50.42
N GLU B 38 -0.07 -3.83 51.41
CA GLU B 38 0.68 -2.61 51.41
C GLU B 38 2.12 -2.94 51.14
N ASN B 39 2.54 -4.16 51.50
CA ASN B 39 3.96 -4.57 51.41
C ASN B 39 4.42 -5.33 50.14
N VAL B 40 3.50 -5.49 49.20
CA VAL B 40 3.72 -6.25 47.98
C VAL B 40 3.29 -5.45 46.80
N VAL B 41 4.18 -5.21 45.85
CA VAL B 41 3.74 -4.51 44.66
C VAL B 41 3.30 -5.59 43.71
N ASN B 42 2.02 -5.66 43.40
CA ASN B 42 1.56 -6.76 42.56
C ASN B 42 1.13 -6.25 41.19
N GLY B 43 2.03 -6.50 40.25
CA GLY B 43 1.97 -6.03 38.89
C GLY B 43 1.71 -7.13 37.90
N THR B 44 1.13 -8.24 38.36
CA THR B 44 1.00 -9.43 37.51
C THR B 44 -0.21 -9.39 36.59
N LEU B 45 -1.40 -9.40 37.17
CA LEU B 45 -2.63 -9.63 36.43
C LEU B 45 -3.41 -8.35 36.19
N GLY B 46 -4.17 -8.38 35.11
CA GLY B 46 -5.05 -7.33 34.65
C GLY B 46 -6.34 -7.27 35.47
N ALA B 47 -6.28 -7.65 36.74
CA ALA B 47 -7.37 -7.27 37.66
C ALA B 47 -7.15 -5.86 38.29
N ILE B 48 -8.13 -4.97 38.13
CA ILE B 48 -8.09 -3.66 38.78
C ILE B 48 -8.11 -3.68 40.32
N HIS B 49 -7.18 -2.96 40.95
CA HIS B 49 -7.24 -2.72 42.38
C HIS B 49 -7.34 -1.22 42.63
N ASP B 50 -7.99 -0.82 43.72
CA ASP B 50 -8.18 0.59 44.04
C ASP B 50 -6.97 1.10 44.83
N GLU B 51 -6.95 2.40 45.16
CA GLU B 51 -5.81 3.02 45.85
C GLU B 51 -5.44 2.34 47.17
N GLU B 52 -6.41 1.67 47.78
CA GLU B 52 -6.20 0.99 49.06
C GLU B 52 -5.81 -0.47 48.86
N GLY B 53 -5.63 -0.87 47.60
CA GLY B 53 -5.08 -2.17 47.29
C GLY B 53 -6.11 -3.28 47.19
N ASN B 54 -7.39 -2.93 47.08
CA ASN B 54 -8.40 -3.98 47.01
C ASN B 54 -9.07 -4.18 45.65
N LEU B 55 -9.45 -5.43 45.37
CA LEU B 55 -9.99 -5.80 44.07
C LEU B 55 -11.23 -4.98 43.82
N VAL B 56 -11.37 -4.44 42.61
CA VAL B 56 -12.56 -3.66 42.28
C VAL B 56 -13.62 -4.49 41.55
N PHE B 57 -14.80 -4.65 42.14
CA PHE B 57 -15.99 -5.24 41.44
C PHE B 57 -17.02 -4.13 41.37
N LEU B 58 -17.28 -3.56 40.20
CA LEU B 58 -18.06 -2.33 40.22
C LEU B 58 -19.35 -2.57 41.05
N LYS B 59 -19.67 -1.62 41.94
CA LYS B 59 -20.84 -1.76 42.83
C LYS B 59 -22.09 -2.09 42.03
N THR B 60 -22.30 -1.36 40.93
CA THR B 60 -23.48 -1.51 40.10
C THR B 60 -23.49 -2.81 39.29
N VAL B 61 -22.32 -3.36 39.00
CA VAL B 61 -22.32 -4.69 38.45
C VAL B 61 -22.54 -5.72 39.56
N LYS B 62 -21.87 -5.57 40.69
CA LYS B 62 -22.03 -6.52 41.78
C LYS B 62 -23.49 -6.60 42.28
N GLU B 63 -24.13 -5.45 42.46
CA GLU B 63 -25.50 -5.36 42.95
C GLU B 63 -26.44 -6.21 42.12
N GLU B 64 -26.32 -6.07 40.80
CA GLU B 64 -27.23 -6.71 39.87
C GLU B 64 -27.04 -8.21 39.89
N TYR B 65 -25.77 -8.61 39.95
CA TYR B 65 -25.38 -9.99 39.80
C TYR B 65 -25.77 -10.86 41.01
N LEU B 66 -25.72 -10.30 42.20
CA LEU B 66 -26.14 -11.09 43.35
C LEU B 66 -27.68 -11.13 43.50
N SER B 67 -28.40 -10.19 42.86
CA SER B 67 -29.87 -10.12 42.98
C SER B 67 -30.64 -10.94 41.95
N LEU B 68 -29.94 -11.61 41.05
CA LEU B 68 -30.58 -12.31 39.92
C LEU B 68 -31.47 -13.45 40.41
N SER B 69 -32.45 -13.83 39.58
CA SER B 69 -33.40 -14.91 39.88
C SER B 69 -32.80 -16.28 39.60
N ASP B 70 -33.17 -17.28 40.41
CA ASP B 70 -32.50 -18.58 40.35
C ASP B 70 -32.33 -19.05 38.91
N SER B 71 -33.38 -18.91 38.12
CA SER B 71 -33.31 -19.23 36.69
C SER B 71 -32.14 -18.53 35.97
N GLU B 72 -31.86 -17.27 36.32
CA GLU B 72 -30.80 -16.54 35.66
C GLU B 72 -29.41 -17.00 36.11
N HIS B 73 -29.27 -17.33 37.39
CA HIS B 73 -28.02 -17.87 37.89
C HIS B 73 -27.64 -19.20 37.29
N VAL B 74 -28.52 -20.20 37.47
CA VAL B 74 -28.24 -21.54 36.96
C VAL B 74 -28.88 -22.06 35.67
N GLY B 75 -29.80 -21.31 35.08
CA GLY B 75 -30.48 -21.78 33.90
C GLY B 75 -29.47 -21.95 32.76
N TYR B 76 -29.69 -22.98 31.94
CA TYR B 76 -28.94 -23.14 30.71
C TYR B 76 -29.22 -21.95 29.82
N ALA B 77 -28.28 -21.63 28.96
CA ALA B 77 -28.50 -20.53 28.03
C ALA B 77 -28.51 -21.07 26.63
N PRO B 78 -29.15 -20.32 25.72
CA PRO B 78 -29.14 -20.62 24.29
C PRO B 78 -27.69 -20.86 23.85
N ILE B 79 -27.46 -21.80 22.94
CA ILE B 79 -26.13 -22.15 22.45
C ILE B 79 -25.36 -20.91 22.00
N ALA B 80 -26.11 -19.98 21.41
CA ALA B 80 -25.57 -18.76 20.84
C ALA B 80 -25.40 -17.63 21.86
N GLY B 81 -25.96 -17.83 23.06
CA GLY B 81 -26.07 -16.75 24.02
C GLY B 81 -27.47 -16.12 24.10
N ILE B 82 -27.70 -15.42 25.20
CA ILE B 82 -28.96 -14.77 25.43
C ILE B 82 -29.13 -13.57 24.51
N PRO B 83 -30.20 -13.58 23.68
CA PRO B 83 -30.39 -12.47 22.73
C PRO B 83 -30.24 -11.07 23.34
N ASP B 84 -30.60 -10.85 24.60
CA ASP B 84 -30.45 -9.50 25.14
C ASP B 84 -28.96 -9.19 25.41
N PHE B 85 -28.21 -10.20 25.83
CA PHE B 85 -26.76 -10.06 25.98
C PHE B 85 -26.16 -9.74 24.63
N LEU B 86 -26.43 -10.56 23.62
CA LEU B 86 -25.86 -10.33 22.30
C LEU B 86 -26.14 -8.92 21.87
N CYS B 87 -27.40 -8.52 21.86
CA CYS B 87 -27.65 -7.12 21.53
C CYS B 87 -26.92 -6.11 22.45
N ALA B 88 -26.86 -6.35 23.75
CA ALA B 88 -26.31 -5.33 24.65
C ALA B 88 -24.81 -5.26 24.50
N ALA B 89 -24.23 -6.34 23.98
CA ALA B 89 -22.81 -6.36 23.75
C ALA B 89 -22.48 -5.63 22.46
N GLU B 90 -23.36 -5.70 21.47
CA GLU B 90 -23.10 -4.99 20.23
C GLU B 90 -23.27 -3.46 20.44
N LYS B 91 -24.12 -3.10 21.40
CA LYS B 91 -24.41 -1.71 21.73
C LYS B 91 -23.29 -1.10 22.56
N GLU B 92 -22.85 -1.82 23.58
CA GLU B 92 -21.83 -1.24 24.44
C GLU B 92 -20.52 -1.12 23.68
N CYS B 93 -20.29 -2.02 22.72
CA CYS B 93 -19.07 -1.99 21.92
C CYS B 93 -19.05 -0.87 20.89
N PHE B 94 -20.09 -0.79 20.09
CA PHE B 94 -20.10 0.07 18.91
C PHE B 94 -20.37 1.56 19.14
N GLY B 95 -20.94 1.89 20.30
CA GLY B 95 -21.35 3.25 20.56
C GLY B 95 -22.23 3.89 19.49
N ASN B 96 -21.89 5.11 19.10
CA ASN B 96 -22.58 5.84 18.02
C ASN B 96 -21.98 5.53 16.64
N PHE B 97 -20.99 4.65 16.63
CA PHE B 97 -20.23 4.23 15.45
C PHE B 97 -20.59 2.91 14.72
N ARG B 98 -21.70 2.28 15.09
CA ARG B 98 -22.00 0.96 14.51
C ARG B 98 -21.96 0.96 12.97
N PRO B 99 -21.05 0.14 12.39
CA PRO B 99 -20.79 -0.01 10.95
C PRO B 99 -22.03 -0.44 10.14
N GLU B 100 -22.10 -0.06 8.86
CA GLU B 100 -23.27 -0.36 8.04
C GLU B 100 -23.04 -1.65 7.25
N GLY B 101 -23.97 -2.59 7.40
CA GLY B 101 -23.90 -3.85 6.71
C GLY B 101 -24.64 -4.90 7.52
N HIS B 102 -24.29 -6.15 7.32
CA HIS B 102 -24.93 -7.22 8.09
C HIS B 102 -23.97 -7.73 9.17
N ILE B 103 -24.40 -7.59 10.41
CA ILE B 103 -23.62 -8.04 11.55
C ILE B 103 -24.30 -9.18 12.36
N ARG B 104 -23.50 -10.06 12.90
CA ARG B 104 -24.01 -11.15 13.70
C ARG B 104 -23.02 -11.45 14.79
N SER B 105 -23.49 -11.77 15.99
CA SER B 105 -22.59 -12.02 17.08
C SER B 105 -22.94 -13.31 17.81
N ILE B 106 -21.90 -13.96 18.33
CA ILE B 106 -22.04 -15.25 19.01
C ILE B 106 -21.37 -15.25 20.36
N ALA B 107 -22.07 -15.80 21.35
CA ALA B 107 -21.55 -15.84 22.69
C ALA B 107 -20.29 -16.68 22.65
N THR B 108 -19.35 -16.36 23.53
CA THR B 108 -17.97 -16.80 23.35
C THR B 108 -17.35 -16.78 24.74
N ALA B 109 -16.25 -17.49 24.99
CA ALA B 109 -15.73 -17.38 26.34
C ALA B 109 -14.57 -16.43 26.29
N GLY B 110 -14.84 -15.19 26.66
CA GLY B 110 -13.83 -14.15 26.51
C GLY B 110 -13.30 -14.02 25.08
N GLY B 111 -12.14 -13.37 24.92
CA GLY B 111 -11.54 -13.25 23.59
C GLY B 111 -10.71 -14.48 23.22
N THR B 112 -10.33 -15.25 24.23
CA THR B 112 -9.69 -16.53 23.97
C THR B 112 -10.64 -17.46 23.17
N GLY B 113 -11.93 -17.40 23.52
CA GLY B 113 -12.96 -18.15 22.83
C GLY B 113 -13.23 -17.66 21.44
N GLY B 114 -13.39 -16.36 21.25
CA GLY B 114 -13.65 -15.81 19.91
C GLY B 114 -12.51 -16.12 18.94
N ILE B 115 -11.29 -15.75 19.33
CA ILE B 115 -10.08 -16.09 18.61
C ILE B 115 -9.99 -17.63 18.36
N HIS B 116 -10.29 -18.43 19.38
CA HIS B 116 -10.29 -19.88 19.14
C HIS B 116 -11.19 -20.27 17.96
N HIS B 117 -12.38 -19.64 17.90
CA HIS B 117 -13.40 -19.96 16.92
C HIS B 117 -13.04 -19.38 15.56
N LEU B 118 -12.52 -18.14 15.55
CA LEU B 118 -12.02 -17.50 14.35
C LEU B 118 -11.01 -18.39 13.62
N ILE B 119 -9.97 -18.83 14.34
CA ILE B 119 -8.91 -19.57 13.69
C ILE B 119 -9.37 -20.95 13.29
N HIS B 120 -10.12 -21.58 14.18
CA HIS B 120 -10.73 -22.85 13.86
C HIS B 120 -11.61 -22.79 12.60
N ASN B 121 -12.40 -21.74 12.45
CA ASN B 121 -13.27 -21.63 11.27
C ASN B 121 -12.75 -21.09 9.94
N TYR B 122 -11.85 -20.09 10.03
CA TYR B 122 -11.22 -19.44 8.86
C TYR B 122 -9.80 -19.77 8.39
N THR B 123 -9.12 -20.72 9.02
CA THR B 123 -7.78 -21.06 8.56
C THR B 123 -7.72 -22.52 8.28
N GLU B 124 -6.90 -22.91 7.33
CA GLU B 124 -6.71 -24.32 7.03
C GLU B 124 -5.67 -24.82 8.00
N PRO B 125 -5.60 -26.13 8.20
CA PRO B 125 -4.54 -26.78 8.98
C PRO B 125 -3.15 -26.51 8.42
N GLY B 126 -2.23 -26.11 9.30
CA GLY B 126 -0.90 -25.77 8.90
C GLY B 126 -0.70 -24.32 8.50
N ASP B 127 -1.80 -23.55 8.40
CA ASP B 127 -1.75 -22.12 8.03
C ASP B 127 -1.07 -21.23 9.06
N GLU B 128 -0.66 -20.07 8.61
CA GLU B 128 -0.08 -19.11 9.51
C GLU B 128 -1.09 -18.03 9.89
N VAL B 129 -0.98 -17.59 11.13
CA VAL B 129 -1.80 -16.51 11.68
C VAL B 129 -0.94 -15.27 12.04
N LEU B 130 -1.33 -14.09 11.54
CA LEU B 130 -0.46 -12.93 11.70
C LEU B 130 -0.90 -12.04 12.87
N THR B 131 0.04 -11.70 13.76
CA THR B 131 -0.15 -10.61 14.74
C THR B 131 1.12 -9.76 14.94
N ALA B 132 1.06 -8.73 15.81
CA ALA B 132 2.26 -7.93 16.10
C ALA B 132 3.27 -8.67 17.01
N ASP B 133 4.54 -8.27 17.00
CA ASP B 133 5.54 -8.94 17.84
C ASP B 133 5.31 -8.66 19.30
N TRP B 134 4.42 -7.72 19.59
CA TRP B 134 3.99 -7.54 20.98
C TRP B 134 2.52 -8.02 21.11
N TYR B 135 2.31 -9.08 21.87
CA TYR B 135 1.02 -9.75 21.82
C TYR B 135 0.83 -10.55 23.11
N TRP B 136 -0.40 -10.94 23.35
CA TRP B 136 -0.78 -11.73 24.50
C TRP B 136 -0.48 -13.17 24.20
N GLY B 137 0.36 -13.81 25.01
CA GLY B 137 0.80 -15.18 24.73
C GLY B 137 -0.30 -16.20 24.35
N ALA B 138 -1.52 -16.07 24.86
CA ALA B 138 -2.60 -17.00 24.48
C ALA B 138 -2.75 -17.20 22.96
N TYR B 139 -2.64 -16.13 22.16
CA TYR B 139 -2.75 -16.23 20.70
C TYR B 139 -1.86 -17.33 20.24
N ARG B 140 -0.64 -17.32 20.73
CA ARG B 140 0.29 -18.34 20.28
C ARG B 140 -0.19 -19.77 20.57
N VAL B 141 -0.62 -20.04 21.82
CA VAL B 141 -1.14 -21.35 22.20
C VAL B 141 -2.42 -21.71 21.40
N ILE B 142 -3.33 -20.76 21.25
CA ILE B 142 -4.51 -21.00 20.43
C ILE B 142 -4.14 -21.52 19.01
N CYS B 143 -3.06 -21.00 18.43
CA CYS B 143 -2.64 -21.45 17.10
C CYS B 143 -1.95 -22.76 17.20
N SER B 144 -1.05 -22.89 18.16
CA SER B 144 -0.22 -24.08 18.15
C SER B 144 -0.88 -25.34 18.75
N ASP B 145 -2.00 -25.20 19.49
CA ASP B 145 -2.72 -26.35 20.07
C ASP B 145 -3.48 -27.05 18.98
N THR B 146 -3.88 -26.26 17.99
CA THR B 146 -4.50 -26.70 16.74
C THR B 146 -3.61 -26.93 15.47
N GLY B 147 -2.29 -26.88 15.58
CA GLY B 147 -1.51 -27.15 14.39
C GLY B 147 -1.32 -25.93 13.48
N ARG B 148 -1.78 -24.75 13.92
CA ARG B 148 -1.44 -23.51 13.21
C ARG B 148 -0.14 -22.94 13.75
N THR B 149 0.28 -21.87 13.10
CA THR B 149 1.54 -21.18 13.41
C THR B 149 1.31 -19.68 13.45
N LEU B 150 1.50 -19.12 14.65
CA LEU B 150 1.51 -17.69 14.89
C LEU B 150 2.84 -17.14 14.41
N VAL B 151 2.79 -16.18 13.49
CA VAL B 151 3.97 -15.44 13.03
C VAL B 151 3.74 -13.96 13.31
N THR B 152 4.80 -13.16 13.37
CA THR B 152 4.70 -11.73 13.66
C THR B 152 5.37 -10.80 12.61
N TYR B 153 4.98 -9.52 12.67
CA TYR B 153 5.68 -8.41 12.03
C TYR B 153 5.99 -7.40 13.09
N SER B 154 7.01 -6.56 12.86
CA SER B 154 7.29 -5.48 13.78
C SER B 154 6.14 -4.47 13.87
N LEU B 155 5.69 -4.25 15.09
CA LEU B 155 4.62 -3.32 15.39
C LEU B 155 5.15 -1.87 15.27
N PHE B 156 6.34 -1.66 15.82
CA PHE B 156 6.94 -0.32 15.88
C PHE B 156 8.11 -0.11 14.90
N ASP B 157 8.10 1.04 14.22
CA ASP B 157 9.25 1.51 13.44
C ASP B 157 10.24 2.19 14.39
N GLU B 158 11.24 2.87 13.83
CA GLU B 158 12.26 3.55 14.66
C GLU B 158 11.64 4.56 15.63
N HIS B 159 10.57 5.20 15.21
CA HIS B 159 9.90 6.26 15.98
C HIS B 159 8.74 5.82 16.88
N ASN B 160 8.54 4.51 17.01
CA ASN B 160 7.45 4.00 17.84
C ASN B 160 6.06 4.35 17.25
N ASN B 161 6.03 4.40 15.92
CA ASN B 161 4.83 4.58 15.13
C ASN B 161 4.52 3.26 14.43
N PHE B 162 3.24 3.05 14.13
CA PHE B 162 2.83 1.80 13.56
C PHE B 162 3.70 1.54 12.33
N ASN B 163 4.35 0.39 12.29
CA ASN B 163 5.30 0.12 11.24
C ASN B 163 4.60 -0.60 10.10
N HIS B 164 4.38 0.14 9.03
CA HIS B 164 3.55 -0.32 7.93
C HIS B 164 4.34 -1.23 7.02
N GLU B 165 5.62 -0.91 6.86
CA GLU B 165 6.49 -1.70 6.01
C GLU B 165 6.52 -3.14 6.49
N ALA B 166 6.74 -3.32 7.80
CA ALA B 166 6.88 -4.64 8.38
C ALA B 166 5.57 -5.45 8.26
N PHE B 167 4.47 -4.73 8.51
CA PHE B 167 3.14 -5.26 8.46
C PHE B 167 2.86 -5.75 7.05
N GLN B 168 2.99 -4.84 6.08
CA GLN B 168 2.58 -5.13 4.72
C GLN B 168 3.41 -6.23 4.08
N ASN B 169 4.70 -6.26 4.43
CA ASN B 169 5.58 -7.36 4.03
C ASN B 169 5.08 -8.77 4.45
N ARG B 170 4.80 -8.96 5.75
CA ARG B 170 4.34 -10.25 6.28
C ARG B 170 2.99 -10.66 5.70
N VAL B 171 2.03 -9.73 5.62
CA VAL B 171 0.76 -10.03 5.00
C VAL B 171 0.97 -10.58 3.59
N ASN B 172 1.78 -9.86 2.82
CA ASN B 172 2.16 -10.27 1.49
C ASN B 172 2.70 -11.69 1.48
N GLU B 173 3.65 -11.96 2.37
CA GLU B 173 4.33 -13.25 2.37
C GLU B 173 3.35 -14.37 2.70
N LEU B 174 2.49 -14.14 3.70
CA LEU B 174 1.36 -15.03 3.95
C LEU B 174 0.48 -15.19 2.71
N ALA B 175 0.08 -14.07 2.11
CA ALA B 175 -0.95 -14.08 1.08
C ALA B 175 -0.52 -14.90 -0.11
N ALA B 176 0.78 -15.03 -0.30
CA ALA B 176 1.29 -15.86 -1.39
C ALA B 176 1.23 -17.37 -1.09
N LYS B 177 1.36 -17.71 0.19
CA LYS B 177 1.52 -19.09 0.65
C LYS B 177 0.26 -19.86 1.01
N GLN B 178 -0.86 -19.15 1.14
CA GLN B 178 -2.13 -19.77 1.52
C GLN B 178 -3.24 -18.83 1.08
N THR B 179 -4.46 -19.33 0.96
CA THR B 179 -5.53 -18.51 0.41
C THR B 179 -6.09 -17.53 1.43
N ASN B 180 -6.25 -18.01 2.66
CA ASN B 180 -6.86 -17.18 3.70
C ASN B 180 -5.85 -16.48 4.60
N VAL B 181 -5.94 -15.16 4.73
CA VAL B 181 -5.03 -14.41 5.58
C VAL B 181 -5.77 -13.92 6.79
N VAL B 182 -5.42 -14.45 7.95
CA VAL B 182 -6.06 -14.03 9.17
C VAL B 182 -5.11 -13.19 10.03
N VAL B 183 -5.60 -12.03 10.45
CA VAL B 183 -4.75 -11.06 11.09
C VAL B 183 -5.45 -10.58 12.32
N ILE B 184 -4.71 -10.59 13.42
CA ILE B 184 -5.26 -10.25 14.72
C ILE B 184 -4.66 -8.97 15.31
N PHE B 185 -5.56 -8.01 15.61
CA PHE B 185 -5.20 -6.78 16.28
C PHE B 185 -5.79 -6.69 17.69
N ASN B 186 -4.94 -6.47 18.68
CA ASN B 186 -5.47 -6.18 19.99
C ASN B 186 -5.31 -4.67 20.20
N THR B 187 -6.44 -3.97 19.98
CA THR B 187 -6.50 -2.51 20.01
C THR B 187 -7.90 -1.97 20.40
N PRO B 188 -8.02 -0.79 21.03
CA PRO B 188 -6.97 0.04 21.62
C PRO B 188 -6.61 -0.57 22.97
N GLY B 189 -5.62 0.01 23.64
CA GLY B 189 -5.20 -0.54 24.92
C GLY B 189 -4.52 -1.90 24.80
N ASN B 190 -3.59 -2.01 23.85
CA ASN B 190 -2.90 -3.25 23.60
C ASN B 190 -2.33 -3.92 24.85
N ASN B 191 -2.56 -5.22 25.00
CA ASN B 191 -1.80 -5.99 25.97
C ASN B 191 -0.64 -6.62 25.23
N PRO B 192 0.59 -6.52 25.74
CA PRO B 192 1.30 -5.87 26.86
C PRO B 192 1.65 -4.36 26.78
N THR B 193 1.67 -3.73 25.59
CA THR B 193 2.23 -2.36 25.50
C THR B 193 1.37 -1.19 25.93
N GLY B 194 0.04 -1.32 25.83
CA GLY B 194 -0.82 -0.18 26.04
C GLY B 194 -0.95 0.72 24.83
N TYR B 195 -0.42 0.27 23.69
CA TYR B 195 -0.54 1.02 22.45
C TYR B 195 -1.90 0.83 21.73
N SER B 196 -2.35 1.91 21.10
CA SER B 196 -3.59 1.92 20.33
C SER B 196 -3.32 2.31 18.89
N ILE B 197 -3.69 1.44 17.95
CA ILE B 197 -3.60 1.76 16.53
C ILE B 197 -4.37 3.08 16.30
N GLU B 198 -3.78 4.03 15.60
CA GLU B 198 -4.48 5.29 15.35
C GLU B 198 -5.50 5.18 14.20
N ASP B 199 -6.50 6.05 14.20
CA ASP B 199 -7.45 6.16 13.11
C ASP B 199 -6.73 6.23 11.76
N LYS B 200 -5.72 7.09 11.65
CA LYS B 200 -5.03 7.26 10.38
C LYS B 200 -4.33 5.98 10.01
N ASP B 201 -3.93 5.21 11.01
CA ASP B 201 -3.27 3.95 10.69
C ASP B 201 -4.23 2.87 10.18
N TRP B 202 -5.47 2.89 10.66
CA TRP B 202 -6.47 1.92 10.23
C TRP B 202 -6.82 2.16 8.77
N ASP B 203 -6.56 3.39 8.30
CA ASP B 203 -6.81 3.70 6.89
C ASP B 203 -5.81 2.98 5.98
N SER B 204 -4.53 3.09 6.31
CA SER B 204 -3.51 2.49 5.46
C SER B 204 -3.36 1.02 5.76
N ILE B 205 -3.91 0.57 6.88
CA ILE B 205 -4.02 -0.85 7.09
C ILE B 205 -5.07 -1.31 6.09
N LEU B 206 -6.25 -0.69 6.16
CA LEU B 206 -7.39 -1.15 5.38
C LEU B 206 -7.15 -1.00 3.88
N ASN B 207 -6.77 0.21 3.43
CA ASN B 207 -6.49 0.40 2.00
C ASN B 207 -5.58 -0.67 1.40
N PHE B 208 -4.53 -1.05 2.13
CA PHE B 208 -3.62 -2.13 1.70
C PHE B 208 -4.21 -3.54 1.70
N LEU B 209 -5.04 -3.85 2.69
CA LEU B 209 -5.69 -5.15 2.69
C LEU B 209 -6.60 -5.24 1.48
N LYS B 210 -7.40 -4.19 1.30
CA LYS B 210 -8.41 -4.13 0.23
C LYS B 210 -7.71 -4.16 -1.17
N ASP B 211 -6.46 -3.70 -1.26
CA ASP B 211 -5.72 -3.76 -2.53
C ASP B 211 -5.17 -5.16 -2.77
N LEU B 212 -4.72 -5.77 -1.68
CA LEU B 212 -4.35 -7.18 -1.70
C LEU B 212 -5.57 -8.00 -2.17
N VAL B 213 -6.68 -7.84 -1.45
CA VAL B 213 -7.96 -8.49 -1.74
C VAL B 213 -8.41 -8.20 -3.17
N ALA B 214 -8.00 -7.04 -3.68
CA ALA B 214 -8.26 -6.62 -5.06
C ALA B 214 -7.51 -7.42 -6.14
N ILE B 215 -6.29 -7.89 -5.85
CA ILE B 215 -5.56 -8.74 -6.78
C ILE B 215 -6.38 -10.03 -7.03
N GLY B 216 -7.35 -10.29 -6.15
CA GLY B 216 -8.42 -11.24 -6.38
C GLY B 216 -8.28 -12.63 -5.76
N ARG B 217 -7.04 -13.05 -5.48
CA ARG B 217 -6.78 -14.43 -5.09
C ARG B 217 -6.69 -14.74 -3.57
N ASN B 218 -6.98 -13.77 -2.71
CA ASN B 218 -6.99 -14.02 -1.25
C ASN B 218 -8.22 -13.46 -0.55
N ASN B 219 -8.51 -14.02 0.62
CA ASN B 219 -9.47 -13.44 1.56
C ASN B 219 -8.72 -12.93 2.78
N VAL B 220 -9.23 -11.86 3.41
CA VAL B 220 -8.61 -11.39 4.66
C VAL B 220 -9.64 -11.33 5.80
N ILE B 221 -9.31 -12.01 6.89
CA ILE B 221 -10.15 -11.99 8.08
C ILE B 221 -9.46 -11.21 9.18
N ILE B 222 -10.05 -10.11 9.61
CA ILE B 222 -9.33 -9.27 10.55
C ILE B 222 -9.83 -9.48 11.99
N GLY B 223 -9.04 -10.17 12.79
CA GLY B 223 -9.39 -10.40 14.18
C GLY B 223 -9.19 -9.13 14.94
N ILE B 224 -10.18 -8.65 15.68
CA ILE B 224 -9.86 -7.49 16.52
C ILE B 224 -10.22 -7.72 17.98
N ASP B 225 -9.20 -7.81 18.84
CA ASP B 225 -9.46 -8.09 20.23
C ASP B 225 -9.60 -6.75 20.85
N VAL B 226 -10.82 -6.45 21.25
CA VAL B 226 -11.19 -5.17 21.84
C VAL B 226 -11.29 -5.04 23.38
N ALA B 227 -10.80 -6.02 24.14
CA ALA B 227 -10.99 -6.08 25.60
C ALA B 227 -10.64 -4.84 26.47
N TYR B 228 -9.72 -4.03 25.99
CA TYR B 228 -9.38 -2.82 26.73
C TYR B 228 -10.10 -1.56 26.21
N LEU B 229 -11.04 -1.76 25.29
CA LEU B 229 -11.78 -0.65 24.68
C LEU B 229 -12.38 0.42 25.61
N ASP B 230 -12.82 0.05 26.82
CA ASP B 230 -13.37 1.09 27.73
C ASP B 230 -12.29 1.80 28.56
N TYR B 231 -11.10 1.23 28.58
CA TYR B 231 -9.94 1.76 29.29
C TYR B 231 -8.93 2.57 28.45
N SER B 232 -9.28 2.84 27.21
CA SER B 232 -8.39 3.50 26.26
C SER B 232 -8.55 4.99 25.95
N GLY B 233 -9.55 5.64 26.55
CA GLY B 233 -9.83 7.04 26.22
C GLY B 233 -11.28 7.50 26.35
N GLU B 234 -11.61 8.60 25.69
CA GLU B 234 -12.98 9.07 25.65
C GLU B 234 -13.87 8.16 24.78
N LYS B 235 -15.10 7.94 25.22
CA LYS B 235 -15.96 6.92 24.63
C LYS B 235 -16.16 7.02 23.13
N ASP B 236 -16.23 8.24 22.60
CA ASP B 236 -16.40 8.40 21.16
C ASP B 236 -15.09 8.25 20.39
N GLU B 237 -14.02 8.62 21.04
CA GLU B 237 -12.74 8.71 20.36
C GLU B 237 -12.23 7.31 20.02
N VAL B 238 -12.16 6.43 21.02
CA VAL B 238 -11.59 5.11 20.77
C VAL B 238 -12.48 4.23 19.89
N ARG B 239 -13.79 4.56 19.83
CA ARG B 239 -14.75 3.80 19.00
C ARG B 239 -14.93 4.29 17.56
N ALA B 240 -14.47 5.49 17.24
CA ALA B 240 -14.67 6.04 15.90
C ALA B 240 -14.25 5.08 14.76
N PHE B 241 -13.14 4.36 14.93
CA PHE B 241 -12.60 3.53 13.85
C PHE B 241 -13.57 2.44 13.31
N PHE B 242 -14.57 2.02 14.10
CA PHE B 242 -15.50 0.99 13.60
C PHE B 242 -16.07 1.41 12.27
N ASN B 243 -16.36 2.69 12.11
CA ASN B 243 -16.98 3.16 10.88
C ASN B 243 -16.20 2.73 9.64
N LYS B 244 -14.90 2.53 9.79
CA LYS B 244 -14.04 2.27 8.66
C LYS B 244 -14.29 0.90 8.07
N PHE B 245 -14.92 0.04 8.87
CA PHE B 245 -15.27 -1.31 8.43
C PHE B 245 -16.52 -1.42 7.59
N SER B 246 -17.42 -0.45 7.71
CA SER B 246 -18.61 -0.41 6.87
C SER B 246 -18.24 -0.56 5.40
N HIS B 247 -18.99 -1.44 4.72
CA HIS B 247 -18.83 -1.65 3.28
C HIS B 247 -17.38 -1.88 2.83
N LEU B 248 -16.61 -2.67 3.57
CA LEU B 248 -15.34 -3.16 3.03
C LEU B 248 -15.69 -4.09 1.87
N PRO B 249 -14.68 -4.64 1.16
CA PRO B 249 -15.18 -5.54 0.13
C PRO B 249 -15.71 -6.84 0.77
N LYS B 250 -16.22 -7.76 -0.06
CA LYS B 250 -16.84 -8.97 0.45
C LYS B 250 -15.81 -10.09 0.69
N GLU B 251 -14.58 -9.87 0.21
CA GLU B 251 -13.43 -10.76 0.43
C GLU B 251 -12.69 -10.46 1.73
N ILE B 252 -13.19 -9.48 2.50
CA ILE B 252 -12.60 -9.12 3.77
C ILE B 252 -13.66 -9.22 4.85
N LEU B 253 -13.36 -10.00 5.87
CA LEU B 253 -14.30 -10.22 6.96
C LEU B 253 -13.70 -9.71 8.27
N THR B 254 -14.53 -9.07 9.07
CA THR B 254 -14.08 -8.44 10.29
C THR B 254 -14.78 -9.09 11.47
N CYS B 255 -14.00 -9.60 12.41
CA CYS B 255 -14.60 -10.17 13.60
C CYS B 255 -14.07 -9.41 14.80
N VAL B 256 -14.94 -8.67 15.46
CA VAL B 256 -14.57 -7.93 16.66
C VAL B 256 -14.84 -8.79 17.89
N CYS B 257 -13.79 -9.19 18.60
CA CYS B 257 -13.96 -10.03 19.77
C CYS B 257 -14.04 -9.17 20.99
N TYR B 258 -15.24 -9.13 21.56
CA TYR B 258 -15.55 -8.18 22.63
C TYR B 258 -15.69 -9.01 23.91
N SER B 259 -15.36 -8.43 25.05
CA SER B 259 -15.30 -9.19 26.29
C SER B 259 -15.95 -8.37 27.39
N LEU B 260 -16.64 -8.99 28.32
CA LEU B 260 -17.12 -8.20 29.45
C LEU B 260 -16.19 -8.36 30.63
N SER B 261 -15.14 -9.17 30.47
CA SER B 261 -14.20 -9.37 31.56
C SER B 261 -13.64 -8.06 32.12
N LYS B 262 -13.03 -7.22 31.28
CA LYS B 262 -12.49 -5.92 31.75
C LYS B 262 -13.56 -4.83 31.95
N GLY B 263 -14.38 -4.60 30.93
CA GLY B 263 -15.34 -3.50 30.96
C GLY B 263 -16.29 -3.61 32.15
N PHE B 264 -16.66 -4.83 32.52
CA PHE B 264 -17.54 -5.04 33.68
C PHE B 264 -16.85 -5.42 34.98
N THR B 265 -15.52 -5.49 34.95
CA THR B 265 -14.74 -6.02 36.05
C THR B 265 -15.30 -7.34 36.56
N MSE B 266 -15.78 -8.22 35.68
CA MSE B 266 -15.78 -9.62 36.10
C MSE B 266 -14.62 -10.21 35.31
O MSE B 266 -14.79 -10.81 34.24
CB MSE B 266 -17.09 -10.28 35.65
CG MSE B 266 -18.38 -9.47 36.09
SE MSE B 266 -20.16 -10.17 35.56
CE MSE B 266 -20.45 -9.09 33.95
N TYR B 267 -13.48 -10.26 35.99
CA TYR B 267 -12.23 -10.43 35.24
C TYR B 267 -11.96 -11.85 34.90
N GLY B 268 -12.21 -12.72 35.89
CA GLY B 268 -11.85 -14.14 35.81
C GLY B 268 -12.89 -14.93 35.06
N GLN B 269 -14.03 -14.29 34.80
CA GLN B 269 -15.16 -14.93 34.12
C GLN B 269 -15.16 -14.66 32.62
N ARG B 270 -14.93 -15.68 31.80
CA ARG B 270 -14.58 -15.42 30.42
C ARG B 270 -15.87 -15.58 29.65
N VAL B 271 -16.41 -14.40 29.32
CA VAL B 271 -17.72 -14.23 28.68
C VAL B 271 -17.52 -13.09 27.73
N GLY B 272 -17.87 -13.26 26.47
CA GLY B 272 -17.70 -12.17 25.55
C GLY B 272 -18.52 -12.45 24.32
N ALA B 273 -18.29 -11.68 23.27
CA ALA B 273 -19.02 -11.93 22.04
C ALA B 273 -18.10 -11.73 20.86
N MSE B 274 -18.09 -12.69 19.93
CA MSE B 274 -17.49 -12.45 18.63
C MSE B 274 -18.55 -11.90 17.64
O MSE B 274 -19.55 -12.60 17.30
CB MSE B 274 -16.78 -13.71 18.10
CG MSE B 274 -17.71 -14.82 17.65
SE MSE B 274 -16.78 -16.53 17.44
CE MSE B 274 -15.51 -16.06 16.03
N ILE B 275 -18.34 -10.64 17.23
CA ILE B 275 -19.23 -9.90 16.36
C ILE B 275 -18.62 -9.87 14.95
N GLY B 276 -19.22 -10.60 14.01
CA GLY B 276 -18.74 -10.58 12.64
C GLY B 276 -19.44 -9.46 11.90
N ILE B 277 -18.71 -8.86 10.95
CA ILE B 277 -19.20 -7.76 10.10
C ILE B 277 -18.92 -8.03 8.62
N SER B 278 -19.96 -8.09 7.80
CA SER B 278 -19.71 -8.32 6.38
C SER B 278 -20.56 -7.47 5.43
N ASP B 279 -20.04 -7.32 4.22
CA ASP B 279 -20.76 -6.64 3.16
C ASP B 279 -21.97 -7.51 2.84
N ASP B 280 -21.74 -8.81 2.77
CA ASP B 280 -22.76 -9.76 2.29
C ASP B 280 -23.57 -10.44 3.40
N GLU B 281 -24.87 -10.60 3.15
CA GLU B 281 -25.78 -11.21 4.13
C GLU B 281 -25.41 -12.67 4.34
N GLU B 282 -24.84 -13.27 3.30
CA GLU B 282 -24.52 -14.70 3.32
C GLU B 282 -23.24 -15.04 4.09
N ILE B 283 -22.22 -14.21 3.92
CA ILE B 283 -20.97 -14.35 4.67
C ILE B 283 -21.27 -14.20 6.16
N ALA B 284 -22.17 -13.29 6.48
CA ALA B 284 -22.49 -12.94 7.87
C ALA B 284 -23.39 -13.94 8.58
N ASP B 285 -24.29 -14.58 7.83
CA ASP B 285 -25.10 -15.67 8.38
C ASP B 285 -24.20 -16.86 8.64
N GLU B 286 -23.24 -17.06 7.74
CA GLU B 286 -22.25 -18.16 7.84
C GLU B 286 -21.35 -18.04 9.07
N PHE B 287 -20.87 -16.83 9.32
CA PHE B 287 -20.17 -16.52 10.55
C PHE B 287 -21.03 -16.99 11.72
N PHE B 288 -22.33 -16.74 11.63
CA PHE B 288 -23.25 -17.09 12.70
C PHE B 288 -23.30 -18.59 12.94
N GLU B 289 -23.62 -19.34 11.89
CA GLU B 289 -23.83 -20.79 11.98
C GLU B 289 -22.52 -21.52 12.28
N VAL B 290 -21.50 -21.21 11.49
CA VAL B 290 -20.21 -21.83 11.66
C VAL B 290 -19.82 -21.69 13.12
N ASN B 291 -19.92 -20.48 13.66
CA ASN B 291 -19.47 -20.29 15.03
C ASN B 291 -20.43 -20.91 16.06
N LYS B 292 -21.72 -20.83 15.78
CA LYS B 292 -22.73 -21.44 16.61
C LYS B 292 -22.40 -22.92 16.79
N SER B 293 -22.07 -23.58 15.70
CA SER B 293 -21.66 -24.98 15.72
C SER B 293 -20.44 -25.25 16.62
N THR B 294 -19.38 -24.48 16.41
CA THR B 294 -18.15 -24.69 17.16
C THR B 294 -18.44 -24.47 18.66
N SER B 295 -19.43 -23.62 18.97
CA SER B 295 -19.82 -23.34 20.36
C SER B 295 -20.45 -24.56 21.01
N ARG B 296 -21.51 -25.09 20.41
CA ARG B 296 -22.06 -26.37 20.86
C ARG B 296 -20.98 -27.46 20.92
N ALA B 297 -20.09 -27.47 19.92
CA ALA B 297 -19.02 -28.47 19.79
C ALA B 297 -17.88 -28.32 20.81
N THR B 298 -17.86 -27.21 21.55
CA THR B 298 -16.78 -26.96 22.50
C THR B 298 -17.23 -26.82 23.96
N TRP B 299 -17.88 -25.72 24.31
CA TRP B 299 -18.45 -25.56 25.65
C TRP B 299 -19.98 -25.66 25.74
N SER B 300 -20.57 -25.72 24.56
CA SER B 300 -21.98 -25.84 24.25
C SER B 300 -22.88 -24.71 24.74
N ASN B 301 -22.54 -24.04 25.83
CA ASN B 301 -23.14 -22.74 26.20
C ASN B 301 -22.34 -21.90 27.23
N ILE B 302 -22.61 -20.60 27.28
CA ILE B 302 -21.78 -19.61 27.97
C ILE B 302 -22.39 -19.21 29.29
N CYS B 303 -21.60 -18.80 30.28
CA CYS B 303 -22.15 -18.53 31.60
C CYS B 303 -23.38 -17.58 31.54
N ARG B 304 -24.50 -18.01 32.13
CA ARG B 304 -25.76 -17.27 32.06
C ARG B 304 -25.85 -15.94 32.85
N PRO B 305 -25.51 -15.97 34.15
CA PRO B 305 -25.50 -14.76 35.01
C PRO B 305 -24.58 -13.61 34.56
N ALA B 306 -23.37 -13.91 34.10
CA ALA B 306 -22.50 -12.88 33.55
C ALA B 306 -23.22 -12.11 32.45
N MSE B 307 -23.73 -12.82 31.44
CA MSE B 307 -24.52 -12.21 30.38
C MSE B 307 -25.77 -11.43 30.86
O MSE B 307 -25.97 -10.27 30.51
CB MSE B 307 -24.98 -13.29 29.37
CG MSE B 307 -23.92 -13.80 28.38
SE MSE B 307 -24.38 -15.51 27.50
CE MSE B 307 -24.28 -15.09 25.64
N ARG B 308 -26.61 -12.06 31.66
CA ARG B 308 -27.86 -11.44 32.11
C ARG B 308 -27.54 -10.22 32.99
N THR B 309 -26.47 -10.35 33.78
CA THR B 309 -26.06 -9.23 34.58
C THR B 309 -25.79 -8.13 33.61
N MSE B 310 -24.94 -8.39 32.62
CA MSE B 310 -24.59 -7.37 31.64
C MSE B 310 -25.85 -6.79 30.96
O MSE B 310 -26.13 -5.56 30.99
CB MSE B 310 -23.67 -7.95 30.58
CG MSE B 310 -22.84 -6.94 29.80
SE MSE B 310 -23.27 -6.77 27.90
CE MSE B 310 -21.45 -6.55 27.22
N ALA B 311 -26.58 -7.68 30.33
CA ALA B 311 -27.78 -7.34 29.60
C ALA B 311 -28.68 -6.44 30.47
N ASN B 312 -28.89 -6.84 31.72
CA ASN B 312 -29.68 -6.02 32.67
C ASN B 312 -29.15 -4.60 32.73
N ILE B 313 -27.91 -4.46 33.19
CA ILE B 313 -27.37 -3.11 33.37
C ILE B 313 -27.48 -2.26 32.11
N VAL B 314 -27.22 -2.85 30.94
CA VAL B 314 -27.23 -2.06 29.72
C VAL B 314 -28.63 -1.50 29.47
N ALA B 315 -29.65 -2.32 29.78
CA ALA B 315 -31.06 -1.95 29.57
C ALA B 315 -31.47 -0.68 30.33
N ASP B 316 -31.29 -0.72 31.65
CA ASP B 316 -31.78 0.31 32.57
C ASP B 316 -30.80 1.46 32.61
N PRO B 317 -31.20 2.61 32.06
CA PRO B 317 -30.39 3.84 31.98
C PRO B 317 -29.88 4.38 33.32
N ALA B 318 -30.67 4.35 34.39
CA ALA B 318 -30.17 4.75 35.71
C ALA B 318 -28.99 3.90 36.20
N LYS B 319 -29.14 2.59 36.17
CA LYS B 319 -28.07 1.66 36.55
C LYS B 319 -26.81 1.84 35.68
N PHE B 320 -27.02 1.95 34.37
CA PHE B 320 -25.96 2.00 33.39
C PHE B 320 -25.08 3.25 33.46
N LYS B 321 -25.72 4.42 33.51
CA LYS B 321 -24.98 5.67 33.59
C LYS B 321 -24.28 5.66 34.93
N GLU B 322 -24.82 4.88 35.87
CA GLU B 322 -24.20 4.67 37.17
C GLU B 322 -22.99 3.72 37.03
N TYR B 323 -23.15 2.64 36.28
CA TYR B 323 -22.03 1.75 35.92
C TYR B 323 -20.93 2.56 35.27
N GLU B 324 -21.31 3.31 34.23
CA GLU B 324 -20.37 4.11 33.47
C GLU B 324 -19.54 5.02 34.36
N ALA B 325 -20.21 5.77 35.23
CA ALA B 325 -19.55 6.64 36.22
C ALA B 325 -18.46 5.89 36.97
N GLU B 326 -18.89 4.86 37.69
CA GLU B 326 -18.02 3.95 38.46
C GLU B 326 -16.82 3.47 37.65
N ARG B 327 -17.07 2.99 36.44
CA ARG B 327 -16.02 2.44 35.60
C ARG B 327 -14.95 3.45 35.24
N ASN B 328 -15.37 4.64 34.83
CA ASN B 328 -14.42 5.70 34.42
C ASN B 328 -13.55 6.25 35.56
N CYS B 329 -14.11 6.23 36.77
CA CYS B 329 -13.38 6.53 38.01
C CYS B 329 -12.07 5.76 38.02
N TYR B 330 -12.19 4.43 37.98
CA TYR B 330 -11.04 3.52 37.96
C TYR B 330 -10.21 3.67 36.69
N TYR B 331 -10.87 4.00 35.58
CA TYR B 331 -10.16 4.27 34.35
C TYR B 331 -9.20 5.45 34.57
N GLN B 332 -9.71 6.45 35.28
CA GLN B 332 -8.95 7.66 35.60
C GLN B 332 -7.75 7.36 36.47
N LEU B 333 -7.93 6.40 37.37
CA LEU B 333 -6.94 6.03 38.35
C LEU B 333 -5.74 5.41 37.59
N ILE B 334 -6.07 4.65 36.55
CA ILE B 334 -5.10 3.94 35.74
C ILE B 334 -4.34 4.85 34.73
N ARG B 335 -4.99 5.86 34.18
CA ARG B 335 -4.28 6.79 33.31
C ARG B 335 -3.25 7.48 34.17
N ASP B 336 -3.69 7.87 35.35
CA ASP B 336 -2.89 8.59 36.31
C ASP B 336 -1.64 7.80 36.77
N ARG B 337 -1.85 6.54 37.13
CA ARG B 337 -0.74 5.67 37.49
C ARG B 337 0.25 5.55 36.34
N ALA B 338 -0.24 5.21 35.15
CA ALA B 338 0.67 5.05 34.01
C ALA B 338 1.49 6.31 33.75
N ASP B 339 0.89 7.48 33.99
CA ASP B 339 1.57 8.75 33.78
C ASP B 339 2.65 9.01 34.84
N ILE B 340 2.45 8.51 36.06
CA ILE B 340 3.48 8.57 37.07
C ILE B 340 4.73 7.78 36.64
N PHE B 341 4.51 6.55 36.23
CA PHE B 341 5.61 5.73 35.82
C PHE B 341 6.28 6.34 34.59
N LYS B 342 5.46 6.78 33.64
CA LYS B 342 5.96 7.34 32.39
C LYS B 342 6.90 8.54 32.62
N GLN B 343 6.50 9.42 33.54
N GLN B 343 6.53 9.42 33.53
CA GLN B 343 7.30 10.57 33.90
CA GLN B 343 7.37 10.57 33.81
C GLN B 343 8.62 10.13 34.55
C GLN B 343 8.64 10.18 34.59
N GLU B 344 8.52 9.29 35.57
CA GLU B 344 9.68 8.79 36.32
C GLU B 344 10.64 7.98 35.48
N ALA B 345 10.14 7.34 34.44
CA ALA B 345 10.93 6.54 33.50
C ALA B 345 11.73 7.37 32.52
N ALA B 346 11.08 8.38 31.93
CA ALA B 346 11.77 9.38 31.12
C ALA B 346 12.89 9.95 31.98
N GLN B 347 12.51 10.30 33.21
CA GLN B 347 13.40 10.87 34.21
C GLN B 347 14.65 10.01 34.46
N VAL B 348 14.47 8.73 34.81
CA VAL B 348 15.63 7.95 35.21
C VAL B 348 16.36 7.28 34.02
N GLY B 349 15.80 7.41 32.81
CA GLY B 349 16.35 6.78 31.63
C GLY B 349 16.05 5.30 31.46
N LEU B 350 14.82 4.90 31.80
CA LEU B 350 14.35 3.53 31.59
C LEU B 350 13.39 3.54 30.43
N PRO B 351 13.76 2.91 29.31
CA PRO B 351 12.93 2.96 28.10
C PRO B 351 11.58 2.28 28.35
N MSE B 352 10.52 2.83 27.80
CA MSE B 352 9.24 2.13 27.83
C MSE B 352 8.52 2.21 26.48
O MSE B 352 8.77 3.07 25.66
CB MSE B 352 8.38 2.63 28.99
CG MSE B 352 7.93 4.02 28.81
SE MSE B 352 6.52 4.49 30.12
CE MSE B 352 4.95 3.85 29.12
N LEU B 353 7.62 1.27 26.22
CA LEU B 353 6.89 1.37 24.98
C LEU B 353 5.75 2.34 25.16
N PRO B 354 5.18 2.79 24.03
CA PRO B 354 4.25 3.91 23.98
C PRO B 354 2.87 3.57 24.52
N TYR B 355 2.65 3.67 25.83
CA TYR B 355 1.33 3.41 26.38
C TYR B 355 0.27 4.47 26.00
N ARG B 356 -0.78 4.09 25.28
CA ARG B 356 -1.97 4.96 25.17
C ARG B 356 -3.22 4.54 25.99
N GLY B 357 -3.18 3.36 26.60
CA GLY B 357 -4.38 2.81 27.22
C GLY B 357 -4.20 1.41 27.74
N GLY B 358 -5.16 0.98 28.55
CA GLY B 358 -5.22 -0.42 28.97
C GLY B 358 -4.69 -0.60 30.37
N PHE B 359 -4.54 -1.86 30.77
CA PHE B 359 -4.08 -2.23 32.10
C PHE B 359 -2.56 -2.34 32.20
N PHE B 360 -1.88 -2.40 31.04
CA PHE B 360 -0.46 -2.79 30.99
C PHE B 360 0.61 -1.82 30.41
N ILE B 361 1.72 -1.70 31.11
CA ILE B 361 2.94 -1.02 30.64
C ILE B 361 4.04 -2.07 30.40
N THR B 362 4.80 -1.91 29.32
CA THR B 362 5.91 -2.83 29.13
C THR B 362 7.23 -2.11 28.87
N ILE B 363 8.26 -2.64 29.52
CA ILE B 363 9.64 -2.20 29.44
C ILE B 363 10.42 -3.18 28.55
N PRO B 364 10.83 -2.75 27.35
CA PRO B 364 11.52 -3.73 26.51
C PRO B 364 12.90 -4.14 27.08
N THR B 365 13.16 -5.43 27.22
CA THR B 365 14.51 -5.92 27.49
C THR B 365 14.53 -7.38 27.15
N ASP B 366 15.69 -7.96 26.85
CA ASP B 366 15.64 -9.39 26.56
C ASP B 366 16.05 -10.16 27.81
N SER B 367 16.30 -9.42 28.90
CA SER B 367 16.64 -10.02 30.18
C SER B 367 15.51 -10.20 31.26
N ALA B 368 14.25 -10.01 30.88
CA ALA B 368 13.16 -9.89 31.87
C ALA B 368 13.09 -11.01 32.93
N ASN B 369 13.45 -12.22 32.55
CA ASN B 369 13.50 -13.29 33.51
C ASN B 369 14.44 -13.03 34.68
N ALA B 370 15.72 -12.71 34.39
CA ALA B 370 16.68 -12.44 35.48
C ALA B 370 16.24 -11.22 36.27
N ILE B 371 15.80 -10.20 35.57
CA ILE B 371 15.35 -9.00 36.26
C ILE B 371 14.11 -9.20 37.20
N CYS B 372 13.06 -9.88 36.70
CA CYS B 372 11.86 -10.12 37.55
C CYS B 372 12.20 -11.00 38.75
N GLU B 373 13.16 -11.88 38.56
CA GLU B 373 13.64 -12.69 39.65
C GLU B 373 14.25 -11.86 40.75
N GLU B 374 15.00 -10.83 40.36
CA GLU B 374 15.60 -9.95 41.34
C GLU B 374 14.50 -9.09 41.97
N LEU B 375 13.62 -8.54 41.16
CA LEU B 375 12.55 -7.71 41.70
C LEU B 375 11.75 -8.44 42.79
N LYS B 376 11.49 -9.72 42.59
CA LYS B 376 10.74 -10.49 43.58
C LYS B 376 11.37 -10.44 44.98
N LYS B 377 12.71 -10.35 45.05
CA LYS B 377 13.40 -10.25 46.35
C LYS B 377 13.07 -8.93 47.06
N GLU B 378 12.59 -7.96 46.29
CA GLU B 378 12.05 -6.70 46.79
C GLU B 378 10.51 -6.66 46.96
N HIS B 379 9.85 -7.81 46.73
CA HIS B 379 8.40 -7.90 46.81
C HIS B 379 7.76 -7.12 45.71
N ILE B 380 8.46 -7.04 44.58
CA ILE B 380 7.88 -6.45 43.37
C ILE B 380 7.59 -7.56 42.41
N TYR B 381 6.32 -7.76 42.07
CA TYR B 381 5.96 -8.92 41.21
C TYR B 381 5.48 -8.37 39.88
N VAL B 382 6.28 -8.61 38.85
CA VAL B 382 5.88 -8.27 37.48
C VAL B 382 6.18 -9.46 36.57
N ILE B 383 5.77 -9.36 35.31
CA ILE B 383 5.72 -10.49 34.40
C ILE B 383 6.77 -10.41 33.30
N ALA B 384 7.56 -11.48 33.20
CA ALA B 384 8.67 -11.58 32.25
C ALA B 384 8.17 -12.17 30.96
N LEU B 385 8.14 -11.36 29.92
CA LEU B 385 7.95 -11.86 28.58
C LEU B 385 9.35 -12.14 28.01
N ALA B 386 9.36 -12.68 26.78
CA ALA B 386 10.58 -13.00 26.04
C ALA B 386 11.38 -11.73 25.65
N ASN B 387 10.63 -10.73 25.17
CA ASN B 387 11.10 -9.39 24.78
C ASN B 387 10.84 -8.28 25.81
N GLY B 388 10.29 -8.61 26.99
CA GLY B 388 10.01 -7.56 27.96
C GLY B 388 9.37 -7.86 29.33
N ILE B 389 9.35 -6.83 30.16
CA ILE B 389 8.66 -6.85 31.43
C ILE B 389 7.32 -6.16 31.31
N ARG B 390 6.28 -6.95 31.53
CA ARG B 390 4.91 -6.38 31.54
C ARG B 390 4.46 -6.00 32.96
N ILE B 391 4.07 -4.73 33.14
CA ILE B 391 3.65 -4.23 34.43
C ILE B 391 2.13 -3.99 34.41
N ALA B 392 1.39 -4.56 35.38
CA ALA B 392 -0.05 -4.35 35.31
C ALA B 392 -0.34 -3.11 36.11
N ALA B 393 -0.65 -2.04 35.40
CA ALA B 393 -0.78 -0.72 36.01
C ALA B 393 -2.06 -0.77 36.82
N CYS B 394 -3.04 -1.51 36.32
CA CYS B 394 -4.34 -1.65 36.98
C CYS B 394 -4.22 -2.12 38.45
N GLY B 395 -3.19 -2.89 38.77
CA GLY B 395 -3.09 -3.50 40.09
C GLY B 395 -2.27 -2.75 41.12
N ILE B 396 -1.65 -1.64 40.70
CA ILE B 396 -0.65 -0.92 41.54
C ILE B 396 -1.09 0.49 41.90
N PRO B 397 -1.35 0.72 43.20
CA PRO B 397 -1.76 2.03 43.72
C PRO B 397 -0.71 3.13 43.45
N LYS B 398 -1.15 4.38 43.30
CA LYS B 398 -0.26 5.52 43.04
C LYS B 398 0.90 5.53 44.02
N CYS B 399 0.63 5.29 45.30
CA CYS B 399 1.70 5.26 46.26
C CYS B 399 2.77 4.20 46.02
N GLN B 400 2.46 3.08 45.36
CA GLN B 400 3.53 2.16 44.95
C GLN B 400 4.09 2.33 43.54
N MSE B 401 3.41 3.11 42.72
CA MSE B 401 3.83 3.35 41.35
C MSE B 401 4.98 4.38 41.32
O MSE B 401 5.80 4.39 40.38
CB MSE B 401 2.68 3.86 40.48
CG MSE B 401 3.01 3.88 39.01
SE MSE B 401 3.24 2.04 38.44
CE MSE B 401 2.08 1.99 36.90
N THR B 402 5.00 5.21 42.37
CA THR B 402 6.04 6.22 42.58
C THR B 402 7.35 5.57 43.01
N GLY B 403 8.44 5.87 42.27
CA GLY B 403 9.71 5.18 42.47
C GLY B 403 9.82 3.78 41.85
N LEU B 404 8.74 3.24 41.30
CA LEU B 404 8.86 1.90 40.72
C LEU B 404 9.87 1.89 39.57
N ALA B 405 9.71 2.82 38.62
CA ALA B 405 10.53 2.86 37.41
C ALA B 405 11.99 2.73 37.82
N GLU B 406 12.37 3.54 38.82
CA GLU B 406 13.71 3.53 39.38
C GLU B 406 14.11 2.24 40.12
N LYS B 407 13.18 1.62 40.83
CA LYS B 407 13.48 0.30 41.39
C LYS B 407 13.73 -0.70 40.24
N ILE B 408 12.92 -0.63 39.19
CA ILE B 408 13.18 -1.48 38.03
C ILE B 408 14.57 -1.21 37.40
N TYR B 409 14.84 0.06 37.07
CA TYR B 409 16.12 0.45 36.47
C TYR B 409 17.29 0.00 37.33
N ASN B 410 17.16 0.16 38.65
CA ASN B 410 18.22 -0.20 39.57
C ASN B 410 18.47 -1.70 39.56
N ALA B 411 17.42 -2.47 39.36
CA ALA B 411 17.56 -3.91 39.28
C ALA B 411 18.31 -4.32 37.99
N MSE B 412 17.96 -3.69 36.86
CA MSE B 412 18.63 -4.03 35.59
C MSE B 412 20.11 -3.69 35.63
O MSE B 412 20.93 -4.43 35.08
CB MSE B 412 18.01 -3.32 34.40
CG MSE B 412 16.53 -3.61 34.27
SE MSE B 412 15.77 -2.57 32.85
CE MSE B 412 17.37 -2.28 31.72
N LYS B 413 20.44 -2.59 36.32
CA LYS B 413 21.84 -2.13 36.40
C LYS B 413 22.66 -2.98 37.35
N SER B 414 22.09 -3.32 38.51
CA SER B 414 22.74 -4.25 39.43
C SER B 414 23.15 -5.57 38.82
N LEU B 415 22.36 -6.07 37.87
CA LEU B 415 22.59 -7.35 37.20
C LEU B 415 23.30 -7.20 35.87
N GLY B 416 23.58 -5.98 35.46
CA GLY B 416 24.46 -5.73 34.34
C GLY B 416 23.77 -5.99 33.05
N LYS B 417 22.47 -5.72 33.08
CA LYS B 417 21.57 -5.88 31.94
C LYS B 417 21.15 -4.65 31.13
N LEU B 418 21.76 -3.50 31.41
CA LEU B 418 21.43 -2.21 30.72
C LEU B 418 20.72 -1.16 31.60
N THR C 5 27.23 -2.29 -39.20
CA THR C 5 26.09 -2.88 -38.49
C THR C 5 25.19 -1.83 -37.81
N SER C 6 24.04 -1.56 -38.43
CA SER C 6 23.20 -0.39 -38.11
C SER C 6 21.75 -0.78 -38.16
N VAL C 7 20.97 -0.39 -37.15
CA VAL C 7 19.50 -0.44 -37.22
C VAL C 7 18.78 0.91 -37.52
N ALA C 8 19.54 1.99 -37.63
CA ALA C 8 18.95 3.32 -37.83
C ALA C 8 18.24 3.49 -39.18
N ALA C 9 17.39 4.50 -39.27
CA ALA C 9 16.68 4.81 -40.51
C ALA C 9 17.65 5.21 -41.64
N LYS C 10 17.23 5.06 -42.88
CA LYS C 10 18.10 5.26 -44.02
C LYS C 10 18.90 6.58 -43.95
N HIS C 11 18.23 7.69 -43.73
N HIS C 11 18.20 7.67 -43.68
CA HIS C 11 18.95 8.96 -43.72
CA HIS C 11 18.81 9.00 -43.66
C HIS C 11 19.90 9.07 -42.52
C HIS C 11 19.67 9.29 -42.43
N ALA C 12 19.51 8.51 -41.37
CA ALA C 12 20.30 8.70 -40.17
C ALA C 12 21.59 7.86 -40.09
N LYS C 13 21.75 6.91 -41.01
CA LYS C 13 22.85 5.89 -40.98
C LYS C 13 24.30 6.37 -40.73
N GLY C 14 24.70 7.47 -41.33
CA GLY C 14 26.10 7.86 -41.21
C GLY C 14 26.41 8.99 -40.26
N LYS C 15 25.39 9.50 -39.56
CA LYS C 15 25.58 10.69 -38.75
C LYS C 15 26.60 10.52 -37.64
N LYS C 16 27.57 11.43 -37.63
CA LYS C 16 28.42 11.67 -36.48
C LYS C 16 28.79 13.14 -36.48
N LEU C 17 28.63 13.82 -35.33
CA LEU C 17 29.09 15.19 -35.16
C LEU C 17 30.60 15.26 -34.90
N LYS C 18 31.30 16.07 -35.68
CA LYS C 18 32.63 16.51 -35.29
C LYS C 18 32.42 17.85 -34.59
N ASP C 19 32.61 17.92 -33.27
CA ASP C 19 32.37 19.21 -32.64
C ASP C 19 33.66 19.84 -32.14
N VAL C 20 34.08 20.86 -32.87
CA VAL C 20 35.31 21.57 -32.57
C VAL C 20 35.07 22.51 -31.39
N ILE C 21 33.92 23.17 -31.42
CA ILE C 21 33.63 24.17 -30.39
C ILE C 21 33.80 23.58 -28.98
N PHE C 22 33.20 22.44 -28.68
CA PHE C 22 33.14 21.97 -27.28
C PHE C 22 34.39 21.29 -26.68
N VAL C 23 35.09 20.43 -27.42
CA VAL C 23 36.33 19.85 -26.88
C VAL C 23 37.35 20.95 -26.74
N THR C 24 37.45 21.76 -27.78
CA THR C 24 38.43 22.82 -27.78
C THR C 24 38.28 23.71 -26.55
N ALA C 25 37.05 23.82 -26.07
CA ALA C 25 36.83 24.59 -24.86
C ALA C 25 37.32 23.79 -23.67
N GLY C 26 37.17 22.48 -23.76
CA GLY C 26 37.59 21.57 -22.72
C GLY C 26 39.07 21.57 -22.38
N GLN C 27 39.95 21.50 -23.37
CA GLN C 27 41.38 21.52 -23.08
C GLN C 27 41.79 22.89 -22.56
N ALA C 28 41.01 23.90 -22.93
CA ALA C 28 41.16 25.25 -22.41
C ALA C 28 41.06 25.27 -20.88
N GLN C 29 39.88 24.93 -20.37
CA GLN C 29 39.66 24.89 -18.92
C GLN C 29 40.54 23.83 -18.27
N ALA C 30 40.93 22.82 -19.04
CA ALA C 30 41.87 21.79 -18.58
C ALA C 30 43.26 22.38 -18.32
N ASP C 31 43.71 23.25 -19.20
CA ASP C 31 44.98 23.95 -19.00
C ASP C 31 44.86 25.01 -17.91
N ALA C 32 43.65 25.52 -17.71
CA ALA C 32 43.39 26.55 -16.69
C ALA C 32 43.04 26.03 -15.29
N LYS C 33 42.72 24.75 -15.13
CA LYS C 33 42.59 24.24 -13.77
C LYS C 33 43.93 23.92 -13.11
N GLU C 34 44.77 23.17 -13.83
CA GLU C 34 46.01 22.66 -13.23
C GLU C 34 47.15 23.67 -13.22
N ASN C 35 47.33 24.41 -14.31
CA ASN C 35 48.47 25.34 -14.43
C ASN C 35 48.19 26.80 -14.04
N GLY C 36 46.98 27.08 -13.58
CA GLY C 36 46.57 28.43 -13.19
C GLY C 36 45.84 29.13 -14.33
N ARG C 37 44.89 30.01 -14.02
CA ARG C 37 44.08 30.61 -15.08
C ARG C 37 44.81 31.63 -15.95
N GLU C 38 45.64 32.47 -15.33
CA GLU C 38 46.21 33.63 -16.03
C GLU C 38 47.39 33.31 -16.96
N ASN C 39 47.86 32.06 -16.97
CA ASN C 39 48.78 31.62 -18.01
C ASN C 39 48.00 30.95 -19.16
N VAL C 40 46.67 30.95 -19.07
CA VAL C 40 45.78 30.54 -20.18
C VAL C 40 44.78 31.62 -20.62
N VAL C 41 44.73 31.87 -21.92
CA VAL C 41 43.75 32.78 -22.49
C VAL C 41 42.69 31.93 -23.16
N ASN C 42 41.43 32.18 -22.80
CA ASN C 42 40.33 31.34 -23.28
C ASN C 42 39.47 32.08 -24.31
N GLY C 43 39.67 31.69 -25.57
CA GLY C 43 39.02 32.32 -26.70
C GLY C 43 37.95 31.44 -27.31
N THR C 44 37.46 30.47 -26.54
CA THR C 44 36.55 29.47 -27.10
C THR C 44 35.06 29.86 -27.11
N LEU C 45 34.40 29.84 -25.94
CA LEU C 45 32.92 29.81 -25.85
C LEU C 45 32.26 31.17 -25.67
N GLY C 46 31.08 31.33 -26.23
CA GLY C 46 30.41 32.62 -26.38
C GLY C 46 29.87 33.22 -25.08
N ALA C 47 30.32 32.72 -23.95
CA ALA C 47 29.93 33.23 -22.63
C ALA C 47 30.80 34.39 -22.04
N ILE C 48 30.15 35.44 -21.56
CA ILE C 48 30.84 36.59 -20.97
C ILE C 48 31.50 36.19 -19.64
N HIS C 49 32.80 36.44 -19.52
CA HIS C 49 33.54 36.34 -18.25
C HIS C 49 34.13 37.72 -17.99
N ASP C 50 34.17 38.14 -16.72
CA ASP C 50 34.64 39.50 -16.41
C ASP C 50 36.16 39.68 -16.41
N GLU C 51 36.58 40.91 -16.12
CA GLU C 51 38.00 41.26 -16.10
C GLU C 51 38.81 40.31 -15.22
N GLU C 52 38.20 39.76 -14.18
CA GLU C 52 38.89 38.81 -13.33
C GLU C 52 38.64 37.34 -13.68
N GLY C 53 37.87 37.06 -14.74
CA GLY C 53 37.71 35.71 -15.24
C GLY C 53 36.45 34.93 -14.94
N ASN C 54 35.70 35.36 -13.94
CA ASN C 54 34.47 34.65 -13.57
C ASN C 54 33.37 34.82 -14.59
N LEU C 55 32.60 33.76 -14.84
CA LEU C 55 31.41 33.86 -15.69
C LEU C 55 30.38 34.86 -15.14
N VAL C 56 29.83 35.68 -16.02
CA VAL C 56 28.90 36.71 -15.58
C VAL C 56 27.49 36.14 -15.59
N PHE C 57 26.86 36.17 -14.42
CA PHE C 57 25.41 35.95 -14.34
C PHE C 57 24.95 37.30 -13.92
N LEU C 58 24.31 38.05 -14.82
CA LEU C 58 23.92 39.41 -14.45
C LEU C 58 23.13 39.35 -13.14
N LYS C 59 23.55 40.15 -12.15
CA LYS C 59 22.96 40.10 -10.79
C LYS C 59 21.47 40.54 -10.66
N THR C 60 20.98 41.38 -11.57
CA THR C 60 19.55 41.66 -11.67
C THR C 60 18.76 40.38 -12.11
N VAL C 61 19.26 39.66 -13.10
CA VAL C 61 18.63 38.46 -13.60
C VAL C 61 18.65 37.37 -12.54
N LYS C 62 19.79 37.19 -11.90
CA LYS C 62 19.96 36.11 -10.95
C LYS C 62 19.09 36.37 -9.73
N GLU C 63 19.05 37.61 -9.27
CA GLU C 63 18.20 37.96 -8.14
C GLU C 63 16.71 37.68 -8.39
N GLU C 64 16.19 38.01 -9.57
CA GLU C 64 14.79 37.70 -9.93
C GLU C 64 14.62 36.20 -9.91
N TYR C 65 15.46 35.53 -10.70
CA TYR C 65 15.45 34.09 -10.88
C TYR C 65 15.50 33.27 -9.57
N LEU C 66 16.29 33.72 -8.61
CA LEU C 66 16.40 33.00 -7.33
C LEU C 66 15.21 33.26 -6.42
N SER C 67 14.50 34.36 -6.68
CA SER C 67 13.43 34.79 -5.80
C SER C 67 12.09 34.19 -6.19
N LEU C 68 12.02 33.56 -7.35
CA LEU C 68 10.75 33.02 -7.86
C LEU C 68 10.08 31.99 -6.91
N SER C 69 8.75 31.89 -6.98
CA SER C 69 8.04 30.84 -6.26
C SER C 69 8.31 29.42 -6.83
N ASP C 70 8.07 28.40 -6.01
CA ASP C 70 8.15 27.00 -6.43
C ASP C 70 7.42 26.77 -7.73
N SER C 71 6.26 27.40 -7.91
CA SER C 71 5.47 27.28 -9.15
C SER C 71 6.18 27.75 -10.42
N GLU C 72 6.92 28.86 -10.32
CA GLU C 72 7.67 29.40 -11.45
C GLU C 72 8.90 28.51 -11.79
N HIS C 73 9.58 27.99 -10.77
CA HIS C 73 10.68 27.04 -11.04
C HIS C 73 10.24 25.72 -11.65
N VAL C 74 9.34 25.01 -10.96
CA VAL C 74 8.85 23.69 -11.41
C VAL C 74 7.48 23.52 -12.08
N GLY C 75 6.67 24.57 -12.18
CA GLY C 75 5.40 24.38 -12.86
C GLY C 75 5.58 24.18 -14.37
N TYR C 76 4.51 23.78 -15.04
CA TYR C 76 4.51 23.71 -16.50
C TYR C 76 4.26 25.06 -17.12
N ALA C 77 4.76 25.25 -18.32
CA ALA C 77 4.48 26.49 -19.03
C ALA C 77 3.64 26.06 -20.21
N PRO C 78 2.77 26.94 -20.69
CA PRO C 78 2.03 26.49 -21.86
C PRO C 78 2.99 26.16 -23.04
N ILE C 79 2.54 25.31 -23.97
CA ILE C 79 3.26 24.90 -25.19
C ILE C 79 3.88 26.09 -25.97
N ALA C 80 3.09 27.14 -26.21
CA ALA C 80 3.49 28.28 -27.00
C ALA C 80 4.50 29.13 -26.23
N GLY C 81 4.57 28.88 -24.91
CA GLY C 81 5.38 29.66 -23.98
C GLY C 81 4.46 30.57 -23.18
N ILE C 82 4.98 31.14 -22.09
CA ILE C 82 4.26 32.15 -21.27
C ILE C 82 3.94 33.47 -22.00
N PRO C 83 2.64 33.81 -22.13
CA PRO C 83 2.29 35.01 -22.90
C PRO C 83 3.00 36.32 -22.44
N ASP C 84 3.08 36.56 -21.13
CA ASP C 84 3.94 37.65 -20.63
C ASP C 84 5.37 37.65 -21.23
N PHE C 85 6.01 36.47 -21.22
CA PHE C 85 7.32 36.30 -21.88
C PHE C 85 7.21 36.61 -23.36
N LEU C 86 6.21 36.07 -24.07
CA LEU C 86 6.13 36.33 -25.51
C LEU C 86 6.01 37.84 -25.81
N CYS C 87 5.31 38.58 -24.96
CA CYS C 87 5.15 40.02 -25.18
C CYS C 87 6.42 40.80 -24.78
N ALA C 88 7.04 40.36 -23.70
CA ALA C 88 8.31 40.92 -23.22
C ALA C 88 9.47 40.71 -24.22
N ALA C 89 9.50 39.57 -24.91
CA ALA C 89 10.59 39.43 -25.85
C ALA C 89 10.44 40.40 -27.03
N GLU C 90 9.24 40.51 -27.57
CA GLU C 90 9.01 41.39 -28.70
C GLU C 90 9.28 42.82 -28.30
N LYS C 91 8.92 43.14 -27.06
CA LYS C 91 9.15 44.44 -26.51
C LYS C 91 10.67 44.73 -26.50
N GLU C 92 11.43 43.80 -25.95
CA GLU C 92 12.88 43.98 -25.83
C GLU C 92 13.55 43.99 -27.21
N CYS C 93 13.22 43.00 -28.02
CA CYS C 93 13.77 42.91 -29.35
C CYS C 93 13.53 44.16 -30.22
N PHE C 94 12.27 44.59 -30.32
CA PHE C 94 11.87 45.70 -31.20
C PHE C 94 12.19 47.12 -30.74
N GLY C 95 12.20 47.33 -29.43
CA GLY C 95 12.38 48.70 -28.96
C GLY C 95 11.35 49.67 -29.55
N ASN C 96 11.85 50.74 -30.15
CA ASN C 96 11.00 51.81 -30.66
C ASN C 96 10.75 51.55 -32.11
N PHE C 97 11.27 50.41 -32.52
CA PHE C 97 11.17 49.89 -33.88
C PHE C 97 10.20 48.81 -34.34
N ARG C 98 9.24 48.43 -33.49
CA ARG C 98 8.28 47.36 -33.80
C ARG C 98 7.55 47.60 -35.15
N PRO C 99 7.72 46.68 -36.11
CA PRO C 99 7.13 46.91 -37.44
C PRO C 99 5.61 46.84 -37.43
N GLU C 100 4.98 47.34 -38.48
CA GLU C 100 3.52 47.15 -38.56
C GLU C 100 3.16 45.78 -39.17
N GLY C 101 1.87 45.47 -39.22
CA GLY C 101 1.45 44.11 -39.54
C GLY C 101 1.16 43.17 -38.36
N HIS C 102 0.99 41.90 -38.67
CA HIS C 102 0.63 40.90 -37.67
C HIS C 102 1.86 40.12 -37.18
N ILE C 103 2.07 40.22 -35.88
CA ILE C 103 3.22 39.66 -35.24
C ILE C 103 2.69 38.57 -34.33
N ARG C 104 3.29 37.39 -34.41
CA ARG C 104 2.93 36.27 -33.56
C ARG C 104 4.21 35.55 -33.18
N SER C 105 4.31 35.16 -31.91
CA SER C 105 5.54 34.61 -31.34
C SER C 105 5.36 33.25 -30.68
N ILE C 106 6.40 32.43 -30.69
CA ILE C 106 6.38 31.12 -30.05
C ILE C 106 7.68 30.97 -29.31
N ALA C 107 7.63 30.38 -28.12
CA ALA C 107 8.82 30.18 -27.32
C ALA C 107 9.61 29.05 -27.92
N THR C 108 10.94 29.16 -27.85
CA THR C 108 11.80 28.15 -28.51
C THR C 108 12.94 27.84 -27.59
N ALA C 109 13.68 26.76 -27.85
CA ALA C 109 14.83 26.54 -27.01
C ALA C 109 16.02 27.20 -27.70
N GLY C 110 16.39 28.36 -27.17
CA GLY C 110 17.44 29.18 -27.75
C GLY C 110 17.09 29.58 -29.17
N GLY C 111 18.07 30.16 -29.86
CA GLY C 111 18.00 30.38 -31.30
C GLY C 111 18.02 29.09 -32.09
N THR C 112 18.68 28.06 -31.57
CA THR C 112 18.66 26.75 -32.23
C THR C 112 17.25 26.18 -32.55
N GLY C 113 16.40 26.16 -31.52
CA GLY C 113 15.03 25.73 -31.68
C GLY C 113 14.31 26.55 -32.71
N GLY C 114 14.49 27.87 -32.63
CA GLY C 114 13.95 28.77 -33.63
C GLY C 114 14.34 28.37 -35.05
N ILE C 115 15.62 28.18 -35.28
CA ILE C 115 16.11 27.85 -36.61
C ILE C 115 15.59 26.47 -37.04
N HIS C 116 15.67 25.50 -36.14
CA HIS C 116 15.06 24.18 -36.41
C HIS C 116 13.55 24.24 -36.87
N HIS C 117 12.73 24.96 -36.12
CA HIS C 117 11.30 25.03 -36.44
C HIS C 117 11.11 25.74 -37.76
N LEU C 118 11.86 26.82 -37.98
CA LEU C 118 11.67 27.60 -39.20
C LEU C 118 11.96 26.72 -40.40
N ILE C 119 13.03 25.95 -40.31
CA ILE C 119 13.39 25.13 -41.43
C ILE C 119 12.46 23.93 -41.63
N HIS C 120 12.02 23.32 -40.52
CA HIS C 120 11.08 22.18 -40.61
C HIS C 120 9.77 22.58 -41.29
N ASN C 121 9.16 23.67 -40.86
CA ASN C 121 7.86 24.13 -41.38
C ASN C 121 7.85 24.92 -42.69
N TYR C 122 8.97 25.57 -43.03
CA TYR C 122 9.05 26.36 -44.26
C TYR C 122 9.81 25.81 -45.48
N THR C 123 10.47 24.66 -45.29
CA THR C 123 11.16 23.97 -46.39
C THR C 123 10.72 22.48 -46.53
N GLU C 124 10.87 21.97 -47.75
N GLU C 124 10.82 21.96 -47.75
CA GLU C 124 10.63 20.56 -48.06
CA GLU C 124 10.62 20.53 -47.98
C GLU C 124 11.97 19.80 -47.92
C GLU C 124 11.96 19.80 -47.90
N PRO C 125 11.93 18.49 -47.62
CA PRO C 125 13.19 17.72 -47.58
C PRO C 125 13.92 17.79 -48.93
N GLY C 126 15.25 17.84 -48.93
CA GLY C 126 16.00 18.01 -50.16
C GLY C 126 16.25 19.48 -50.55
N ASP C 127 15.48 20.40 -49.96
CA ASP C 127 15.58 21.82 -50.28
C ASP C 127 16.90 22.36 -49.78
N GLU C 128 17.40 23.39 -50.46
CA GLU C 128 18.56 24.15 -49.99
C GLU C 128 18.15 25.36 -49.16
N VAL C 129 18.94 25.65 -48.14
CA VAL C 129 18.68 26.78 -47.24
C VAL C 129 19.86 27.80 -47.40
N LEU C 130 19.60 29.11 -47.50
CA LEU C 130 20.69 30.08 -47.78
C LEU C 130 21.18 30.91 -46.54
N THR C 131 22.49 31.05 -46.42
CA THR C 131 23.06 32.05 -45.51
C THR C 131 24.40 32.52 -46.03
N ALA C 132 25.02 33.47 -45.31
CA ALA C 132 26.30 34.05 -45.71
C ALA C 132 27.47 33.06 -45.51
N ASP C 133 28.51 33.10 -46.35
CA ASP C 133 29.65 32.17 -46.12
C ASP C 133 30.33 32.27 -44.77
N TRP C 134 30.17 33.41 -44.08
CA TRP C 134 30.49 33.51 -42.66
C TRP C 134 29.27 33.26 -41.84
N TYR C 135 29.25 32.16 -41.08
CA TYR C 135 28.04 31.76 -40.33
C TYR C 135 28.32 30.81 -39.16
N TRP C 136 27.33 30.73 -38.30
CA TRP C 136 27.43 29.91 -37.12
C TRP C 136 27.35 28.47 -37.58
N GLY C 137 28.38 27.69 -37.23
CA GLY C 137 28.52 26.32 -37.67
C GLY C 137 27.31 25.39 -37.53
N ALA C 138 26.56 25.47 -36.41
CA ALA C 138 25.40 24.59 -36.23
C ALA C 138 24.39 24.63 -37.37
N TYR C 139 24.22 25.75 -38.08
CA TYR C 139 23.18 25.86 -39.12
C TYR C 139 23.35 24.66 -40.06
N ARG C 140 24.60 24.24 -40.28
N ARG C 140 24.62 24.28 -40.26
CA ARG C 140 24.82 23.12 -41.17
CA ARG C 140 24.95 23.13 -41.08
C ARG C 140 24.24 21.79 -40.64
C ARG C 140 24.12 21.92 -40.62
N VAL C 141 24.19 21.61 -39.32
CA VAL C 141 23.59 20.41 -38.79
C VAL C 141 22.08 20.55 -38.79
N ILE C 142 21.58 21.75 -38.50
CA ILE C 142 20.12 21.90 -38.44
C ILE C 142 19.54 21.50 -39.80
N CYS C 143 20.12 21.98 -40.90
CA CYS C 143 19.75 21.52 -42.23
C CYS C 143 20.04 20.03 -42.48
N SER C 144 21.27 19.61 -42.20
CA SER C 144 21.70 18.31 -42.69
C SER C 144 21.10 17.13 -41.92
N ASP C 145 20.84 17.30 -40.61
CA ASP C 145 20.16 16.28 -39.82
C ASP C 145 18.75 15.96 -40.34
N THR C 146 18.14 16.93 -41.03
CA THR C 146 16.82 16.80 -41.70
C THR C 146 16.73 16.57 -43.22
N GLY C 147 17.84 16.38 -43.91
CA GLY C 147 17.81 16.17 -45.37
C GLY C 147 17.80 17.45 -46.18
N ARG C 148 17.86 18.57 -45.50
CA ARG C 148 18.12 19.88 -46.12
C ARG C 148 19.62 20.12 -46.36
N THR C 149 19.93 20.98 -47.31
N THR C 149 19.94 20.95 -47.33
CA THR C 149 21.31 21.36 -47.59
CA THR C 149 21.33 21.35 -47.54
C THR C 149 21.55 22.87 -47.38
C THR C 149 21.53 22.86 -47.36
N LEU C 150 22.46 23.22 -46.47
CA LEU C 150 22.86 24.61 -46.26
C LEU C 150 23.86 25.06 -47.33
N VAL C 151 23.52 26.11 -48.07
CA VAL C 151 24.42 26.64 -49.10
C VAL C 151 24.72 28.10 -48.79
N THR C 152 25.79 28.64 -49.37
CA THR C 152 26.29 29.97 -48.97
C THR C 152 26.50 30.98 -50.09
N TYR C 153 26.44 32.24 -49.73
CA TYR C 153 26.77 33.28 -50.69
C TYR C 153 27.91 34.13 -50.06
N SER C 154 28.76 34.74 -50.90
CA SER C 154 29.87 35.55 -50.35
C SER C 154 29.25 36.74 -49.73
N LEU C 155 29.47 36.89 -48.42
CA LEU C 155 29.01 38.06 -47.66
C LEU C 155 29.73 39.34 -48.14
N PHE C 156 31.06 39.25 -48.24
CA PHE C 156 31.87 40.42 -48.56
C PHE C 156 32.33 40.45 -50.02
N ASP C 157 32.27 41.63 -50.64
CA ASP C 157 32.99 41.89 -51.89
C ASP C 157 34.46 42.26 -51.58
N GLU C 158 35.17 42.77 -52.56
CA GLU C 158 36.60 43.04 -52.41
C GLU C 158 36.99 44.00 -51.24
N HIS C 159 36.19 45.04 -51.04
CA HIS C 159 36.33 46.07 -49.98
C HIS C 159 35.53 45.89 -48.68
N ASN C 160 34.93 44.72 -48.52
CA ASN C 160 34.15 44.37 -47.33
C ASN C 160 32.86 45.15 -47.21
N ASN C 161 32.22 45.36 -48.35
CA ASN C 161 30.82 45.77 -48.41
C ASN C 161 29.90 44.53 -48.55
N PHE C 162 28.69 44.62 -48.04
CA PHE C 162 27.79 43.51 -48.27
C PHE C 162 27.80 43.14 -49.77
N ASN C 163 27.90 41.86 -50.12
CA ASN C 163 28.12 41.59 -51.54
C ASN C 163 26.78 41.21 -52.18
N HIS C 164 26.21 42.20 -52.86
CA HIS C 164 24.83 42.15 -53.27
C HIS C 164 24.75 41.25 -54.49
N GLU C 165 25.78 41.32 -55.34
CA GLU C 165 25.78 40.48 -56.53
C GLU C 165 25.81 39.00 -56.13
N ALA C 166 26.59 38.66 -55.11
CA ALA C 166 26.78 37.28 -54.70
C ALA C 166 25.45 36.77 -54.12
N PHE C 167 24.87 37.58 -53.23
CA PHE C 167 23.59 37.28 -52.61
C PHE C 167 22.46 37.16 -53.65
N GLN C 168 22.30 38.14 -54.54
CA GLN C 168 21.21 38.06 -55.52
C GLN C 168 21.39 36.88 -56.45
N ASN C 169 22.63 36.61 -56.86
N ASN C 169 22.63 36.63 -56.86
CA ASN C 169 22.85 35.44 -57.71
CA ASN C 169 22.91 35.47 -57.69
C ASN C 169 22.46 34.14 -57.03
C ASN C 169 22.46 34.17 -57.03
N ARG C 170 22.82 33.99 -55.76
CA ARG C 170 22.49 32.76 -55.06
C ARG C 170 20.97 32.60 -54.83
N VAL C 171 20.31 33.69 -54.43
CA VAL C 171 18.86 33.69 -54.27
C VAL C 171 18.09 33.30 -55.55
N ASN C 172 18.41 33.94 -56.67
CA ASN C 172 17.86 33.60 -57.97
C ASN C 172 18.02 32.15 -58.37
N GLU C 173 19.14 31.55 -57.92
CA GLU C 173 19.44 30.13 -58.14
C GLU C 173 18.53 29.19 -57.33
N LEU C 174 18.38 29.49 -56.04
CA LEU C 174 17.42 28.73 -55.24
C LEU C 174 15.99 28.98 -55.75
N ALA C 175 15.68 30.23 -56.13
CA ALA C 175 14.32 30.54 -56.57
C ALA C 175 13.94 29.77 -57.83
N ALA C 176 14.92 29.52 -58.71
CA ALA C 176 14.65 28.81 -59.95
C ALA C 176 14.22 27.39 -59.68
N LYS C 177 14.82 26.75 -58.66
CA LYS C 177 14.53 25.35 -58.32
C LYS C 177 13.61 25.01 -57.11
N GLN C 178 13.16 25.99 -56.34
CA GLN C 178 12.27 25.66 -55.24
C GLN C 178 11.39 26.84 -54.92
N THR C 179 10.19 26.55 -54.47
CA THR C 179 9.19 27.58 -54.32
C THR C 179 9.51 28.50 -53.16
N ASN C 180 9.72 27.89 -52.00
CA ASN C 180 10.15 28.65 -50.82
C ASN C 180 11.68 28.76 -50.82
N VAL C 181 12.22 29.95 -50.59
CA VAL C 181 13.66 30.13 -50.27
C VAL C 181 13.76 30.69 -48.88
N VAL C 182 14.42 29.96 -48.01
CA VAL C 182 14.65 30.46 -46.67
C VAL C 182 16.07 30.99 -46.70
N VAL C 183 16.25 32.21 -46.17
CA VAL C 183 17.57 32.84 -46.03
C VAL C 183 17.76 33.23 -44.58
N ILE C 184 18.83 32.72 -43.97
CA ILE C 184 19.17 33.13 -42.62
C ILE C 184 20.18 34.28 -42.67
N PHE C 185 19.81 35.44 -42.16
CA PHE C 185 20.76 36.51 -41.82
C PHE C 185 21.06 36.54 -40.33
N ASN C 186 22.32 36.39 -39.96
CA ASN C 186 22.66 36.56 -38.56
C ASN C 186 23.31 37.95 -38.35
N THR C 187 22.46 38.83 -37.80
CA THR C 187 22.78 40.22 -37.69
C THR C 187 21.98 40.83 -36.55
N PRO C 188 22.47 41.90 -35.92
CA PRO C 188 23.79 42.52 -35.88
C PRO C 188 24.72 41.72 -34.97
N GLY C 189 26.01 41.94 -35.12
CA GLY C 189 26.97 41.20 -34.32
C GLY C 189 27.06 39.77 -34.78
N ASN C 190 27.27 39.59 -36.08
CA ASN C 190 27.35 38.27 -36.71
C ASN C 190 28.32 37.31 -36.02
N ASN C 191 27.92 36.05 -35.86
CA ASN C 191 28.83 35.06 -35.33
C ASN C 191 29.35 34.31 -36.51
N PRO C 192 30.68 34.22 -36.68
CA PRO C 192 31.93 34.68 -36.08
C PRO C 192 32.43 36.12 -36.27
N THR C 193 32.04 36.84 -37.32
CA THR C 193 32.82 38.05 -37.69
C THR C 193 32.54 39.33 -36.91
N GLY C 194 31.32 39.49 -36.42
CA GLY C 194 30.95 40.67 -35.67
C GLY C 194 30.26 41.67 -36.58
N TYR C 195 30.18 41.31 -37.86
CA TYR C 195 29.56 42.17 -38.86
C TYR C 195 28.07 42.35 -38.68
N SER C 196 27.61 43.51 -39.10
CA SER C 196 26.21 43.86 -39.03
C SER C 196 25.78 44.39 -40.39
N ILE C 197 24.63 43.92 -40.87
CA ILE C 197 24.08 44.44 -42.12
C ILE C 197 23.62 45.89 -41.93
N GLU C 198 24.05 46.77 -42.82
CA GLU C 198 23.67 48.16 -42.70
C GLU C 198 22.27 48.42 -43.19
N ASP C 199 21.70 49.51 -42.71
CA ASP C 199 20.35 49.91 -43.03
C ASP C 199 20.17 50.03 -44.55
N LYS C 200 21.18 50.52 -45.23
CA LYS C 200 21.06 50.80 -46.67
C LYS C 200 21.07 49.48 -47.42
N ASP C 201 21.81 48.53 -46.87
CA ASP C 201 21.94 47.23 -47.48
C ASP C 201 20.68 46.37 -47.26
N TRP C 202 20.05 46.54 -46.09
CA TRP C 202 18.72 45.93 -45.85
C TRP C 202 17.74 46.45 -46.91
N ASP C 203 17.76 47.77 -47.17
CA ASP C 203 16.92 48.35 -48.22
C ASP C 203 17.12 47.69 -49.58
N SER C 204 18.38 47.50 -49.95
CA SER C 204 18.70 46.82 -51.20
C SER C 204 18.28 45.32 -51.19
N ILE C 205 18.42 44.70 -50.03
CA ILE C 205 18.01 43.30 -49.84
C ILE C 205 16.49 43.17 -50.07
N LEU C 206 15.73 43.92 -49.30
CA LEU C 206 14.26 43.87 -49.38
C LEU C 206 13.80 44.32 -50.76
N ASN C 207 14.33 45.41 -51.27
CA ASN C 207 13.90 45.79 -52.59
C ASN C 207 14.12 44.69 -53.64
N PHE C 208 15.26 44.01 -53.56
CA PHE C 208 15.54 42.89 -54.46
C PHE C 208 14.53 41.77 -54.25
N LEU C 209 14.32 41.45 -52.97
CA LEU C 209 13.41 40.34 -52.57
C LEU C 209 11.95 40.63 -52.92
N LYS C 210 11.56 41.91 -52.88
CA LYS C 210 10.26 42.27 -53.38
C LYS C 210 10.21 42.09 -54.88
N ASP C 211 11.26 42.49 -55.62
CA ASP C 211 11.24 42.27 -57.07
C ASP C 211 11.05 40.78 -57.46
N LEU C 212 11.69 39.89 -56.71
CA LEU C 212 11.69 38.45 -57.00
C LEU C 212 10.27 37.83 -56.86
N VAL C 213 9.66 38.14 -55.73
CA VAL C 213 8.31 37.80 -55.34
C VAL C 213 7.21 38.31 -56.30
N ALA C 214 7.34 39.54 -56.79
CA ALA C 214 6.46 40.08 -57.82
C ALA C 214 6.41 39.25 -59.11
N ILE C 215 7.44 38.44 -59.39
CA ILE C 215 7.43 37.55 -60.56
C ILE C 215 6.32 36.47 -60.39
N GLY C 216 6.13 36.02 -59.15
CA GLY C 216 4.93 35.27 -58.80
C GLY C 216 5.11 33.79 -58.62
N ARG C 217 6.32 33.30 -58.76
CA ARG C 217 6.51 31.90 -58.46
C ARG C 217 7.10 31.56 -57.10
N ASN C 218 7.52 32.55 -56.29
CA ASN C 218 8.15 32.21 -54.98
C ASN C 218 7.63 32.90 -53.71
N ASN C 219 7.81 32.24 -52.57
CA ASN C 219 7.73 32.90 -51.30
C ASN C 219 9.17 33.03 -50.80
N VAL C 220 9.44 34.09 -50.05
CA VAL C 220 10.71 34.20 -49.34
C VAL C 220 10.43 34.26 -47.85
N ILE C 221 11.19 33.47 -47.11
CA ILE C 221 11.16 33.51 -45.67
C ILE C 221 12.48 33.96 -45.12
N ILE C 222 12.46 35.10 -44.42
CA ILE C 222 13.69 35.75 -43.96
C ILE C 222 13.90 35.44 -42.49
N GLY C 223 14.86 34.59 -42.16
CA GLY C 223 15.14 34.37 -40.75
C GLY C 223 16.21 35.34 -40.34
N ILE C 224 16.13 35.84 -39.11
CA ILE C 224 17.11 36.79 -38.67
C ILE C 224 17.50 36.32 -37.28
N ASP C 225 18.75 35.86 -37.12
CA ASP C 225 19.24 35.39 -35.84
C ASP C 225 19.83 36.66 -35.26
N VAL C 226 19.13 37.18 -34.27
CA VAL C 226 19.41 38.41 -33.55
C VAL C 226 20.10 38.20 -32.20
N ALA C 227 20.61 36.99 -31.97
CA ALA C 227 21.20 36.66 -30.68
C ALA C 227 22.11 37.78 -30.09
N TYR C 228 22.91 38.45 -30.93
CA TYR C 228 23.83 39.49 -30.44
C TYR C 228 23.30 40.90 -30.41
N LEU C 229 22.00 41.07 -30.65
CA LEU C 229 21.35 42.38 -30.70
C LEU C 229 21.75 43.36 -29.58
N ASP C 230 21.90 42.88 -28.34
CA ASP C 230 22.14 43.82 -27.23
C ASP C 230 23.65 44.17 -27.01
N TYR C 231 24.50 43.43 -27.69
CA TYR C 231 25.93 43.61 -27.84
C TYR C 231 26.46 44.27 -29.14
N SER C 232 25.58 44.82 -29.96
CA SER C 232 25.98 45.40 -31.26
C SER C 232 26.10 46.92 -31.51
N GLY C 233 25.79 47.76 -30.53
CA GLY C 233 25.59 49.16 -30.88
C GLY C 233 24.63 49.92 -30.00
N GLU C 234 24.35 51.16 -30.38
CA GLU C 234 23.36 51.95 -29.65
C GLU C 234 21.94 51.36 -29.80
N LYS C 235 21.14 51.50 -28.74
CA LYS C 235 19.85 50.84 -28.69
C LYS C 235 18.99 51.06 -29.92
N ASP C 236 18.82 52.32 -30.32
CA ASP C 236 17.96 52.60 -31.44
C ASP C 236 18.61 52.36 -32.79
N GLU C 237 19.93 52.54 -32.86
CA GLU C 237 20.59 52.35 -34.14
C GLU C 237 20.60 50.88 -34.59
N VAL C 238 20.85 49.96 -33.67
CA VAL C 238 20.85 48.54 -34.02
C VAL C 238 19.46 47.95 -34.30
N ARG C 239 18.40 48.55 -33.76
CA ARG C 239 17.01 48.10 -34.02
C ARG C 239 16.28 48.77 -35.18
N ALA C 240 16.80 49.90 -35.68
CA ALA C 240 16.07 50.75 -36.64
C ALA C 240 15.67 50.00 -37.88
N PHE C 241 16.46 48.99 -38.27
CA PHE C 241 16.08 48.17 -39.44
C PHE C 241 14.76 47.36 -39.29
N PHE C 242 14.36 47.11 -38.05
CA PHE C 242 13.12 46.39 -37.77
C PHE C 242 11.92 47.10 -38.40
N ASN C 243 11.96 48.43 -38.48
CA ASN C 243 10.89 49.16 -39.15
C ASN C 243 10.68 48.75 -40.62
N LYS C 244 11.75 48.22 -41.26
CA LYS C 244 11.76 47.96 -42.70
C LYS C 244 10.97 46.73 -43.15
N PHE C 245 10.54 45.90 -42.20
CA PHE C 245 9.68 44.74 -42.47
C PHE C 245 8.16 45.04 -42.38
N SER C 246 7.81 46.30 -42.11
CA SER C 246 6.39 46.69 -42.08
C SER C 246 5.76 46.56 -43.46
N HIS C 247 4.65 45.85 -43.55
CA HIS C 247 3.87 45.89 -44.77
C HIS C 247 4.63 45.38 -46.00
N LEU C 248 5.48 44.37 -45.80
CA LEU C 248 6.04 43.71 -46.96
C LEU C 248 4.90 42.90 -47.58
N PRO C 249 5.00 42.64 -48.90
CA PRO C 249 4.09 41.76 -49.60
C PRO C 249 3.98 40.39 -48.86
N LYS C 250 2.82 39.74 -48.92
CA LYS C 250 2.58 38.63 -48.00
C LYS C 250 3.36 37.39 -48.39
N GLU C 251 3.79 37.35 -49.66
CA GLU C 251 4.72 36.32 -50.14
C GLU C 251 6.06 36.37 -49.41
N ILE C 252 6.30 37.41 -48.61
CA ILE C 252 7.52 37.45 -47.83
C ILE C 252 7.16 37.43 -46.37
N LEU C 253 7.70 36.43 -45.67
CA LEU C 253 7.43 36.29 -44.24
C LEU C 253 8.75 36.45 -43.51
N THR C 254 8.72 37.10 -42.34
CA THR C 254 9.96 37.33 -41.60
C THR C 254 9.89 36.78 -40.22
N CYS C 255 10.95 36.11 -39.85
CA CYS C 255 10.97 35.42 -38.59
C CYS C 255 12.19 35.83 -37.85
N VAL C 256 12.00 36.57 -36.77
CA VAL C 256 13.10 37.10 -35.99
C VAL C 256 13.35 36.07 -34.85
N CYS C 257 14.51 35.41 -34.90
CA CYS C 257 14.87 34.44 -33.86
C CYS C 257 15.70 35.15 -32.80
N TYR C 258 15.05 35.32 -31.67
CA TYR C 258 15.52 36.13 -30.59
C TYR C 258 15.83 35.14 -29.49
N SER C 259 16.82 35.44 -28.68
CA SER C 259 17.31 34.53 -27.67
C SER C 259 17.59 35.27 -26.33
N LEU C 260 17.52 34.57 -25.20
CA LEU C 260 17.91 35.14 -23.90
C LEU C 260 19.31 34.73 -23.50
N SER C 261 19.96 33.87 -24.27
CA SER C 261 21.27 33.35 -23.84
C SER C 261 22.26 34.49 -23.53
N LYS C 262 22.35 35.43 -24.46
CA LYS C 262 23.27 36.55 -24.36
C LYS C 262 22.66 37.74 -23.60
N GLY C 263 21.59 38.31 -24.15
CA GLY C 263 20.96 39.46 -23.54
C GLY C 263 20.69 39.39 -22.04
N PHE C 264 20.23 38.23 -21.56
CA PHE C 264 20.10 37.94 -20.12
C PHE C 264 21.17 37.07 -19.46
N THR C 265 22.20 36.70 -20.22
CA THR C 265 23.26 35.83 -19.73
C THR C 265 22.69 34.61 -19.03
N MSE C 266 21.68 34.00 -19.64
CA MSE C 266 21.32 32.64 -19.30
C MSE C 266 21.60 31.79 -20.55
O MSE C 266 20.85 31.83 -21.54
CB MSE C 266 19.82 32.62 -18.88
CG MSE C 266 19.53 33.42 -17.57
SE MSE C 266 17.59 33.64 -17.16
CE MSE C 266 17.06 34.39 -18.88
N TYR C 267 22.70 31.04 -20.53
CA TYR C 267 23.02 30.09 -21.59
C TYR C 267 22.35 28.69 -21.46
N GLY C 268 22.48 28.09 -20.28
CA GLY C 268 22.06 26.71 -20.11
C GLY C 268 20.63 26.61 -19.63
N GLN C 269 19.90 27.73 -19.69
CA GLN C 269 18.45 27.70 -19.48
C GLN C 269 17.71 27.42 -20.80
N ARG C 270 18.42 27.62 -21.91
CA ARG C 270 17.90 27.26 -23.23
C ARG C 270 16.57 27.95 -23.59
N VAL C 271 16.58 29.27 -23.77
CA VAL C 271 15.30 29.95 -23.96
C VAL C 271 15.28 31.02 -25.04
N GLY C 272 14.29 30.97 -25.92
CA GLY C 272 14.16 32.01 -26.93
C GLY C 272 12.72 32.26 -27.35
N ALA C 273 12.54 33.15 -28.32
CA ALA C 273 11.25 33.33 -28.99
C ALA C 273 11.48 33.48 -30.51
N MSE C 274 10.77 32.70 -31.32
CA MSE C 274 10.72 33.02 -32.74
C MSE C 274 9.45 33.91 -33.01
O MSE C 274 8.32 33.57 -32.62
CB MSE C 274 10.78 31.75 -33.60
CG MSE C 274 9.68 30.76 -33.24
SE MSE C 274 9.74 28.98 -34.11
CE MSE C 274 9.91 29.56 -36.03
N ILE C 275 9.67 35.03 -33.67
CA ILE C 275 8.69 36.11 -33.77
C ILE C 275 8.41 36.31 -35.24
N GLY C 276 7.19 35.96 -35.67
CA GLY C 276 6.84 36.01 -37.08
C GLY C 276 6.16 37.29 -37.40
N ILE C 277 6.32 37.79 -38.63
CA ILE C 277 5.84 39.11 -39.00
C ILE C 277 5.26 39.03 -40.38
N SER C 278 4.03 39.48 -40.53
CA SER C 278 3.42 39.36 -41.84
C SER C 278 2.42 40.45 -42.04
N ASP C 279 2.34 40.93 -43.28
CA ASP C 279 1.23 41.74 -43.74
C ASP C 279 -0.13 41.00 -43.63
N ASP C 280 -0.09 39.66 -43.63
CA ASP C 280 -1.32 38.84 -43.73
C ASP C 280 -1.60 38.10 -42.43
N GLU C 281 -2.73 38.38 -41.78
CA GLU C 281 -3.03 37.79 -40.46
C GLU C 281 -3.14 36.28 -40.45
N GLU C 282 -3.65 35.73 -41.55
CA GLU C 282 -3.68 34.29 -41.76
C GLU C 282 -2.29 33.68 -41.90
N ILE C 283 -1.40 34.32 -42.66
CA ILE C 283 -0.03 33.82 -42.76
C ILE C 283 0.61 33.89 -41.37
N ALA C 284 0.31 34.93 -40.62
CA ALA C 284 0.96 35.04 -39.32
C ALA C 284 0.38 34.04 -38.32
N ASP C 285 -0.93 33.79 -38.39
CA ASP C 285 -1.55 32.77 -37.58
C ASP C 285 -1.05 31.34 -37.89
N GLU C 286 -0.79 31.06 -39.17
CA GLU C 286 -0.17 29.81 -39.58
C GLU C 286 1.24 29.66 -38.99
N PHE C 287 2.03 30.73 -39.00
CA PHE C 287 3.33 30.76 -38.29
C PHE C 287 3.17 30.34 -36.83
N PHE C 288 2.21 30.92 -36.11
CA PHE C 288 2.02 30.55 -34.72
C PHE C 288 1.61 29.06 -34.60
N GLU C 289 0.57 28.66 -35.34
CA GLU C 289 0.01 27.27 -35.18
C GLU C 289 1.02 26.19 -35.65
N VAL C 290 1.68 26.37 -36.80
CA VAL C 290 2.60 25.31 -37.22
C VAL C 290 3.82 25.20 -36.32
N ASN C 291 4.31 26.34 -35.83
CA ASN C 291 5.44 26.26 -34.91
C ASN C 291 5.01 25.81 -33.51
N LYS C 292 3.77 26.12 -33.10
CA LYS C 292 3.26 25.58 -31.83
C LYS C 292 3.23 24.07 -31.87
N SER C 293 2.85 23.55 -33.02
CA SER C 293 2.72 22.10 -33.20
C SER C 293 4.14 21.43 -33.13
N THR C 294 5.10 22.03 -33.82
CA THR C 294 6.46 21.48 -33.78
C THR C 294 7.05 21.48 -32.38
N SER C 295 6.68 22.47 -31.56
CA SER C 295 7.13 22.52 -30.14
C SER C 295 6.63 21.33 -29.31
N ARG C 296 5.33 21.09 -29.42
CA ARG C 296 4.70 19.97 -28.76
C ARG C 296 5.36 18.72 -29.29
N ALA C 297 5.66 18.71 -30.58
CA ALA C 297 6.33 17.55 -31.17
C ALA C 297 7.79 17.34 -30.74
N THR C 298 8.36 18.27 -30.00
CA THR C 298 9.81 18.21 -29.78
C THR C 298 10.20 18.31 -28.33
N TRP C 299 10.09 19.48 -27.73
CA TRP C 299 10.34 19.62 -26.30
C TRP C 299 9.12 19.86 -25.39
N SER C 300 8.02 20.16 -26.06
CA SER C 300 6.64 20.41 -25.59
C SER C 300 6.38 21.59 -24.62
N ASN C 301 7.36 22.01 -23.86
CA ASN C 301 7.37 23.40 -23.35
C ASN C 301 8.77 23.76 -22.92
N ILE C 302 9.03 25.05 -22.89
CA ILE C 302 10.34 25.58 -22.64
C ILE C 302 10.49 25.88 -21.14
N CYS C 303 11.68 26.27 -20.72
CA CYS C 303 12.01 26.38 -19.31
C CYS C 303 11.27 27.54 -18.65
N ARG C 304 10.51 27.23 -17.59
CA ARG C 304 9.64 28.22 -16.95
C ARG C 304 10.32 29.31 -16.15
N PRO C 305 11.24 28.92 -15.27
CA PRO C 305 11.79 30.02 -14.48
C PRO C 305 12.53 31.08 -15.35
N ALA C 306 13.21 30.67 -16.43
CA ALA C 306 13.91 31.62 -17.31
C ALA C 306 12.93 32.52 -18.08
N MSE C 307 11.88 31.97 -18.67
CA MSE C 307 10.78 32.81 -19.18
C MSE C 307 10.19 33.77 -18.15
O MSE C 307 10.00 34.97 -18.43
CB MSE C 307 9.69 31.97 -19.80
CG MSE C 307 10.11 31.38 -21.11
SE MSE C 307 8.68 30.58 -22.17
CE MSE C 307 8.37 28.96 -21.05
N ARG C 308 9.89 33.26 -16.97
CA ARG C 308 9.27 34.13 -15.98
C ARG C 308 10.24 35.25 -15.52
N THR C 309 11.51 34.87 -15.40
CA THR C 309 12.56 35.81 -15.03
C THR C 309 12.61 37.02 -15.97
N MSE C 310 12.70 36.79 -17.29
CA MSE C 310 12.85 37.95 -18.19
C MSE C 310 11.55 38.75 -18.35
O MSE C 310 11.58 39.95 -18.55
CB MSE C 310 13.50 37.59 -19.53
CG MSE C 310 12.58 37.20 -20.60
SE MSE C 310 11.99 38.72 -21.65
CE MSE C 310 13.38 38.78 -23.01
N ALA C 311 10.41 38.08 -18.24
CA ALA C 311 9.15 38.81 -18.23
C ALA C 311 9.04 39.69 -17.00
N ASN C 312 9.40 39.16 -15.83
CA ASN C 312 9.29 40.00 -14.62
C ASN C 312 10.08 41.27 -14.72
N ILE C 313 11.33 41.15 -15.16
CA ILE C 313 12.27 42.27 -15.26
C ILE C 313 11.78 43.32 -16.26
N VAL C 314 11.38 42.89 -17.44
CA VAL C 314 10.96 43.85 -18.45
C VAL C 314 9.71 44.65 -18.09
N ALA C 315 8.91 44.16 -17.16
CA ALA C 315 7.63 44.80 -16.78
C ALA C 315 7.76 45.78 -15.64
N ASP C 316 8.94 45.78 -15.00
CA ASP C 316 9.20 46.60 -13.82
C ASP C 316 10.23 47.62 -14.21
N PRO C 317 9.82 48.89 -14.36
CA PRO C 317 10.71 49.86 -15.00
C PRO C 317 12.01 50.06 -14.22
N ALA C 318 11.92 50.11 -12.88
CA ALA C 318 13.13 50.22 -12.08
C ALA C 318 14.05 49.02 -12.36
N LYS C 319 13.52 47.80 -12.25
CA LYS C 319 14.33 46.59 -12.42
C LYS C 319 14.93 46.48 -13.83
N PHE C 320 14.15 46.86 -14.84
CA PHE C 320 14.64 46.77 -16.19
C PHE C 320 15.79 47.76 -16.45
N LYS C 321 15.64 49.02 -16.03
CA LYS C 321 16.75 49.99 -16.10
C LYS C 321 18.01 49.54 -15.32
N GLU C 322 17.81 49.00 -14.12
CA GLU C 322 18.93 48.39 -13.43
C GLU C 322 19.60 47.28 -14.28
N TYR C 323 18.79 46.43 -14.96
CA TYR C 323 19.34 45.37 -15.83
C TYR C 323 19.99 45.93 -17.13
N GLU C 324 19.34 46.87 -17.80
CA GLU C 324 20.01 47.47 -18.95
C GLU C 324 21.39 47.97 -18.53
N ALA C 325 21.47 48.60 -17.37
CA ALA C 325 22.72 49.28 -17.01
C ALA C 325 23.85 48.32 -16.58
N GLU C 326 23.50 47.14 -16.08
CA GLU C 326 24.51 46.18 -15.64
C GLU C 326 25.06 45.50 -16.88
N ARG C 327 24.18 45.29 -17.84
CA ARG C 327 24.55 44.60 -19.07
C ARG C 327 25.42 45.53 -19.94
N ASN C 328 24.99 46.78 -20.08
CA ASN C 328 25.82 47.76 -20.75
C ASN C 328 27.25 47.96 -20.19
N CYS C 329 27.47 47.71 -18.90
CA CYS C 329 28.83 47.70 -18.33
C CYS C 329 29.69 46.62 -18.93
N TYR C 330 29.05 45.47 -19.16
CA TYR C 330 29.75 44.30 -19.61
C TYR C 330 30.02 44.38 -21.10
N TYR C 331 29.12 45.07 -21.78
CA TYR C 331 29.25 45.31 -23.21
C TYR C 331 30.20 46.48 -23.57
N GLN C 332 30.12 47.57 -22.81
CA GLN C 332 31.18 48.56 -22.92
C GLN C 332 32.51 47.84 -22.70
N LEU C 333 32.51 46.90 -21.77
CA LEU C 333 33.72 46.20 -21.36
C LEU C 333 34.23 45.31 -22.50
N ILE C 334 33.30 44.71 -23.24
CA ILE C 334 33.66 43.95 -24.43
C ILE C 334 34.11 44.87 -25.58
N ARG C 335 33.32 45.90 -25.85
CA ARG C 335 33.61 46.82 -26.94
C ARG C 335 35.05 47.35 -26.89
N ASP C 336 35.54 47.57 -25.68
CA ASP C 336 36.90 48.04 -25.48
C ASP C 336 37.95 46.98 -25.84
N ARG C 337 37.74 45.75 -25.38
CA ARG C 337 38.61 44.63 -25.71
C ARG C 337 38.82 44.50 -27.19
N ALA C 338 37.74 44.68 -27.94
CA ALA C 338 37.80 44.60 -29.40
C ALA C 338 38.44 45.87 -29.95
N ASP C 339 38.43 46.96 -29.18
CA ASP C 339 39.12 48.17 -29.60
C ASP C 339 40.62 47.93 -29.50
N ILE C 340 41.07 47.48 -28.31
CA ILE C 340 42.45 47.02 -28.09
C ILE C 340 42.95 45.95 -29.08
N PHE C 341 42.10 45.01 -29.51
CA PHE C 341 42.51 44.01 -30.52
C PHE C 341 42.53 44.63 -31.93
N LYS C 342 41.61 45.56 -32.17
CA LYS C 342 41.50 46.18 -33.48
C LYS C 342 42.70 47.10 -33.75
N GLN C 343 43.16 47.79 -32.73
CA GLN C 343 44.26 48.77 -32.89
C GLN C 343 45.61 48.10 -33.10
N GLU C 344 45.88 47.05 -32.34
N GLU C 344 45.87 47.04 -32.34
CA GLU C 344 47.18 46.38 -32.42
CA GLU C 344 47.14 46.35 -32.41
C GLU C 344 47.17 45.47 -33.65
C GLU C 344 47.16 45.47 -33.65
N ALA C 345 46.00 44.88 -33.95
CA ALA C 345 45.86 44.07 -35.15
C ALA C 345 46.22 44.91 -36.38
N ALA C 346 45.86 46.20 -36.36
CA ALA C 346 46.14 47.09 -37.47
C ALA C 346 47.63 47.44 -37.58
N GLN C 347 48.25 47.81 -36.46
CA GLN C 347 49.68 48.21 -36.47
C GLN C 347 50.58 47.02 -36.88
N VAL C 348 50.36 45.87 -36.26
CA VAL C 348 51.18 44.69 -36.53
C VAL C 348 50.92 44.15 -37.93
N GLY C 349 49.77 44.50 -38.51
CA GLY C 349 49.42 44.02 -39.84
C GLY C 349 48.69 42.70 -39.96
N LEU C 350 47.88 42.35 -38.95
CA LEU C 350 47.09 41.11 -38.92
C LEU C 350 45.70 41.30 -39.55
N PRO C 351 45.35 40.44 -40.54
CA PRO C 351 44.01 40.52 -41.16
C PRO C 351 42.92 40.13 -40.17
N MSE C 352 41.88 40.94 -40.07
CA MSE C 352 40.69 40.57 -39.29
C MSE C 352 39.41 41.12 -39.89
O MSE C 352 39.34 42.28 -40.26
CB MSE C 352 40.82 41.08 -37.85
CG MSE C 352 39.60 41.82 -37.38
SE MSE C 352 40.06 43.39 -36.33
CE MSE C 352 41.38 42.59 -35.18
N LEU C 353 38.36 40.30 -39.92
CA LEU C 353 37.11 40.72 -40.53
C LEU C 353 36.50 41.94 -39.79
N PRO C 354 35.57 42.65 -40.46
CA PRO C 354 35.06 43.97 -40.04
C PRO C 354 34.05 43.92 -38.88
N TYR C 355 34.56 43.93 -37.66
CA TYR C 355 33.73 43.75 -36.47
C TYR C 355 32.97 45.01 -36.10
N ARG C 356 31.63 44.99 -36.09
CA ARG C 356 30.90 46.08 -35.46
C ARG C 356 30.36 45.83 -34.06
N GLY C 357 30.45 44.59 -33.58
CA GLY C 357 29.78 44.21 -32.35
C GLY C 357 29.70 42.70 -32.27
N GLY C 358 29.27 42.16 -31.14
CA GLY C 358 29.34 40.72 -30.94
C GLY C 358 30.45 40.24 -30.02
N PHE C 359 30.49 38.95 -29.72
CA PHE C 359 31.47 38.44 -28.77
C PHE C 359 32.74 37.97 -29.45
N PHE C 360 32.71 37.87 -30.77
CA PHE C 360 33.79 37.21 -31.48
C PHE C 360 34.45 38.10 -32.52
N ILE C 361 35.74 37.88 -32.73
CA ILE C 361 36.41 38.45 -33.85
C ILE C 361 37.08 37.31 -34.55
N THR C 362 37.14 37.36 -35.88
N THR C 362 37.13 37.36 -35.87
CA THR C 362 37.77 36.28 -36.64
CA THR C 362 37.82 36.30 -36.59
C THR C 362 38.94 36.72 -37.53
C THR C 362 38.99 36.77 -37.49
N ILE C 363 40.02 35.94 -37.49
CA ILE C 363 41.17 36.13 -38.34
C ILE C 363 41.08 35.21 -39.56
N PRO C 364 40.88 35.78 -40.78
CA PRO C 364 40.80 34.86 -41.94
C PRO C 364 42.10 34.08 -42.22
N THR C 365 41.98 32.76 -42.29
CA THR C 365 43.07 31.92 -42.76
C THR C 365 42.50 30.61 -43.29
N ASP C 366 43.14 30.08 -44.34
N ASP C 366 43.09 30.05 -44.34
CA ASP C 366 42.81 28.78 -44.90
CA ASP C 366 42.70 28.73 -44.81
C ASP C 366 43.43 27.71 -44.01
C ASP C 366 43.41 27.68 -43.98
N SER C 367 44.37 28.16 -43.19
CA SER C 367 45.18 27.31 -42.33
C SER C 367 44.71 27.18 -40.87
N ALA C 368 43.51 27.70 -40.57
CA ALA C 368 43.11 27.95 -39.19
C ALA C 368 43.47 26.80 -38.27
N ASN C 369 43.11 25.58 -38.66
CA ASN C 369 43.31 24.41 -37.82
C ASN C 369 44.78 24.29 -37.38
N ALA C 370 45.68 24.26 -38.37
CA ALA C 370 47.09 24.19 -38.09
C ALA C 370 47.49 25.36 -37.19
N ILE C 371 47.05 26.57 -37.51
CA ILE C 371 47.51 27.73 -36.77
C ILE C 371 47.00 27.64 -35.33
N CYS C 372 45.88 26.94 -35.16
CA CYS C 372 45.27 26.81 -33.84
C CYS C 372 46.03 25.82 -32.93
N GLU C 373 46.56 24.77 -33.53
CA GLU C 373 47.28 23.74 -32.76
C GLU C 373 48.61 24.25 -32.19
N GLU C 374 49.24 25.18 -32.89
CA GLU C 374 50.43 25.85 -32.37
C GLU C 374 50.08 26.97 -31.38
N LEU C 375 48.87 27.53 -31.53
CA LEU C 375 48.38 28.50 -30.57
C LEU C 375 48.10 27.80 -29.23
N LYS C 376 47.56 26.57 -29.32
CA LYS C 376 47.31 25.74 -28.13
C LYS C 376 48.59 25.42 -27.35
N LYS C 377 49.74 25.66 -27.98
CA LYS C 377 51.05 25.53 -27.32
C LYS C 377 51.33 26.71 -26.39
N GLU C 378 51.02 27.93 -26.86
CA GLU C 378 51.25 29.18 -26.12
C GLU C 378 50.38 29.30 -24.85
N HIS C 379 49.49 28.33 -24.65
CA HIS C 379 48.37 28.48 -23.72
C HIS C 379 47.36 29.50 -24.24
N ILE C 380 47.24 29.54 -25.56
CA ILE C 380 46.21 30.38 -26.20
C ILE C 380 45.18 29.49 -26.90
N TYR C 381 43.94 29.52 -26.39
CA TYR C 381 42.92 28.56 -26.78
C TYR C 381 41.68 29.18 -27.47
N VAL C 382 41.52 28.84 -28.75
CA VAL C 382 40.70 29.60 -29.64
C VAL C 382 40.00 28.62 -30.58
N ILE C 383 39.11 29.11 -31.44
CA ILE C 383 38.35 28.19 -32.27
C ILE C 383 38.75 28.24 -33.73
N ALA C 384 38.89 27.07 -34.34
CA ALA C 384 39.28 27.00 -35.75
C ALA C 384 38.13 26.58 -36.67
N LEU C 385 37.82 27.44 -37.63
CA LEU C 385 36.75 27.19 -38.56
C LEU C 385 37.42 26.96 -39.92
N ALA C 386 36.65 26.64 -40.96
CA ALA C 386 37.24 26.37 -42.27
C ALA C 386 37.83 27.64 -42.87
N ASN C 387 37.24 28.78 -42.50
CA ASN C 387 37.61 30.07 -43.01
C ASN C 387 38.64 30.86 -42.20
N GLY C 388 38.92 30.42 -40.99
CA GLY C 388 39.80 31.20 -40.12
C GLY C 388 39.65 30.92 -38.64
N ILE C 389 40.28 31.77 -37.83
CA ILE C 389 40.37 31.58 -36.40
C ILE C 389 39.31 32.44 -35.74
N ARG C 390 38.44 31.84 -34.93
CA ARG C 390 37.50 32.62 -34.15
C ARG C 390 37.92 32.71 -32.68
N ILE C 391 37.87 33.92 -32.15
CA ILE C 391 38.38 34.25 -30.83
C ILE C 391 37.27 34.85 -30.02
N ALA C 392 37.13 34.47 -28.76
CA ALA C 392 35.98 34.94 -27.99
C ALA C 392 36.38 36.08 -27.09
N ALA C 393 35.98 37.26 -27.50
CA ALA C 393 36.44 38.51 -26.89
C ALA C 393 35.62 38.75 -25.64
N CYS C 394 34.46 38.08 -25.59
CA CYS C 394 33.62 38.04 -24.41
C CYS C 394 34.39 37.35 -23.27
N GLY C 395 35.22 36.37 -23.61
CA GLY C 395 35.93 35.61 -22.59
C GLY C 395 37.30 36.15 -22.15
N ILE C 396 37.83 37.16 -22.84
CA ILE C 396 39.24 37.58 -22.64
C ILE C 396 39.39 38.91 -21.93
N PRO C 397 39.87 38.85 -20.69
CA PRO C 397 40.11 40.03 -19.85
C PRO C 397 41.08 40.98 -20.58
N LYS C 398 41.11 42.25 -20.19
CA LYS C 398 42.03 43.21 -20.79
C LYS C 398 43.51 42.80 -20.70
N CYS C 399 43.89 42.09 -19.65
CA CYS C 399 45.28 41.66 -19.45
C CYS C 399 45.82 41.00 -20.70
N GLN C 400 45.09 39.97 -21.18
CA GLN C 400 45.54 39.16 -22.31
C GLN C 400 45.08 39.57 -23.73
N MSE C 401 44.15 40.52 -23.80
CA MSE C 401 43.73 41.16 -25.06
C MSE C 401 44.81 42.03 -25.72
O MSE C 401 44.97 42.03 -26.94
CB MSE C 401 42.49 42.04 -24.83
CG MSE C 401 41.66 42.22 -26.09
SE MSE C 401 40.95 40.47 -26.52
CE MSE C 401 40.92 40.60 -28.45
N THR C 402 45.54 42.81 -24.92
CA THR C 402 46.60 43.63 -25.50
C THR C 402 47.86 42.78 -25.66
N GLY C 403 48.45 42.85 -26.83
CA GLY C 403 49.62 42.05 -27.10
C GLY C 403 49.19 40.68 -27.59
N LEU C 404 47.87 40.41 -27.57
CA LEU C 404 47.37 39.15 -28.14
C LEU C 404 47.42 39.13 -29.68
N ALA C 405 46.99 40.21 -30.34
CA ALA C 405 47.03 40.23 -31.82
C ALA C 405 48.47 40.02 -32.32
N GLU C 406 49.45 40.27 -31.46
CA GLU C 406 50.85 40.05 -31.80
C GLU C 406 51.23 38.57 -31.74
N LYS C 407 50.78 37.88 -30.68
CA LYS C 407 51.09 36.48 -30.46
C LYS C 407 50.43 35.56 -31.51
N ILE C 408 49.29 35.98 -32.06
CA ILE C 408 48.66 35.25 -33.18
C ILE C 408 49.30 35.52 -34.53
N TYR C 409 49.53 36.79 -34.83
CA TYR C 409 50.16 37.19 -36.08
C TYR C 409 51.59 36.61 -36.11
N ASN C 410 52.19 36.46 -34.94
CA ASN C 410 53.53 35.92 -34.88
C ASN C 410 53.56 34.42 -35.13
N ALA C 411 52.47 33.74 -34.83
CA ALA C 411 52.44 32.32 -35.10
C ALA C 411 52.27 32.06 -36.59
N MSE C 412 51.42 32.85 -37.25
CA MSE C 412 51.13 32.66 -38.66
C MSE C 412 52.28 33.00 -39.59
O MSE C 412 52.42 32.38 -40.65
CB MSE C 412 49.90 33.45 -39.07
CG MSE C 412 48.64 32.74 -38.71
SE MSE C 412 47.21 34.00 -38.66
CE MSE C 412 47.17 34.44 -40.54
N LYS C 413 53.07 34.00 -39.21
CA LYS C 413 54.20 34.47 -40.01
C LYS C 413 55.33 33.44 -40.02
N SER C 414 55.39 32.63 -38.97
CA SER C 414 56.45 31.63 -38.86
C SER C 414 56.18 30.44 -39.77
N LEU C 415 54.89 30.15 -39.99
CA LEU C 415 54.47 28.96 -40.75
C LEU C 415 54.18 29.17 -42.24
N GLY C 416 54.37 30.40 -42.72
CA GLY C 416 54.06 30.70 -44.11
C GLY C 416 52.67 31.28 -44.31
N LYS C 417 51.92 31.43 -43.22
CA LYS C 417 50.57 31.96 -43.28
C LYS C 417 50.53 33.50 -43.22
N THR D 5 -21.14 -17.40 -1.84
CA THR D 5 -19.90 -16.79 -1.37
C THR D 5 -19.58 -17.25 0.04
N SER D 6 -18.40 -17.82 0.21
CA SER D 6 -17.92 -18.26 1.52
C SER D 6 -16.42 -18.01 1.66
N VAL D 7 -16.04 -17.42 2.79
CA VAL D 7 -14.64 -17.26 3.15
C VAL D 7 -14.14 -18.41 4.00
N ALA D 8 -15.06 -19.20 4.52
CA ALA D 8 -14.72 -20.13 5.58
C ALA D 8 -13.71 -21.14 5.10
N ALA D 9 -12.95 -21.69 6.04
CA ALA D 9 -12.05 -22.78 5.71
C ALA D 9 -12.83 -23.96 5.07
N LYS D 10 -12.19 -24.69 4.15
CA LYS D 10 -12.89 -25.68 3.33
C LYS D 10 -13.63 -26.72 4.17
N HIS D 11 -13.12 -26.99 5.37
CA HIS D 11 -13.80 -27.89 6.30
C HIS D 11 -14.96 -27.24 7.07
N ALA D 12 -14.95 -25.91 7.19
CA ALA D 12 -16.06 -25.20 7.82
C ALA D 12 -17.27 -25.01 6.89
N LYS D 13 -17.05 -25.00 5.57
CA LYS D 13 -18.13 -24.74 4.63
C LYS D 13 -19.37 -25.59 4.89
N GLY D 14 -20.52 -24.94 4.81
CA GLY D 14 -21.81 -25.59 4.82
C GLY D 14 -22.13 -26.20 6.16
N LYS D 15 -21.48 -25.72 7.22
CA LYS D 15 -21.81 -26.23 8.52
C LYS D 15 -22.96 -25.41 9.07
N LYS D 16 -24.01 -26.09 9.50
CA LYS D 16 -25.08 -25.43 10.23
C LYS D 16 -25.59 -26.39 11.29
N LEU D 17 -26.35 -25.83 12.22
CA LEU D 17 -26.99 -26.62 13.26
C LEU D 17 -28.50 -26.51 13.17
N LYS D 18 -29.16 -27.64 12.98
CA LYS D 18 -30.55 -27.73 13.33
C LYS D 18 -30.40 -28.49 14.62
N ASP D 19 -30.61 -27.84 15.76
CA ASP D 19 -30.62 -28.63 16.98
C ASP D 19 -31.96 -28.51 17.66
N VAL D 20 -32.67 -29.64 17.66
CA VAL D 20 -34.04 -29.71 18.14
C VAL D 20 -34.16 -29.18 19.56
N ILE D 21 -33.28 -29.71 20.41
CA ILE D 21 -33.39 -29.53 21.85
C ILE D 21 -33.56 -28.07 22.26
N PHE D 22 -32.66 -27.19 21.82
CA PHE D 22 -32.77 -25.76 22.14
C PHE D 22 -33.89 -25.07 21.29
N VAL D 23 -33.92 -25.37 20.00
CA VAL D 23 -35.00 -24.94 19.13
C VAL D 23 -36.33 -25.17 19.84
N THR D 24 -36.61 -26.44 20.16
CA THR D 24 -37.81 -26.80 20.92
C THR D 24 -37.96 -26.12 22.28
N ALA D 25 -36.89 -26.10 23.07
CA ALA D 25 -36.98 -25.59 24.44
C ALA D 25 -37.58 -24.20 24.55
N GLY D 26 -37.40 -23.39 23.50
CA GLY D 26 -37.84 -22.00 23.53
C GLY D 26 -39.34 -21.78 23.51
N GLN D 27 -40.05 -22.65 22.81
CA GLN D 27 -41.49 -22.52 22.72
C GLN D 27 -42.18 -23.06 23.96
N ALA D 28 -41.45 -23.89 24.69
CA ALA D 28 -41.94 -24.43 25.94
C ALA D 28 -42.20 -23.27 26.91
N GLN D 29 -41.20 -22.42 27.07
CA GLN D 29 -41.27 -21.32 28.01
C GLN D 29 -42.49 -20.43 27.78
N ALA D 30 -42.65 -19.96 26.54
CA ALA D 30 -43.72 -19.03 26.18
C ALA D 30 -44.98 -19.23 27.03
N ASN D 42 -43.79 -29.10 30.23
CA ASN D 42 -42.43 -28.78 29.80
C ASN D 42 -41.46 -29.93 30.02
N GLY D 43 -41.38 -30.80 29.01
CA GLY D 43 -40.50 -31.94 29.00
C GLY D 43 -39.27 -31.83 28.12
N THR D 44 -38.81 -30.62 27.79
CA THR D 44 -37.63 -30.47 26.93
C THR D 44 -36.27 -30.70 27.64
N LEU D 45 -35.88 -29.81 28.57
CA LEU D 45 -34.49 -29.64 29.11
C LEU D 45 -34.16 -30.30 30.45
N GLY D 46 -32.90 -30.72 30.57
CA GLY D 46 -32.44 -31.65 31.57
C GLY D 46 -32.27 -31.03 32.94
N ALA D 47 -33.00 -29.95 33.21
CA ALA D 47 -32.98 -29.30 34.54
C ALA D 47 -34.10 -29.79 35.45
N ILE D 48 -33.81 -29.98 36.74
CA ILE D 48 -34.86 -30.29 37.73
C ILE D 48 -35.77 -29.07 37.98
N HIS D 49 -37.08 -29.31 38.12
CA HIS D 49 -38.12 -28.28 38.43
C HIS D 49 -38.96 -28.61 39.69
N ASP D 50 -39.23 -27.60 40.51
N ASP D 50 -39.22 -27.60 40.52
CA ASP D 50 -40.09 -27.75 41.68
CA ASP D 50 -40.08 -27.76 41.70
C ASP D 50 -41.55 -27.82 41.24
C ASP D 50 -41.54 -27.82 41.25
N GLU D 51 -42.40 -28.37 42.11
CA GLU D 51 -43.82 -28.60 41.79
C GLU D 51 -44.56 -27.35 41.32
N GLU D 52 -44.09 -26.18 41.70
CA GLU D 52 -44.64 -24.90 41.22
C GLU D 52 -44.01 -24.46 39.90
N GLY D 53 -43.11 -25.31 39.38
CA GLY D 53 -42.64 -25.18 38.02
C GLY D 53 -41.47 -24.25 37.78
N ASN D 54 -40.78 -23.86 38.84
N ASN D 54 -40.75 -23.89 38.82
CA ASN D 54 -39.55 -23.06 38.72
CA ASN D 54 -39.54 -23.08 38.64
C ASN D 54 -38.26 -23.86 38.95
C ASN D 54 -38.27 -23.87 38.93
N LEU D 55 -37.18 -23.45 38.28
CA LEU D 55 -35.91 -24.18 38.36
C LEU D 55 -35.39 -24.30 39.77
N VAL D 56 -35.18 -25.55 40.20
CA VAL D 56 -34.49 -25.84 41.43
C VAL D 56 -33.03 -25.36 41.30
N PHE D 57 -32.60 -24.58 42.29
CA PHE D 57 -31.22 -24.16 42.47
C PHE D 57 -31.06 -24.60 43.94
N LEU D 58 -30.25 -25.60 44.23
CA LEU D 58 -30.27 -26.17 45.58
C LEU D 58 -29.94 -25.11 46.65
N LYS D 59 -30.66 -25.13 47.76
CA LYS D 59 -30.50 -24.11 48.79
C LYS D 59 -29.08 -24.05 49.37
N THR D 60 -28.47 -25.19 49.67
CA THR D 60 -27.14 -25.12 50.27
C THR D 60 -26.10 -24.61 49.27
N VAL D 61 -26.26 -24.95 47.98
CA VAL D 61 -25.39 -24.45 46.93
C VAL D 61 -25.59 -22.96 46.68
N LYS D 62 -26.85 -22.55 46.57
CA LYS D 62 -27.15 -21.12 46.50
C LYS D 62 -26.53 -20.36 47.65
N GLU D 63 -26.75 -20.82 48.88
CA GLU D 63 -26.17 -20.12 50.05
C GLU D 63 -24.62 -19.90 49.99
N GLU D 64 -23.80 -20.96 49.86
CA GLU D 64 -22.32 -20.76 49.80
C GLU D 64 -21.91 -19.88 48.60
N TYR D 65 -22.48 -20.17 47.43
CA TYR D 65 -22.24 -19.40 46.22
C TYR D 65 -22.43 -17.87 46.35
N LEU D 66 -23.55 -17.46 46.95
CA LEU D 66 -23.84 -16.03 47.11
C LEU D 66 -23.04 -15.45 48.26
N SER D 67 -22.47 -16.29 49.11
CA SER D 67 -21.72 -15.79 50.28
C SER D 67 -20.22 -15.54 49.96
N LEU D 68 -19.82 -15.78 48.72
CA LEU D 68 -18.41 -15.74 48.33
C LEU D 68 -17.93 -14.29 48.15
N SER D 69 -16.65 -14.03 48.42
CA SER D 69 -16.12 -12.67 48.33
C SER D 69 -16.03 -12.24 46.87
N ASP D 70 -15.59 -11.01 46.63
CA ASP D 70 -15.48 -10.58 45.25
C ASP D 70 -14.37 -11.31 44.51
N SER D 71 -13.31 -11.65 45.25
CA SER D 71 -12.21 -12.42 44.66
C SER D 71 -12.65 -13.73 44.07
N GLU D 72 -13.55 -14.41 44.77
CA GLU D 72 -14.02 -15.67 44.29
C GLU D 72 -15.04 -15.47 43.18
N HIS D 73 -15.83 -14.41 43.21
CA HIS D 73 -16.70 -14.24 42.06
C HIS D 73 -15.97 -13.69 40.83
N VAL D 74 -15.18 -12.64 41.03
CA VAL D 74 -14.54 -11.90 39.94
C VAL D 74 -13.02 -12.24 39.65
N GLY D 75 -12.45 -13.09 40.49
CA GLY D 75 -11.04 -13.45 40.32
C GLY D 75 -10.77 -14.46 39.22
N TYR D 76 -9.55 -14.41 38.69
CA TYR D 76 -9.07 -15.48 37.83
C TYR D 76 -8.88 -16.74 38.63
N ALA D 77 -9.11 -17.86 37.95
CA ALA D 77 -8.72 -19.17 38.46
C ALA D 77 -7.59 -19.69 37.59
N PRO D 78 -6.78 -20.60 38.13
CA PRO D 78 -5.68 -21.16 37.35
C PRO D 78 -6.20 -21.86 36.08
N ILE D 79 -5.40 -21.91 35.01
CA ILE D 79 -5.85 -22.65 33.80
C ILE D 79 -6.35 -24.12 34.00
N ALA D 80 -5.56 -24.93 34.71
CA ALA D 80 -5.93 -26.30 35.06
C ALA D 80 -7.22 -26.33 35.92
N GLY D 81 -7.54 -25.22 36.61
CA GLY D 81 -8.64 -25.17 37.58
C GLY D 81 -8.15 -25.08 39.03
N ILE D 82 -9.04 -24.67 39.92
CA ILE D 82 -8.72 -24.57 41.35
C ILE D 82 -8.34 -25.95 41.82
N PRO D 83 -7.14 -26.12 42.38
CA PRO D 83 -6.77 -27.48 42.82
C PRO D 83 -7.71 -28.07 43.93
N ASP D 84 -8.30 -27.22 44.79
CA ASP D 84 -9.35 -27.60 45.77
C ASP D 84 -10.56 -28.22 45.10
N PHE D 85 -11.00 -27.59 44.01
CA PHE D 85 -12.12 -28.09 43.22
C PHE D 85 -11.77 -29.39 42.50
N LEU D 86 -10.60 -29.45 41.85
CA LEU D 86 -10.16 -30.71 41.22
C LEU D 86 -10.16 -31.90 42.23
N CYS D 87 -9.60 -31.73 43.42
CA CYS D 87 -9.61 -32.82 44.42
C CYS D 87 -11.03 -33.23 44.86
N ALA D 88 -11.90 -32.26 45.07
CA ALA D 88 -13.22 -32.48 45.61
C ALA D 88 -14.05 -33.20 44.56
N ALA D 89 -13.92 -32.80 43.28
CA ALA D 89 -14.61 -33.48 42.18
C ALA D 89 -14.27 -34.97 42.11
N GLU D 90 -12.99 -35.31 42.06
CA GLU D 90 -12.54 -36.69 42.14
C GLU D 90 -13.19 -37.40 43.34
N LYS D 91 -13.12 -36.79 44.51
CA LYS D 91 -13.66 -37.38 45.73
C LYS D 91 -15.17 -37.67 45.64
N GLU D 92 -15.88 -36.70 45.12
CA GLU D 92 -17.31 -36.73 45.02
C GLU D 92 -17.66 -37.73 43.96
N CYS D 93 -16.85 -37.80 42.91
CA CYS D 93 -17.14 -38.67 41.79
C CYS D 93 -16.88 -40.15 42.17
N PHE D 94 -15.70 -40.43 42.73
CA PHE D 94 -15.32 -41.82 43.06
C PHE D 94 -15.88 -42.34 44.39
N GLY D 95 -16.25 -41.46 45.31
CA GLY D 95 -16.73 -41.94 46.60
C GLY D 95 -15.75 -42.99 47.13
N ASN D 96 -16.29 -44.17 47.47
CA ASN D 96 -15.50 -45.26 48.08
C ASN D 96 -14.72 -46.13 47.11
N PHE D 97 -14.95 -45.86 45.84
CA PHE D 97 -14.33 -46.52 44.68
C PHE D 97 -13.12 -45.89 43.94
N ARG D 98 -12.47 -44.88 44.51
CA ARG D 98 -11.32 -44.32 43.83
C ARG D 98 -10.39 -45.47 43.39
N PRO D 99 -10.12 -45.54 42.08
CA PRO D 99 -9.25 -46.50 41.37
C PRO D 99 -7.81 -46.38 41.82
N GLU D 100 -7.04 -47.47 41.81
CA GLU D 100 -5.57 -47.42 42.02
C GLU D 100 -4.84 -46.83 40.78
N GLY D 101 -3.60 -46.39 40.97
CA GLY D 101 -2.87 -45.74 39.89
C GLY D 101 -2.76 -44.23 39.94
N HIS D 102 -2.50 -43.63 38.79
CA HIS D 102 -2.28 -42.19 38.73
C HIS D 102 -3.45 -41.51 38.11
N ILE D 103 -3.93 -40.52 38.82
CA ILE D 103 -5.11 -39.80 38.42
C ILE D 103 -4.78 -38.29 38.27
N ARG D 104 -5.10 -37.71 37.12
CA ARG D 104 -4.94 -36.28 36.98
C ARG D 104 -6.21 -35.67 36.42
N SER D 105 -6.62 -34.51 36.93
CA SER D 105 -7.80 -33.86 36.37
C SER D 105 -7.59 -32.44 35.93
N ILE D 106 -8.42 -31.99 35.00
CA ILE D 106 -8.38 -30.64 34.49
C ILE D 106 -9.84 -30.14 34.48
N ALA D 107 -10.07 -28.88 34.84
CA ALA D 107 -11.41 -28.30 34.77
C ALA D 107 -11.85 -27.98 33.32
N THR D 108 -13.10 -28.29 33.02
N THR D 108 -13.10 -28.27 33.04
CA THR D 108 -13.61 -28.16 31.67
CA THR D 108 -13.64 -28.21 31.69
C THR D 108 -14.95 -27.43 31.71
C THR D 108 -14.95 -27.42 31.71
N ALA D 109 -15.46 -27.01 30.56
CA ALA D 109 -16.79 -26.35 30.57
C ALA D 109 -17.84 -27.45 30.32
N GLY D 110 -18.51 -27.82 31.40
CA GLY D 110 -19.45 -28.90 31.41
C GLY D 110 -18.72 -30.15 31.06
N GLY D 111 -19.48 -31.24 30.93
CA GLY D 111 -18.92 -32.47 30.40
C GLY D 111 -18.65 -32.31 28.90
N THR D 112 -19.36 -31.41 28.24
CA THR D 112 -19.06 -31.08 26.84
C THR D 112 -17.57 -30.72 26.59
N GLY D 113 -16.96 -29.97 27.50
CA GLY D 113 -15.61 -29.52 27.27
C GLY D 113 -14.64 -30.68 27.46
N GLY D 114 -14.98 -31.54 28.41
CA GLY D 114 -14.17 -32.72 28.68
C GLY D 114 -14.15 -33.59 27.44
N ILE D 115 -15.28 -33.65 26.77
CA ILE D 115 -15.40 -34.53 25.64
C ILE D 115 -14.75 -33.81 24.47
N HIS D 116 -14.99 -32.52 24.35
CA HIS D 116 -14.30 -31.75 23.31
C HIS D 116 -12.79 -32.00 23.39
N HIS D 117 -12.22 -31.97 24.60
CA HIS D 117 -10.77 -32.08 24.80
C HIS D 117 -10.24 -33.47 24.47
N LEU D 118 -10.98 -34.48 24.99
CA LEU D 118 -10.63 -35.88 24.79
C LEU D 118 -10.51 -36.23 23.34
N ILE D 119 -11.44 -35.74 22.53
N ILE D 119 -11.44 -35.72 22.55
CA ILE D 119 -11.46 -36.12 21.13
CA ILE D 119 -11.48 -36.08 21.15
C ILE D 119 -10.40 -35.34 20.35
C ILE D 119 -10.25 -35.44 20.53
N HIS D 120 -10.05 -34.18 20.87
CA HIS D 120 -9.01 -33.35 20.25
C HIS D 120 -7.65 -33.98 20.46
N ASN D 121 -7.38 -34.35 21.70
CA ASN D 121 -6.07 -34.79 22.13
C ASN D 121 -5.76 -36.24 21.86
N TYR D 122 -6.82 -37.05 21.80
CA TYR D 122 -6.77 -38.49 21.53
C TYR D 122 -7.11 -39.16 20.21
N THR D 123 -7.44 -38.39 19.21
CA THR D 123 -7.76 -38.94 17.92
C THR D 123 -7.09 -38.08 16.87
N GLU D 124 -6.86 -38.66 15.69
CA GLU D 124 -6.40 -37.93 14.51
C GLU D 124 -7.61 -37.47 13.71
N PRO D 125 -7.46 -36.45 12.85
CA PRO D 125 -8.56 -35.93 12.02
C PRO D 125 -8.99 -36.97 11.02
N GLY D 126 -10.27 -37.04 10.67
CA GLY D 126 -10.79 -38.18 9.93
C GLY D 126 -11.00 -39.48 10.73
N ASP D 127 -10.67 -39.49 12.02
CA ASP D 127 -10.83 -40.68 12.83
C ASP D 127 -12.31 -40.99 13.11
N GLU D 128 -12.60 -42.23 13.48
CA GLU D 128 -13.95 -42.55 13.95
C GLU D 128 -13.96 -42.69 15.46
N VAL D 129 -14.99 -42.10 16.09
CA VAL D 129 -15.23 -42.29 17.50
C VAL D 129 -16.56 -43.10 17.74
N LEU D 130 -16.48 -43.99 18.73
CA LEU D 130 -17.52 -44.98 18.98
C LEU D 130 -18.36 -44.66 20.25
N THR D 131 -19.68 -44.71 20.06
CA THR D 131 -20.58 -44.70 21.21
C THR D 131 -21.80 -45.60 20.96
N ALA D 132 -22.68 -45.75 21.96
CA ALA D 132 -23.94 -46.51 21.78
C ALA D 132 -24.95 -45.79 20.86
N ASP D 133 -25.79 -46.57 20.19
CA ASP D 133 -26.81 -45.98 19.30
C ASP D 133 -27.87 -45.16 20.00
N TRP D 134 -27.95 -45.29 21.33
CA TRP D 134 -28.70 -44.34 22.15
C TRP D 134 -27.70 -43.44 22.87
N TYR D 135 -27.64 -42.19 22.45
CA TYR D 135 -26.63 -41.26 22.92
C TYR D 135 -27.10 -39.80 22.86
N TRP D 136 -26.43 -38.96 23.67
CA TRP D 136 -26.62 -37.51 23.69
C TRP D 136 -26.20 -36.92 22.34
N GLY D 137 -27.11 -36.18 21.74
CA GLY D 137 -26.93 -35.65 20.40
C GLY D 137 -25.68 -34.81 20.16
N ALA D 138 -25.27 -33.97 21.13
CA ALA D 138 -24.01 -33.19 21.02
C ALA D 138 -22.76 -34.00 20.59
N TYR D 139 -22.56 -35.23 21.10
CA TYR D 139 -21.33 -35.93 20.78
C TYR D 139 -21.15 -35.86 19.29
N ARG D 140 -22.22 -36.12 18.53
CA ARG D 140 -22.08 -36.15 17.08
C ARG D 140 -21.45 -34.85 16.52
N VAL D 141 -21.82 -33.70 17.09
CA VAL D 141 -21.28 -32.39 16.67
C VAL D 141 -19.86 -32.18 17.18
N ILE D 142 -19.60 -32.53 18.43
CA ILE D 142 -18.23 -32.50 18.92
C ILE D 142 -17.29 -33.20 17.94
N CYS D 143 -17.71 -34.32 17.38
CA CYS D 143 -16.92 -35.06 16.38
C CYS D 143 -16.84 -34.35 15.03
N SER D 144 -18.00 -34.00 14.48
CA SER D 144 -18.07 -33.60 13.09
C SER D 144 -17.55 -32.16 12.89
N ASP D 145 -17.72 -31.32 13.91
CA ASP D 145 -17.22 -29.95 13.83
C ASP D 145 -15.70 -29.97 13.70
N THR D 146 -15.07 -31.03 14.21
CA THR D 146 -13.62 -31.26 14.00
C THR D 146 -13.22 -32.20 12.87
N GLY D 147 -14.17 -32.63 12.04
CA GLY D 147 -13.88 -33.66 11.05
C GLY D 147 -13.63 -35.09 11.55
N ARG D 148 -13.91 -35.36 12.83
CA ARG D 148 -14.04 -36.73 13.33
C ARG D 148 -15.44 -37.29 12.98
N THR D 149 -15.58 -38.61 12.90
CA THR D 149 -16.93 -39.22 12.66
C THR D 149 -17.40 -40.05 13.85
N LEU D 150 -18.59 -39.75 14.36
CA LEU D 150 -19.09 -40.50 15.48
C LEU D 150 -19.86 -41.68 14.93
N VAL D 151 -19.40 -42.87 15.30
CA VAL D 151 -20.00 -44.13 14.88
C VAL D 151 -20.66 -44.85 16.07
N THR D 152 -21.71 -45.62 15.78
CA THR D 152 -22.52 -46.26 16.83
C THR D 152 -22.51 -47.78 16.80
N TYR D 153 -22.62 -48.42 17.96
CA TYR D 153 -23.01 -49.84 18.02
C TYR D 153 -24.36 -49.97 18.71
N SER D 154 -25.08 -51.06 18.40
CA SER D 154 -26.39 -51.27 19.01
C SER D 154 -26.18 -51.48 20.50
N LEU D 155 -26.85 -50.68 21.32
CA LEU D 155 -26.71 -50.84 22.78
C LEU D 155 -27.31 -52.18 23.17
N PHE D 156 -28.50 -52.46 22.63
CA PHE D 156 -29.30 -53.56 23.13
C PHE D 156 -29.40 -54.73 22.16
N ASP D 157 -29.33 -55.95 22.70
CA ASP D 157 -29.71 -57.10 21.92
C ASP D 157 -31.27 -57.25 21.98
N GLU D 158 -31.81 -58.35 21.48
CA GLU D 158 -33.27 -58.48 21.39
C GLU D 158 -33.97 -58.45 22.76
N HIS D 159 -33.26 -58.88 23.79
CA HIS D 159 -33.75 -58.88 25.16
C HIS D 159 -33.31 -57.70 26.03
N ASN D 160 -32.67 -56.72 25.38
CA ASN D 160 -32.16 -55.52 26.06
C ASN D 160 -31.06 -55.85 27.05
N ASN D 161 -30.29 -56.90 26.79
CA ASN D 161 -28.98 -57.01 27.41
C ASN D 161 -27.94 -56.15 26.67
N PHE D 162 -26.86 -55.84 27.36
CA PHE D 162 -25.84 -55.06 26.70
C PHE D 162 -25.33 -55.88 25.51
N ASN D 163 -25.34 -55.32 24.31
CA ASN D 163 -25.07 -56.16 23.17
C ASN D 163 -23.57 -56.13 22.90
N HIS D 164 -22.89 -57.21 23.29
CA HIS D 164 -21.43 -57.25 23.34
C HIS D 164 -20.89 -57.51 21.98
N GLU D 165 -21.67 -58.31 21.28
CA GLU D 165 -21.30 -58.73 19.96
C GLU D 165 -21.25 -57.48 19.09
N ALA D 166 -22.23 -56.59 19.25
CA ALA D 166 -22.29 -55.43 18.37
C ALA D 166 -21.10 -54.44 18.66
N PHE D 167 -20.82 -54.23 19.93
CA PHE D 167 -19.81 -53.36 20.45
C PHE D 167 -18.43 -53.92 20.09
N GLN D 168 -18.24 -55.22 20.31
CA GLN D 168 -16.98 -55.87 19.91
C GLN D 168 -16.77 -55.76 18.41
N ASN D 169 -17.82 -55.97 17.62
CA ASN D 169 -17.65 -55.81 16.19
C ASN D 169 -17.23 -54.38 15.79
N ARG D 170 -17.77 -53.35 16.43
CA ARG D 170 -17.48 -51.99 15.99
C ARG D 170 -16.08 -51.69 16.43
N VAL D 171 -15.75 -52.05 17.67
CA VAL D 171 -14.41 -51.85 18.18
C VAL D 171 -13.32 -52.48 17.29
N ASN D 172 -13.51 -53.70 16.83
CA ASN D 172 -12.53 -54.28 15.91
C ASN D 172 -12.47 -53.55 14.56
N GLU D 173 -13.59 -53.00 14.09
CA GLU D 173 -13.62 -52.29 12.81
C GLU D 173 -12.72 -51.07 12.88
N LEU D 174 -12.77 -50.39 14.03
CA LEU D 174 -12.00 -49.17 14.24
C LEU D 174 -10.52 -49.47 14.53
N ALA D 175 -10.28 -50.42 15.44
CA ALA D 175 -8.94 -50.85 15.78
C ALA D 175 -8.14 -51.24 14.55
N ALA D 176 -8.82 -51.81 13.55
CA ALA D 176 -8.12 -52.22 12.34
C ALA D 176 -7.66 -51.02 11.50
N LYS D 177 -8.43 -49.94 11.44
CA LYS D 177 -8.04 -48.78 10.64
C LYS D 177 -7.38 -47.59 11.39
N GLN D 178 -7.30 -47.66 12.71
CA GLN D 178 -6.70 -46.59 13.48
C GLN D 178 -6.10 -47.09 14.78
N THR D 179 -5.00 -46.46 15.18
CA THR D 179 -4.22 -46.86 16.36
C THR D 179 -4.99 -46.64 17.69
N ASN D 180 -5.57 -45.47 17.80
CA ASN D 180 -6.30 -45.07 19.00
C ASN D 180 -7.78 -45.28 18.75
N VAL D 181 -8.44 -45.90 19.70
CA VAL D 181 -9.86 -46.11 19.56
C VAL D 181 -10.41 -45.49 20.81
N VAL D 182 -11.27 -44.51 20.60
CA VAL D 182 -11.92 -43.78 21.67
C VAL D 182 -13.38 -44.25 21.68
N VAL D 183 -13.83 -44.68 22.85
CA VAL D 183 -15.22 -45.12 23.05
C VAL D 183 -15.81 -44.32 24.18
N ILE D 184 -16.97 -43.74 23.93
CA ILE D 184 -17.62 -42.93 24.96
C ILE D 184 -18.79 -43.73 25.50
N PHE D 185 -18.76 -44.04 26.79
CA PHE D 185 -19.86 -44.66 27.50
C PHE D 185 -20.56 -43.61 28.33
N ASN D 186 -21.85 -43.40 28.10
CA ASN D 186 -22.56 -42.46 28.98
C ASN D 186 -23.33 -43.37 29.95
N THR D 187 -22.78 -43.50 31.15
CA THR D 187 -23.29 -44.35 32.21
C THR D 187 -22.83 -43.81 33.55
N PRO D 188 -23.60 -43.96 34.64
CA PRO D 188 -24.95 -44.49 34.74
C PRO D 188 -26.00 -43.46 34.32
N GLY D 189 -27.26 -43.86 34.26
CA GLY D 189 -28.27 -42.93 33.82
C GLY D 189 -27.98 -42.37 32.45
N ASN D 190 -27.81 -43.24 31.45
CA ASN D 190 -27.56 -42.82 30.08
C ASN D 190 -28.57 -41.77 29.61
N ASN D 191 -28.10 -40.67 29.01
CA ASN D 191 -29.03 -39.79 28.30
C ASN D 191 -29.20 -40.33 26.88
N PRO D 192 -30.45 -40.50 26.37
CA PRO D 192 -31.87 -40.47 26.80
C PRO D 192 -32.50 -41.60 27.64
N THR D 193 -31.92 -42.79 27.65
CA THR D 193 -32.68 -43.97 28.12
C THR D 193 -32.74 -44.07 29.62
N GLY D 194 -31.68 -43.69 30.29
CA GLY D 194 -31.62 -43.93 31.71
C GLY D 194 -30.94 -45.26 31.95
N TYR D 195 -30.64 -45.97 30.86
CA TYR D 195 -29.96 -47.25 30.96
C TYR D 195 -28.63 -47.11 31.67
N SER D 196 -28.24 -48.12 32.45
CA SER D 196 -26.92 -48.11 33.08
C SER D 196 -26.16 -49.41 32.89
N ILE D 197 -25.04 -49.37 32.20
CA ILE D 197 -24.24 -50.57 32.02
C ILE D 197 -23.95 -51.17 33.39
N GLU D 198 -24.29 -52.46 33.55
CA GLU D 198 -24.09 -53.17 34.81
C GLU D 198 -22.67 -53.67 35.00
N ASP D 199 -22.32 -53.88 36.27
CA ASP D 199 -21.00 -54.33 36.66
C ASP D 199 -20.41 -55.54 35.94
N LYS D 200 -21.25 -56.49 35.55
CA LYS D 200 -20.80 -57.72 34.90
C LYS D 200 -20.42 -57.40 33.46
N ASP D 201 -21.12 -56.42 32.88
CA ASP D 201 -20.83 -56.01 31.52
C ASP D 201 -19.58 -55.08 31.42
N TRP D 202 -19.30 -54.33 32.49
CA TRP D 202 -18.05 -53.57 32.57
C TRP D 202 -16.89 -54.55 32.62
N ASP D 203 -17.07 -55.65 33.35
CA ASP D 203 -16.07 -56.70 33.38
C ASP D 203 -15.81 -57.20 32.00
N SER D 204 -16.87 -57.53 31.30
CA SER D 204 -16.75 -58.12 29.97
C SER D 204 -16.17 -57.12 28.97
N ILE D 205 -16.59 -55.88 29.12
CA ILE D 205 -16.12 -54.82 28.26
C ILE D 205 -14.60 -54.67 28.47
N LEU D 206 -14.22 -54.56 29.73
CA LEU D 206 -12.81 -54.34 30.05
C LEU D 206 -11.96 -55.56 29.62
N ASN D 207 -12.46 -56.76 29.91
CA ASN D 207 -11.74 -57.95 29.53
C ASN D 207 -11.51 -58.04 28.03
N PHE D 208 -12.45 -57.51 27.28
CA PHE D 208 -12.31 -57.60 25.84
C PHE D 208 -11.32 -56.51 25.39
N LEU D 209 -11.40 -55.33 25.99
CA LEU D 209 -10.50 -54.23 25.62
C LEU D 209 -9.04 -54.57 26.01
N LYS D 210 -8.88 -55.27 27.13
CA LYS D 210 -7.60 -55.84 27.52
C LYS D 210 -7.04 -56.81 26.50
N ASP D 211 -7.85 -57.75 26.04
CA ASP D 211 -7.44 -58.67 24.99
C ASP D 211 -7.03 -57.95 23.71
N LEU D 212 -7.79 -56.93 23.32
CA LEU D 212 -7.53 -56.16 22.10
C LEU D 212 -6.16 -55.51 22.12
N VAL D 213 -5.84 -54.99 23.29
CA VAL D 213 -4.68 -54.16 23.48
C VAL D 213 -3.41 -54.98 23.60
N ALA D 214 -3.58 -56.23 24.04
CA ALA D 214 -2.48 -57.16 24.17
C ALA D 214 -1.94 -57.55 22.77
N ILE D 215 -2.79 -57.52 21.74
CA ILE D 215 -2.31 -57.81 20.38
C ILE D 215 -1.18 -56.86 19.94
N GLY D 216 -1.19 -55.65 20.48
CA GLY D 216 -0.06 -54.73 20.38
C GLY D 216 -0.13 -53.63 19.33
N ARG D 217 -1.24 -53.50 18.62
CA ARG D 217 -1.36 -52.39 17.69
C ARG D 217 -2.18 -51.20 18.11
N ASN D 218 -2.81 -51.20 19.28
CA ASN D 218 -3.75 -50.10 19.58
C ASN D 218 -3.75 -49.62 20.98
N ASN D 219 -4.23 -48.40 21.18
CA ASN D 219 -4.57 -47.94 22.51
C ASN D 219 -6.07 -47.78 22.53
N VAL D 220 -6.63 -47.90 23.73
CA VAL D 220 -7.99 -47.50 23.91
C VAL D 220 -8.07 -46.41 24.95
N ILE D 221 -8.95 -45.47 24.64
CA ILE D 221 -9.30 -44.38 25.50
C ILE D 221 -10.79 -44.52 25.83
N ILE D 222 -11.08 -44.77 27.09
CA ILE D 222 -12.44 -45.07 27.48
C ILE D 222 -12.94 -43.80 28.04
N GLY D 223 -13.81 -43.10 27.31
CA GLY D 223 -14.42 -41.92 27.92
C GLY D 223 -15.67 -42.30 28.70
N ILE D 224 -15.86 -41.73 29.90
CA ILE D 224 -17.08 -41.97 30.69
C ILE D 224 -17.76 -40.67 31.06
N ASP D 225 -18.94 -40.46 30.50
CA ASP D 225 -19.70 -39.26 30.71
C ASP D 225 -20.64 -39.60 31.87
N VAL D 226 -20.33 -39.04 33.03
CA VAL D 226 -21.01 -39.29 34.30
C VAL D 226 -22.08 -38.29 34.74
N ALA D 227 -22.53 -37.41 33.85
CA ALA D 227 -23.41 -36.29 34.26
C ALA D 227 -24.51 -36.67 35.27
N TYR D 228 -25.09 -37.86 35.07
CA TYR D 228 -26.22 -38.35 35.85
C TYR D 228 -25.86 -39.23 37.03
N LEU D 229 -24.57 -39.32 37.31
CA LEU D 229 -24.08 -40.19 38.39
C LEU D 229 -24.87 -40.04 39.70
N ASP D 230 -25.26 -38.82 40.08
CA ASP D 230 -25.92 -38.60 41.37
C ASP D 230 -27.43 -38.92 41.37
N TYR D 231 -28.01 -38.87 40.17
CA TYR D 231 -29.43 -39.16 39.89
C TYR D 231 -29.73 -40.60 39.39
N SER D 232 -28.78 -41.50 39.46
CA SER D 232 -29.01 -42.85 38.95
C SER D 232 -29.23 -44.06 39.89
N GLY D 233 -29.15 -43.92 41.20
CA GLY D 233 -29.12 -45.15 41.98
C GLY D 233 -28.58 -45.01 43.36
N GLU D 234 -28.38 -46.15 44.02
CA GLU D 234 -27.77 -46.17 45.36
C GLU D 234 -26.29 -45.73 45.29
N LYS D 235 -25.90 -44.77 46.11
CA LYS D 235 -24.61 -44.15 45.90
C LYS D 235 -23.46 -45.16 45.71
N ASP D 236 -23.40 -46.23 46.49
CA ASP D 236 -22.29 -47.16 46.28
C ASP D 236 -22.47 -48.05 45.06
N GLU D 237 -23.70 -48.52 44.80
CA GLU D 237 -23.91 -49.44 43.67
C GLU D 237 -23.51 -48.80 42.32
N VAL D 238 -23.75 -47.50 42.18
CA VAL D 238 -23.48 -46.85 40.92
C VAL D 238 -21.99 -46.56 40.72
N ARG D 239 -21.24 -46.43 41.81
CA ARG D 239 -19.79 -46.13 41.83
C ARG D 239 -18.84 -47.32 41.92
N ALA D 240 -19.39 -48.52 42.20
CA ALA D 240 -18.50 -49.65 42.45
C ALA D 240 -17.66 -49.91 41.21
N PHE D 241 -18.26 -49.77 40.03
CA PHE D 241 -17.55 -50.02 38.76
C PHE D 241 -16.26 -49.18 38.54
N PHE D 242 -16.10 -48.10 39.29
CA PHE D 242 -14.92 -47.27 39.15
C PHE D 242 -13.70 -48.06 39.60
N ASN D 243 -13.88 -49.01 40.51
CA ASN D 243 -12.75 -49.74 41.03
C ASN D 243 -12.10 -50.61 39.97
N LYS D 244 -12.86 -50.86 38.91
CA LYS D 244 -12.47 -51.83 37.90
C LYS D 244 -11.50 -51.18 36.93
N PHE D 245 -11.22 -49.91 37.14
CA PHE D 245 -10.31 -49.23 36.24
C PHE D 245 -8.94 -49.31 36.84
N SER D 246 -8.83 -49.92 38.02
CA SER D 246 -7.53 -50.03 38.66
C SER D 246 -6.50 -50.88 37.88
N HIS D 247 -5.28 -50.37 37.70
CA HIS D 247 -4.18 -51.17 37.15
C HIS D 247 -4.44 -51.86 35.81
N LEU D 248 -5.12 -51.15 34.92
CA LEU D 248 -5.30 -51.62 33.55
C LEU D 248 -3.95 -51.53 32.84
N PRO D 249 -3.78 -52.26 31.72
CA PRO D 249 -2.61 -52.05 30.85
C PRO D 249 -2.48 -50.58 30.44
N LYS D 250 -1.25 -50.10 30.35
CA LYS D 250 -1.05 -48.67 30.10
C LYS D 250 -1.54 -48.26 28.72
N GLU D 251 -1.86 -49.25 27.89
CA GLU D 251 -2.45 -49.01 26.58
C GLU D 251 -3.93 -48.56 26.65
N ILE D 252 -4.51 -48.60 27.85
CA ILE D 252 -5.88 -48.15 28.09
C ILE D 252 -5.88 -46.99 29.08
N LEU D 253 -6.36 -45.86 28.62
CA LEU D 253 -6.40 -44.70 29.44
C LEU D 253 -7.87 -44.48 29.61
N THR D 254 -8.30 -44.18 30.83
CA THR D 254 -9.71 -43.95 31.01
C THR D 254 -9.91 -42.53 31.44
N CYS D 255 -10.97 -41.92 30.91
CA CYS D 255 -11.27 -40.52 31.13
C CYS D 255 -12.70 -40.32 31.58
N VAL D 256 -12.83 -39.92 32.85
CA VAL D 256 -14.13 -39.75 33.47
C VAL D 256 -14.55 -38.32 33.31
N CYS D 257 -15.62 -38.07 32.56
CA CYS D 257 -16.02 -36.70 32.32
C CYS D 257 -17.18 -36.34 33.25
N TYR D 258 -16.87 -35.52 34.25
CA TYR D 258 -17.71 -35.29 35.39
C TYR D 258 -18.28 -33.87 35.26
N SER D 259 -19.47 -33.63 35.79
CA SER D 259 -20.10 -32.31 35.65
C SER D 259 -20.80 -31.84 36.91
N LEU D 260 -20.84 -30.52 37.08
CA LEU D 260 -21.54 -29.93 38.21
C LEU D 260 -22.93 -29.48 37.86
N SER D 261 -23.30 -29.63 36.60
CA SER D 261 -24.53 -29.06 36.13
C SER D 261 -25.67 -29.73 36.87
N LYS D 262 -25.73 -31.04 36.74
CA LYS D 262 -26.81 -31.80 37.29
C LYS D 262 -26.60 -32.00 38.80
N GLY D 263 -25.54 -32.69 39.20
CA GLY D 263 -25.29 -32.92 40.61
C GLY D 263 -25.40 -31.70 41.54
N PHE D 264 -24.85 -30.55 41.16
CA PHE D 264 -24.98 -29.29 41.93
C PHE D 264 -26.02 -28.25 41.50
N THR D 265 -26.82 -28.61 40.52
CA THR D 265 -27.93 -27.81 40.04
C THR D 265 -27.50 -26.47 39.50
N MSE D 266 -26.26 -26.33 39.10
CA MSE D 266 -25.97 -25.17 38.27
C MSE D 266 -25.52 -25.58 36.88
O MSE D 266 -24.36 -25.92 36.67
CB MSE D 266 -24.90 -24.29 38.94
CG MSE D 266 -23.88 -25.04 39.74
SE MSE D 266 -23.03 -23.77 40.94
CE MSE D 266 -21.97 -25.07 41.87
N TYR D 267 -26.43 -25.42 35.94
CA TYR D 267 -26.18 -25.75 34.55
C TYR D 267 -25.44 -24.65 33.82
N GLY D 268 -25.91 -23.43 33.92
CA GLY D 268 -25.29 -22.31 33.23
C GLY D 268 -24.09 -21.65 33.91
N GLN D 269 -23.50 -22.32 34.90
CA GLN D 269 -22.16 -21.96 35.38
C GLN D 269 -21.11 -22.56 34.43
N ARG D 270 -21.49 -23.65 33.75
CA ARG D 270 -20.61 -24.31 32.79
C ARG D 270 -19.32 -24.90 33.37
N VAL D 271 -19.46 -25.88 34.28
CA VAL D 271 -18.33 -26.35 35.04
C VAL D 271 -18.30 -27.86 35.24
N GLY D 272 -17.12 -28.42 35.00
CA GLY D 272 -16.89 -29.84 35.19
C GLY D 272 -15.44 -30.20 35.40
N ALA D 273 -15.16 -31.48 35.41
CA ALA D 273 -13.79 -31.89 35.47
C ALA D 273 -13.60 -33.18 34.66
N MSE D 274 -12.62 -33.21 33.76
CA MSE D 274 -12.22 -34.45 33.09
C MSE D 274 -11.09 -35.15 33.87
O MSE D 274 -10.09 -34.54 34.20
CB MSE D 274 -11.84 -34.23 31.61
CG MSE D 274 -10.48 -33.68 31.34
SE MSE D 274 -10.30 -32.75 29.57
CE MSE D 274 -10.33 -34.34 28.50
N ILE D 275 -11.26 -36.42 34.19
CA ILE D 275 -10.43 -37.06 35.18
C ILE D 275 -9.73 -38.21 34.50
N GLY D 276 -8.41 -38.11 34.33
CA GLY D 276 -7.63 -39.17 33.69
C GLY D 276 -7.12 -40.25 34.62
N ILE D 277 -7.15 -41.50 34.18
CA ILE D 277 -6.68 -42.57 35.06
C ILE D 277 -5.73 -43.44 34.28
N SER D 278 -4.53 -43.64 34.83
CA SER D 278 -3.55 -44.55 34.21
C SER D 278 -2.68 -45.27 35.22
N ASP D 279 -2.27 -46.48 34.85
CA ASP D 279 -1.31 -47.26 35.58
C ASP D 279 0.07 -46.62 35.48
N ASP D 280 0.21 -45.78 34.46
CA ASP D 280 1.49 -45.17 34.12
C ASP D 280 1.54 -43.66 34.45
N GLU D 281 2.44 -43.26 35.35
CA GLU D 281 2.50 -41.85 35.76
C GLU D 281 2.66 -40.83 34.63
N GLU D 282 3.54 -41.13 33.71
CA GLU D 282 3.80 -40.23 32.58
C GLU D 282 2.64 -40.08 31.60
N ILE D 283 1.89 -41.15 31.35
CA ILE D 283 0.65 -41.07 30.55
C ILE D 283 -0.43 -40.19 31.22
N ALA D 284 -0.55 -40.33 32.55
CA ALA D 284 -1.44 -39.53 33.37
C ALA D 284 -0.99 -38.07 33.28
N ASP D 285 0.32 -37.85 33.42
CA ASP D 285 0.86 -36.49 33.33
C ASP D 285 0.68 -35.88 31.93
N GLU D 286 0.72 -36.72 30.90
CA GLU D 286 0.48 -36.19 29.55
C GLU D 286 -0.99 -35.78 29.43
N PHE D 287 -1.86 -36.59 30.04
CA PHE D 287 -3.28 -36.23 30.07
C PHE D 287 -3.42 -34.81 30.67
N PHE D 288 -2.84 -34.59 31.85
CA PHE D 288 -2.84 -33.26 32.47
C PHE D 288 -2.39 -32.11 31.53
N GLU D 289 -1.26 -32.28 30.84
CA GLU D 289 -0.60 -31.18 30.12
C GLU D 289 -1.28 -30.84 28.81
N VAL D 290 -1.64 -31.88 28.07
CA VAL D 290 -2.21 -31.69 26.77
C VAL D 290 -3.68 -31.16 26.89
N ASN D 291 -4.39 -31.54 27.94
CA ASN D 291 -5.69 -30.94 28.20
C ASN D 291 -5.59 -29.51 28.79
N LYS D 292 -4.59 -29.31 29.66
CA LYS D 292 -4.27 -27.97 30.14
C LYS D 292 -4.01 -27.01 28.94
N SER D 293 -3.15 -27.44 28.04
CA SER D 293 -2.88 -26.66 26.82
C SER D 293 -4.17 -26.32 26.06
N THR D 294 -4.99 -27.34 25.80
CA THR D 294 -6.18 -27.10 25.01
C THR D 294 -7.14 -26.16 25.75
N SER D 295 -7.16 -26.23 27.08
CA SER D 295 -7.96 -25.31 27.90
C SER D 295 -7.52 -23.85 27.65
N ARG D 296 -6.21 -23.63 27.75
CA ARG D 296 -5.65 -22.31 27.45
C ARG D 296 -6.08 -21.86 26.06
N ALA D 297 -6.21 -22.82 25.16
CA ALA D 297 -6.42 -22.52 23.76
C ALA D 297 -7.90 -22.33 23.45
N THR D 298 -8.77 -22.47 24.43
CA THR D 298 -10.21 -22.40 24.14
C THR D 298 -10.97 -21.41 25.03
N TRP D 299 -11.17 -21.74 26.31
CA TRP D 299 -11.81 -20.82 27.27
C TRP D 299 -10.86 -20.09 28.19
N SER D 300 -9.67 -20.65 28.25
CA SER D 300 -8.51 -20.24 29.00
C SER D 300 -8.60 -20.42 30.51
N ASN D 301 -9.80 -20.27 31.09
CA ASN D 301 -10.09 -20.73 32.45
C ASN D 301 -11.56 -20.83 32.72
N ILE D 302 -11.90 -21.54 33.77
CA ILE D 302 -13.25 -21.99 33.98
C ILE D 302 -13.77 -21.14 35.11
N CYS D 303 -15.08 -21.01 35.18
CA CYS D 303 -15.71 -20.08 36.08
C CYS D 303 -15.35 -20.25 37.56
N ARG D 304 -14.83 -19.19 38.16
CA ARG D 304 -14.23 -19.27 39.49
C ARG D 304 -15.22 -19.58 40.62
N PRO D 305 -16.30 -18.81 40.71
CA PRO D 305 -17.24 -19.01 41.83
C PRO D 305 -17.87 -20.44 41.91
N ALA D 306 -18.30 -20.97 40.78
CA ALA D 306 -18.91 -22.29 40.76
C ALA D 306 -17.92 -23.38 41.21
N MSE D 307 -16.62 -23.17 40.95
CA MSE D 307 -15.63 -24.16 41.38
C MSE D 307 -15.41 -24.00 42.86
O MSE D 307 -15.33 -24.96 43.61
CB MSE D 307 -14.31 -24.02 40.62
CG MSE D 307 -14.36 -24.17 39.10
SE MSE D 307 -12.56 -24.68 38.34
CE MSE D 307 -12.01 -22.92 37.65
N ARG D 308 -15.32 -22.76 43.30
CA ARG D 308 -15.04 -22.54 44.69
C ARG D 308 -16.24 -23.04 45.50
N THR D 309 -17.44 -22.78 44.98
CA THR D 309 -18.63 -23.19 45.68
C THR D 309 -18.64 -24.70 45.92
N MSE D 310 -18.40 -25.47 44.89
CA MSE D 310 -18.47 -26.91 45.06
C MSE D 310 -17.31 -27.33 45.93
O MSE D 310 -17.45 -28.21 46.77
CB MSE D 310 -18.44 -27.64 43.72
CG MSE D 310 -17.10 -28.20 43.40
SE MSE D 310 -17.07 -30.13 43.49
CE MSE D 310 -16.54 -30.30 45.31
N ALA D 311 -16.17 -26.69 45.75
CA ALA D 311 -15.02 -26.97 46.62
C ALA D 311 -15.40 -26.80 48.11
N ASN D 312 -16.17 -25.76 48.42
CA ASN D 312 -16.46 -25.42 49.82
C ASN D 312 -17.33 -26.47 50.45
N ILE D 313 -18.36 -26.86 49.72
CA ILE D 313 -19.31 -27.82 50.21
C ILE D 313 -18.69 -29.15 50.56
N VAL D 314 -18.11 -29.82 49.56
CA VAL D 314 -17.48 -31.13 49.74
C VAL D 314 -16.46 -31.05 50.85
N ALA D 315 -15.97 -29.85 51.08
CA ALA D 315 -14.92 -29.64 52.06
C ALA D 315 -15.50 -29.64 53.45
N ASP D 316 -16.77 -29.22 53.55
CA ASP D 316 -17.38 -29.00 54.85
C ASP D 316 -18.31 -30.17 55.19
N PRO D 317 -17.87 -31.02 56.14
CA PRO D 317 -18.57 -32.28 56.42
C PRO D 317 -20.06 -32.11 56.70
N ALA D 318 -20.43 -31.16 57.56
CA ALA D 318 -21.85 -30.93 57.83
C ALA D 318 -22.51 -30.30 56.62
N LYS D 319 -21.84 -29.32 56.01
CA LYS D 319 -22.39 -28.65 54.83
C LYS D 319 -22.63 -29.65 53.73
N PHE D 320 -21.73 -30.62 53.62
CA PHE D 320 -21.83 -31.69 52.63
C PHE D 320 -23.09 -32.54 52.81
N LYS D 321 -23.41 -32.89 54.06
CA LYS D 321 -24.51 -33.81 54.37
C LYS D 321 -25.89 -33.24 54.07
N GLU D 322 -26.01 -31.93 54.28
CA GLU D 322 -27.24 -31.21 54.03
C GLU D 322 -27.51 -31.05 52.53
N TYR D 323 -26.44 -30.89 51.75
CA TYR D 323 -26.53 -30.64 50.32
C TYR D 323 -27.09 -31.87 49.68
N GLU D 324 -26.44 -32.99 50.02
CA GLU D 324 -26.88 -34.33 49.66
C GLU D 324 -28.38 -34.51 49.91
N ALA D 325 -28.79 -34.40 51.18
CA ALA D 325 -30.18 -34.62 51.54
C ALA D 325 -31.10 -33.71 50.72
N GLU D 326 -30.63 -32.50 50.45
CA GLU D 326 -31.34 -31.60 49.56
C GLU D 326 -31.56 -32.24 48.19
N ARG D 327 -30.45 -32.64 47.55
CA ARG D 327 -30.46 -33.14 46.17
C ARG D 327 -31.23 -34.46 46.09
N ASN D 328 -31.01 -35.29 47.10
CA ASN D 328 -31.78 -36.50 47.28
C ASN D 328 -33.29 -36.31 47.37
N CYS D 329 -33.77 -35.28 48.04
CA CYS D 329 -35.22 -35.08 48.07
C CYS D 329 -35.72 -34.83 46.63
N TYR D 330 -34.96 -34.08 45.83
CA TYR D 330 -35.36 -33.87 44.44
C TYR D 330 -35.16 -35.15 43.59
N TYR D 331 -34.18 -35.96 43.96
N TYR D 331 -34.18 -35.96 43.96
CA TYR D 331 -33.98 -37.24 43.30
CA TYR D 331 -34.02 -37.22 43.28
C TYR D 331 -35.12 -38.18 43.71
C TYR D 331 -35.18 -38.14 43.70
N GLN D 332 -35.48 -38.16 44.99
CA GLN D 332 -36.64 -38.91 45.48
C GLN D 332 -37.83 -38.54 44.62
N LEU D 333 -38.10 -37.24 44.53
CA LEU D 333 -39.18 -36.71 43.74
C LEU D 333 -39.08 -37.12 42.30
N ILE D 334 -37.87 -37.10 41.74
CA ILE D 334 -37.74 -37.40 40.33
C ILE D 334 -38.01 -38.91 40.05
N ARG D 335 -37.30 -39.77 40.78
CA ARG D 335 -37.50 -41.21 40.70
C ARG D 335 -38.93 -41.67 41.04
N ASP D 336 -39.68 -40.85 41.78
CA ASP D 336 -41.11 -41.08 42.01
C ASP D 336 -41.88 -40.93 40.71
N ARG D 337 -41.53 -39.88 39.96
CA ARG D 337 -42.22 -39.51 38.73
C ARG D 337 -41.93 -40.49 37.60
N ALA D 338 -40.80 -41.17 37.70
CA ALA D 338 -40.40 -42.21 36.74
C ALA D 338 -41.16 -43.49 37.05
N ASP D 339 -41.51 -43.66 38.33
CA ASP D 339 -42.31 -44.79 38.82
C ASP D 339 -43.82 -44.67 38.54
N ILE D 340 -44.36 -43.46 38.62
CA ILE D 340 -45.77 -43.22 38.29
C ILE D 340 -45.99 -43.31 36.77
N PHE D 341 -44.95 -42.98 36.01
CA PHE D 341 -44.97 -43.17 34.55
C PHE D 341 -44.68 -44.62 34.10
N LYS D 342 -43.91 -45.37 34.89
CA LYS D 342 -43.47 -46.72 34.49
C LYS D 342 -44.58 -47.75 34.60
N GLN D 343 -45.46 -47.55 35.58
CA GLN D 343 -46.68 -48.34 35.70
C GLN D 343 -47.67 -47.98 34.60
N GLU D 344 -47.96 -46.69 34.50
CA GLU D 344 -48.99 -46.24 33.57
C GLU D 344 -48.45 -46.20 32.12
N ALA D 345 -47.15 -46.46 32.00
CA ALA D 345 -46.54 -46.82 30.70
C ALA D 345 -46.85 -48.25 30.26
N ALA D 346 -46.53 -49.22 31.11
CA ALA D 346 -46.70 -50.63 30.77
C ALA D 346 -48.19 -50.99 30.64
N GLN D 347 -49.03 -50.33 31.43
CA GLN D 347 -50.46 -50.69 31.48
C GLN D 347 -51.26 -50.32 30.23
N VAL D 348 -51.10 -49.08 29.78
CA VAL D 348 -51.73 -48.66 28.54
C VAL D 348 -51.04 -49.40 27.39
N GLY D 349 -49.80 -49.84 27.62
CA GLY D 349 -49.08 -50.66 26.64
C GLY D 349 -48.12 -49.95 25.70
N LEU D 350 -47.69 -48.72 26.08
CA LEU D 350 -46.74 -47.92 25.30
C LEU D 350 -45.32 -48.24 25.70
N PRO D 351 -44.45 -48.44 24.72
CA PRO D 351 -43.08 -48.91 24.97
C PRO D 351 -42.26 -47.86 25.72
N MSE D 352 -41.25 -48.31 26.47
CA MSE D 352 -40.16 -47.41 26.94
C MSE D 352 -38.84 -48.13 27.22
O MSE D 352 -38.80 -49.29 27.61
CB MSE D 352 -40.60 -46.66 28.19
CG MSE D 352 -40.11 -47.29 29.50
SE MSE D 352 -41.23 -46.71 30.99
CE MSE D 352 -42.39 -45.47 30.01
N LEU D 353 -37.73 -47.43 27.07
CA LEU D 353 -36.43 -48.10 27.27
C LEU D 353 -36.00 -48.21 28.76
N PRO D 354 -34.97 -49.06 29.05
CA PRO D 354 -34.67 -49.57 30.40
C PRO D 354 -34.16 -48.60 31.47
N TYR D 355 -35.01 -47.77 32.08
CA TYR D 355 -34.49 -46.69 32.91
C TYR D 355 -34.26 -47.15 34.35
N ARG D 356 -33.00 -47.20 34.78
CA ARG D 356 -32.70 -47.33 36.22
C ARG D 356 -32.31 -46.04 36.93
N GLY D 357 -32.14 -44.95 36.17
CA GLY D 357 -31.58 -43.70 36.70
C GLY D 357 -31.44 -42.55 35.70
N GLY D 358 -31.12 -41.34 36.19
CA GLY D 358 -31.16 -40.14 35.36
C GLY D 358 -32.50 -39.38 35.28
N PHE D 359 -32.51 -38.33 34.45
CA PHE D 359 -33.65 -37.44 34.31
C PHE D 359 -34.64 -37.81 33.20
N PHE D 360 -34.44 -38.94 32.53
CA PHE D 360 -35.16 -39.15 31.28
C PHE D 360 -35.81 -40.52 31.11
N ILE D 361 -36.94 -40.51 30.41
CA ILE D 361 -37.56 -41.72 29.88
C ILE D 361 -37.83 -41.51 28.36
N THR D 362 -37.59 -42.54 27.54
CA THR D 362 -37.78 -42.45 26.08
C THR D 362 -38.87 -43.34 25.51
N ILE D 363 -39.49 -42.89 24.42
CA ILE D 363 -40.47 -43.71 23.67
C ILE D 363 -40.04 -43.99 22.21
N PRO D 364 -39.72 -45.24 21.86
CA PRO D 364 -39.22 -45.55 20.49
C PRO D 364 -40.20 -45.28 19.34
N THR D 365 -39.78 -44.51 18.34
CA THR D 365 -40.53 -44.45 17.07
C THR D 365 -39.62 -44.02 15.91
N ASP D 366 -39.85 -44.52 14.69
CA ASP D 366 -39.02 -44.09 13.55
C ASP D 366 -39.41 -42.71 12.98
N SER D 367 -40.64 -42.26 13.21
CA SER D 367 -40.89 -40.86 12.97
C SER D 367 -41.16 -40.22 14.34
N ALA D 368 -40.14 -39.55 14.87
CA ALA D 368 -40.27 -38.78 16.11
C ALA D 368 -40.79 -37.38 15.84
N ASN D 369 -40.23 -36.80 14.79
CA ASN D 369 -40.51 -35.43 14.40
C ASN D 369 -42.01 -35.21 14.29
N ALA D 370 -42.64 -35.90 13.35
CA ALA D 370 -44.03 -35.65 13.00
C ALA D 370 -44.95 -35.74 14.21
N ILE D 371 -44.72 -36.71 15.11
CA ILE D 371 -45.57 -36.85 16.28
C ILE D 371 -45.30 -35.78 17.29
N CYS D 372 -44.06 -35.32 17.33
CA CYS D 372 -43.69 -34.25 18.24
C CYS D 372 -44.33 -32.91 17.85
N GLU D 373 -44.13 -32.48 16.61
CA GLU D 373 -44.68 -31.19 16.16
C GLU D 373 -46.16 -31.07 16.52
N GLU D 374 -46.89 -32.17 16.39
CA GLU D 374 -48.32 -32.18 16.68
C GLU D 374 -48.59 -32.07 18.18
N LEU D 375 -47.64 -32.50 18.99
CA LEU D 375 -47.79 -32.49 20.43
C LEU D 375 -47.78 -31.09 21.07
N LYS D 376 -47.26 -30.09 20.34
CA LYS D 376 -47.24 -28.71 20.82
C LYS D 376 -48.65 -28.13 20.79
N LYS D 377 -49.37 -28.45 19.71
CA LYS D 377 -50.79 -28.13 19.59
C LYS D 377 -51.48 -28.69 20.80
N GLU D 378 -51.00 -29.85 21.21
CA GLU D 378 -51.55 -30.59 22.33
C GLU D 378 -51.26 -29.87 23.65
N HIS D 379 -50.46 -28.81 23.57
CA HIS D 379 -49.93 -28.07 24.72
C HIS D 379 -48.68 -28.68 25.39
N ILE D 380 -48.22 -29.83 24.88
CA ILE D 380 -47.06 -30.51 25.48
C ILE D 380 -45.82 -30.53 24.59
N TYR D 381 -44.67 -30.16 25.16
CA TYR D 381 -43.43 -29.99 24.40
C TYR D 381 -42.33 -31.03 24.72
N VAL D 382 -42.04 -31.92 23.79
CA VAL D 382 -41.05 -32.97 24.03
C VAL D 382 -40.03 -33.11 22.93
N ILE D 383 -38.95 -33.80 23.26
CA ILE D 383 -37.77 -33.78 22.41
C ILE D 383 -37.83 -34.90 21.41
N ALA D 384 -37.63 -34.52 20.14
CA ALA D 384 -37.65 -35.43 19.02
C ALA D 384 -36.24 -35.81 18.62
N LEU D 385 -36.01 -37.11 18.56
CA LEU D 385 -34.76 -37.74 18.19
C LEU D 385 -34.97 -38.67 16.98
N ALA D 386 -33.90 -39.02 16.27
CA ALA D 386 -34.04 -39.99 15.18
C ALA D 386 -34.41 -41.37 15.73
N ASN D 387 -34.14 -41.58 17.01
CA ASN D 387 -34.48 -42.82 17.68
C ASN D 387 -35.84 -42.86 18.41
N GLY D 388 -36.51 -41.72 18.56
CA GLY D 388 -37.72 -41.73 19.36
C GLY D 388 -37.96 -40.43 20.09
N ILE D 389 -38.84 -40.48 21.08
CA ILE D 389 -39.22 -39.28 21.80
C ILE D 389 -38.72 -39.29 23.23
N ARG D 390 -37.99 -38.22 23.59
CA ARG D 390 -37.44 -38.03 24.93
C ARG D 390 -38.28 -37.03 25.68
N ILE D 391 -38.66 -37.39 26.89
CA ILE D 391 -39.52 -36.57 27.70
C ILE D 391 -38.79 -36.36 29.00
N ALA D 392 -38.74 -35.12 29.49
CA ALA D 392 -37.97 -34.87 30.69
C ALA D 392 -38.84 -34.99 31.93
N ALA D 393 -38.59 -36.05 32.70
CA ALA D 393 -39.26 -36.29 33.97
C ALA D 393 -38.84 -35.25 35.01
N CYS D 394 -37.63 -34.71 34.84
CA CYS D 394 -37.12 -33.68 35.74
C CYS D 394 -37.90 -32.37 35.58
N GLY D 395 -38.55 -32.16 34.44
CA GLY D 395 -39.25 -30.91 34.22
C GLY D 395 -40.71 -30.82 34.71
N ILE D 396 -41.36 -31.95 35.03
CA ILE D 396 -42.84 -31.92 35.21
C ILE D 396 -43.52 -32.77 36.32
N LEU D 404 -48.72 -39.57 32.42
CA LEU D 404 -49.22 -38.89 31.24
C LEU D 404 -49.05 -39.76 30.00
N ALA D 405 -48.59 -40.99 30.22
CA ALA D 405 -48.41 -41.97 29.15
C ALA D 405 -49.65 -42.08 28.27
N GLU D 406 -50.82 -42.00 28.89
CA GLU D 406 -52.10 -42.12 28.17
C GLU D 406 -52.37 -40.96 27.20
N LYS D 407 -51.93 -39.75 27.53
CA LYS D 407 -52.05 -38.61 26.60
C LYS D 407 -51.13 -38.77 25.39
N ILE D 408 -49.94 -39.32 25.61
CA ILE D 408 -48.96 -39.53 24.54
C ILE D 408 -49.53 -40.51 23.52
N TYR D 409 -50.01 -41.64 24.04
CA TYR D 409 -50.61 -42.70 23.25
C TYR D 409 -51.61 -42.19 22.23
N ASN D 410 -52.74 -41.69 22.71
CA ASN D 410 -53.85 -41.29 21.84
C ASN D 410 -53.38 -40.29 20.78
N ALA D 411 -52.22 -39.69 21.02
CA ALA D 411 -51.63 -38.82 20.03
C ALA D 411 -51.03 -39.64 18.87
N MSE D 412 -50.31 -40.70 19.21
CA MSE D 412 -49.49 -41.39 18.22
C MSE D 412 -50.27 -41.96 17.02
O MSE D 412 -50.01 -41.54 15.89
CB MSE D 412 -48.60 -42.47 18.88
CG MSE D 412 -47.49 -41.90 19.75
SE MSE D 412 -46.09 -43.10 20.43
CE MSE D 412 -45.39 -43.90 18.74
N LYS D 413 -51.23 -42.85 17.25
CA LYS D 413 -51.98 -43.49 16.17
C LYS D 413 -52.46 -42.44 15.16
N SER D 414 -53.32 -41.56 15.66
CA SER D 414 -53.90 -40.47 14.90
C SER D 414 -53.05 -40.02 13.73
C1 GOL E . 15.07 0.85 -41.09
O1 GOL E . 14.37 1.51 -42.12
C2 GOL E . 16.59 0.91 -41.27
O2 GOL E . 16.97 1.54 -42.49
C3 GOL E . 17.18 -0.49 -41.13
O3 GOL E . 18.49 -0.54 -41.65
O1 OAA F . 2.11 17.58 -20.51
O2 OAA F . 0.63 17.04 -22.04
O4 OAA F . 3.21 15.55 -18.51
O5 OAA F . 1.89 13.87 -18.73
O3 OAA F . 0.26 16.19 -17.38
C1 OAA F . 1.01 17.05 -20.81
C2 OAA F . 0.14 16.45 -19.73
C3 OAA F . 0.78 15.95 -18.48
C4 OAA F . 2.02 15.10 -18.58
C1 GOL G . -3.46 16.04 -30.33
O1 GOL G . -3.99 14.99 -29.56
C2 GOL G . -3.77 17.38 -29.66
O2 GOL G . -4.12 18.34 -30.65
C3 GOL G . -2.58 17.85 -28.80
O3 GOL G . -1.94 16.79 -28.09
C1 GOL H . 0.01 25.00 -8.51
O1 GOL H . 0.43 26.20 -7.87
C2 GOL H . 0.66 24.85 -9.88
O2 GOL H . 0.33 23.59 -10.45
C3 GOL H . 0.09 25.93 -10.79
O3 GOL H . 1.10 26.82 -11.23
O1 OAA I . -6.83 -11.54 30.26
O2 OAA I . -5.23 -10.02 30.23
O4 OAA I . -5.14 -14.36 31.12
O5 OAA I . -2.97 -14.42 30.60
O3 OAA I . -2.80 -11.81 31.42
C1 OAA I . -5.77 -11.05 30.75
C2 OAA I . -5.08 -11.66 31.92
C3 OAA I . -3.86 -12.39 31.49
C4 OAA I . -4.00 -13.82 31.06
C1 GOL J . -27.73 -30.15 26.79
O1 GOL J . -27.82 -30.44 25.40
C2 GOL J . -28.90 -30.80 27.53
O2 GOL J . -29.68 -31.64 26.69
C3 GOL J . -28.38 -31.63 28.71
O3 GOL J . -29.47 -31.86 29.57
C1 GOL K . 17.00 46.20 -56.17
O1 GOL K . 16.75 45.27 -57.21
C2 GOL K . 18.47 46.63 -56.10
O2 GOL K . 19.09 46.14 -54.92
C3 GOL K . 18.60 48.15 -56.20
O3 GOL K . 18.48 48.78 -54.93
CL CL L . 15.38 12.70 -44.92
C1 AKG M . -0.54 26.53 -18.07
O1 AKG M . 0.21 26.52 -19.09
O2 AKG M . -1.80 26.57 -18.19
C2 AKG M . 0.14 26.52 -16.72
O5 AKG M . 0.65 27.57 -16.31
C3 AKG M . 0.22 25.26 -15.92
C4 AKG M . 1.07 25.27 -14.69
C5 AKG M . 1.05 24.23 -13.59
O3 AKG M . 2.09 23.56 -13.36
O4 AKG M . 0.04 23.99 -12.88
C1 GOL N . 12.72 18.78 -40.20
O1 GOL N . 11.87 18.72 -41.33
C2 GOL N . 13.31 20.17 -40.01
O2 GOL N . 14.17 20.60 -41.06
C3 GOL N . 13.83 20.44 -38.58
O3 GOL N . 14.78 21.49 -38.55
O1 OAA O . 28.19 26.50 -30.84
O2 OAA O . 27.32 27.21 -28.97
O4 OAA O . 26.77 30.10 -28.69
O5 OAA O . 27.65 30.89 -30.52
O3 OAA O . 29.88 30.07 -28.37
C1 OAA O . 28.23 27.27 -29.84
C2 OAA O . 29.37 28.25 -29.75
C3 OAA O . 29.07 29.56 -29.13
C4 OAA O . 27.76 30.23 -29.46
C1 GOL P . 21.34 30.21 -28.74
O1 GOL P . 20.78 30.46 -27.48
C2 GOL P . 21.71 28.74 -28.86
O2 GOL P . 20.56 27.91 -28.88
C3 GOL P . 22.74 28.32 -27.79
O3 GOL P . 23.46 27.13 -28.11
C1 GOL Q . -6.93 -11.99 42.08
O1 GOL Q . -6.53 -10.65 41.89
C2 GOL Q . -6.40 -12.55 43.40
O2 GOL Q . -7.20 -13.63 43.86
C3 GOL Q . -6.34 -11.50 44.49
O3 GOL Q . -6.25 -12.18 45.72
C1 GOL R . -0.67 -42.19 18.29
O1 GOL R . -1.31 -42.62 19.48
C2 GOL R . -1.63 -42.42 17.14
O2 GOL R . -2.79 -41.67 17.39
C3 GOL R . -0.98 -42.00 15.83
O3 GOL R . -1.91 -42.02 14.76
C1 GOL S . -24.68 -29.03 29.21
C1 GOL S . -24.88 -29.41 29.03
O1 GOL S . -24.74 -28.57 27.88
O1 GOL S . -24.97 -28.10 28.50
C2 GOL S . -23.39 -29.81 29.48
C2 GOL S . -23.48 -29.62 29.60
O2 GOL S . -22.38 -29.46 28.56
O2 GOL S . -22.99 -30.88 29.20
C3 GOL S . -22.89 -29.51 30.89
C3 GOL S . -23.58 -29.61 31.13
O3 GOL S . -22.13 -30.60 31.37
O3 GOL S . -22.33 -29.26 31.67
#